data_6PJA
# 
_entry.id   6PJA 
# 
_audit_conform.dict_name       mmcif_pdbx.dic 
_audit_conform.dict_version    5.387 
_audit_conform.dict_location   http://mmcif.pdb.org/dictionaries/ascii/mmcif_pdbx.dic 
# 
loop_
_database_2.database_id 
_database_2.database_code 
_database_2.pdbx_database_accession 
_database_2.pdbx_DOI 
PDB   6PJA         pdb_00006pja 10.2210/pdb6pja/pdb 
WWPDB D_1000242650 ?            ?                   
# 
loop_
_pdbx_audit_revision_history.ordinal 
_pdbx_audit_revision_history.data_content_type 
_pdbx_audit_revision_history.major_revision 
_pdbx_audit_revision_history.minor_revision 
_pdbx_audit_revision_history.revision_date 
1 'Structure model' 1 0 2019-10-02 
2 'Structure model' 1 1 2019-10-16 
3 'Structure model' 1 2 2019-11-27 
4 'Structure model' 1 3 2019-12-18 
5 'Structure model' 1 4 2024-03-13 
# 
_pdbx_audit_revision_details.ordinal             1 
_pdbx_audit_revision_details.revision_ordinal    1 
_pdbx_audit_revision_details.data_content_type   'Structure model' 
_pdbx_audit_revision_details.provider            repository 
_pdbx_audit_revision_details.type                'Initial release' 
_pdbx_audit_revision_details.description         ? 
_pdbx_audit_revision_details.details             ? 
# 
loop_
_pdbx_audit_revision_group.ordinal 
_pdbx_audit_revision_group.revision_ordinal 
_pdbx_audit_revision_group.data_content_type 
_pdbx_audit_revision_group.group 
1 2 'Structure model' 'Data collection'            
2 2 'Structure model' 'Database references'        
3 3 'Structure model' 'Database references'        
4 4 'Structure model' 'Author supporting evidence' 
5 5 'Structure model' 'Data collection'            
6 5 'Structure model' 'Database references'        
# 
loop_
_pdbx_audit_revision_category.ordinal 
_pdbx_audit_revision_category.revision_ordinal 
_pdbx_audit_revision_category.data_content_type 
_pdbx_audit_revision_category.category 
1 2 'Structure model' citation           
2 3 'Structure model' citation           
3 4 'Structure model' pdbx_audit_support 
4 5 'Structure model' chem_comp_atom     
5 5 'Structure model' chem_comp_bond     
6 5 'Structure model' database_2         
# 
loop_
_pdbx_audit_revision_item.ordinal 
_pdbx_audit_revision_item.revision_ordinal 
_pdbx_audit_revision_item.data_content_type 
_pdbx_audit_revision_item.item 
1 2 'Structure model' '_citation.pdbx_database_id_PubMed'        
2 2 'Structure model' '_citation.title'                          
3 3 'Structure model' '_citation.journal_volume'                 
4 3 'Structure model' '_citation.page_first'                     
5 3 'Structure model' '_citation.page_last'                      
6 4 'Structure model' '_pdbx_audit_support.funding_organization' 
7 5 'Structure model' '_database_2.pdbx_DOI'                     
8 5 'Structure model' '_database_2.pdbx_database_accession'      
# 
_pdbx_database_status.status_code                     REL 
_pdbx_database_status.status_code_sf                  REL 
_pdbx_database_status.status_code_mr                  ? 
_pdbx_database_status.entry_id                        6PJA 
_pdbx_database_status.recvd_initial_deposition_date   2019-06-28 
_pdbx_database_status.SG_entry                        N 
_pdbx_database_status.deposit_site                    RCSB 
_pdbx_database_status.process_site                    RCSB 
_pdbx_database_status.status_code_cs                  ? 
_pdbx_database_status.methods_development_category    ? 
_pdbx_database_status.pdb_format_compatible           Y 
_pdbx_database_status.status_code_nmr_data            ? 
# 
loop_
_audit_author.name 
_audit_author.pdbx_ordinal 
_audit_author.identifier_ORCID 
'Urban, S.' 1 0000-0002-1118-1973 
'Cho, S.'   2 0000-0002-4875-2565 
# 
_citation.abstract                  ? 
_citation.abstract_id_CAS           ? 
_citation.book_id_ISBN              ? 
_citation.book_publisher            ? 
_citation.book_publisher_city       ? 
_citation.book_title                ? 
_citation.coordinate_linkage        ? 
_citation.country                   US 
_citation.database_id_Medline       ? 
_citation.details                   ? 
_citation.id                        primary 
_citation.journal_abbrev            Nat.Struct.Mol.Biol. 
_citation.journal_id_ASTM           ? 
_citation.journal_id_CSD            ? 
_citation.journal_id_ISSN           1545-9985 
_citation.journal_full              ? 
_citation.journal_issue             ? 
_citation.journal_volume            26 
_citation.language                  ? 
_citation.page_first                910 
_citation.page_last                 918 
_citation.title                     
'Ten catalytic snapshots of rhomboid intramembrane proteolysis from gate opening to peptide release.' 
_citation.year                      2019 
_citation.database_id_CSD           ? 
_citation.pdbx_database_id_DOI      10.1038/s41594-019-0296-9 
_citation.pdbx_database_id_PubMed   31570873 
_citation.unpublished_flag          ? 
# 
loop_
_citation_author.citation_id 
_citation_author.name 
_citation_author.ordinal 
_citation_author.identifier_ORCID 
primary 'Cho, S.'     1 ? 
primary 'Baker, R.P.' 2 ? 
primary 'Ji, M.'      3 ? 
primary 'Urban, S.'   4 ? 
# 
loop_
_entity.id 
_entity.type 
_entity.src_method 
_entity.pdbx_description 
_entity.formula_weight 
_entity.pdbx_number_of_molecules 
_entity.pdbx_ec 
_entity.pdbx_mutation 
_entity.pdbx_fragment 
_entity.details 
1 polymer man 'Rhomboid protease GlpG'     23800.133 1  3.4.21.105 ? ? ? 
2 polymer syn 'Peptide aldehyde inhibitor' 547.691   1  ?          ? ? ? 
3 water   nat water                        18.015    10 ?          ? ? ? 
# 
_entity_name_com.entity_id   1 
_entity_name_com.name        'Intramembrane serine protease' 
# 
loop_
_entity_poly.entity_id 
_entity_poly.type 
_entity_poly.nstd_linkage 
_entity_poly.nstd_monomer 
_entity_poly.pdbx_seq_one_letter_code 
_entity_poly.pdbx_seq_one_letter_code_can 
_entity_poly.pdbx_strand_id 
_entity_poly.pdbx_target_identifier 
1 'polypeptide(L)' no no 
;MGSSHHHHHHSSGLVPRGSHMAALRERAGPVTWVMMIACVVVFIAMQILGDQEVMLWLAWPFDPTLKFEFWRYFTHALMH
FSLMHILFNLLWWWYLGGAVEKRLGSGKLIVITLISALLSGYVQQKFSGPWFGGLSGVVFALMGYVWLRGERDPQSGIYL
QRGLIIFALIWIVAGWFDLFGMSMANGAHIAGLAVGLAMAFVDSLNARKRK
;
;MGSSHHHHHHSSGLVPRGSHMAALRERAGPVTWVMMIACVVVFIAMQILGDQEVMLWLAWPFDPTLKFEFWRYFTHALMH
FSLMHILFNLLWWWYLGGAVEKRLGSGKLIVITLISALLSGYVQQKFSGPWFGGLSGVVFALMGYVWLRGERDPQSGIYL
QRGLIIFALIWIVAGWFDLFGMSMANGAHIAGLAVGLAMAFVDSLNARKRK
;
A ? 
2 'polypeptide(L)' no no VRMAA VRMAA B ? 
# 
_pdbx_entity_nonpoly.entity_id   3 
_pdbx_entity_nonpoly.name        water 
_pdbx_entity_nonpoly.comp_id     HOH 
# 
loop_
_entity_poly_seq.entity_id 
_entity_poly_seq.num 
_entity_poly_seq.mon_id 
_entity_poly_seq.hetero 
1 1   MET n 
1 2   GLY n 
1 3   SER n 
1 4   SER n 
1 5   HIS n 
1 6   HIS n 
1 7   HIS n 
1 8   HIS n 
1 9   HIS n 
1 10  HIS n 
1 11  SER n 
1 12  SER n 
1 13  GLY n 
1 14  LEU n 
1 15  VAL n 
1 16  PRO n 
1 17  ARG n 
1 18  GLY n 
1 19  SER n 
1 20  HIS n 
1 21  MET n 
1 22  ALA n 
1 23  ALA n 
1 24  LEU n 
1 25  ARG n 
1 26  GLU n 
1 27  ARG n 
1 28  ALA n 
1 29  GLY n 
1 30  PRO n 
1 31  VAL n 
1 32  THR n 
1 33  TRP n 
1 34  VAL n 
1 35  MET n 
1 36  MET n 
1 37  ILE n 
1 38  ALA n 
1 39  CYS n 
1 40  VAL n 
1 41  VAL n 
1 42  VAL n 
1 43  PHE n 
1 44  ILE n 
1 45  ALA n 
1 46  MET n 
1 47  GLN n 
1 48  ILE n 
1 49  LEU n 
1 50  GLY n 
1 51  ASP n 
1 52  GLN n 
1 53  GLU n 
1 54  VAL n 
1 55  MET n 
1 56  LEU n 
1 57  TRP n 
1 58  LEU n 
1 59  ALA n 
1 60  TRP n 
1 61  PRO n 
1 62  PHE n 
1 63  ASP n 
1 64  PRO n 
1 65  THR n 
1 66  LEU n 
1 67  LYS n 
1 68  PHE n 
1 69  GLU n 
1 70  PHE n 
1 71  TRP n 
1 72  ARG n 
1 73  TYR n 
1 74  PHE n 
1 75  THR n 
1 76  HIS n 
1 77  ALA n 
1 78  LEU n 
1 79  MET n 
1 80  HIS n 
1 81  PHE n 
1 82  SER n 
1 83  LEU n 
1 84  MET n 
1 85  HIS n 
1 86  ILE n 
1 87  LEU n 
1 88  PHE n 
1 89  ASN n 
1 90  LEU n 
1 91  LEU n 
1 92  TRP n 
1 93  TRP n 
1 94  TRP n 
1 95  TYR n 
1 96  LEU n 
1 97  GLY n 
1 98  GLY n 
1 99  ALA n 
1 100 VAL n 
1 101 GLU n 
1 102 LYS n 
1 103 ARG n 
1 104 LEU n 
1 105 GLY n 
1 106 SER n 
1 107 GLY n 
1 108 LYS n 
1 109 LEU n 
1 110 ILE n 
1 111 VAL n 
1 112 ILE n 
1 113 THR n 
1 114 LEU n 
1 115 ILE n 
1 116 SER n 
1 117 ALA n 
1 118 LEU n 
1 119 LEU n 
1 120 SER n 
1 121 GLY n 
1 122 TYR n 
1 123 VAL n 
1 124 GLN n 
1 125 GLN n 
1 126 LYS n 
1 127 PHE n 
1 128 SER n 
1 129 GLY n 
1 130 PRO n 
1 131 TRP n 
1 132 PHE n 
1 133 GLY n 
1 134 GLY n 
1 135 LEU n 
1 136 SER n 
1 137 GLY n 
1 138 VAL n 
1 139 VAL n 
1 140 PHE n 
1 141 ALA n 
1 142 LEU n 
1 143 MET n 
1 144 GLY n 
1 145 TYR n 
1 146 VAL n 
1 147 TRP n 
1 148 LEU n 
1 149 ARG n 
1 150 GLY n 
1 151 GLU n 
1 152 ARG n 
1 153 ASP n 
1 154 PRO n 
1 155 GLN n 
1 156 SER n 
1 157 GLY n 
1 158 ILE n 
1 159 TYR n 
1 160 LEU n 
1 161 GLN n 
1 162 ARG n 
1 163 GLY n 
1 164 LEU n 
1 165 ILE n 
1 166 ILE n 
1 167 PHE n 
1 168 ALA n 
1 169 LEU n 
1 170 ILE n 
1 171 TRP n 
1 172 ILE n 
1 173 VAL n 
1 174 ALA n 
1 175 GLY n 
1 176 TRP n 
1 177 PHE n 
1 178 ASP n 
1 179 LEU n 
1 180 PHE n 
1 181 GLY n 
1 182 MET n 
1 183 SER n 
1 184 MET n 
1 185 ALA n 
1 186 ASN n 
1 187 GLY n 
1 188 ALA n 
1 189 HIS n 
1 190 ILE n 
1 191 ALA n 
1 192 GLY n 
1 193 LEU n 
1 194 ALA n 
1 195 VAL n 
1 196 GLY n 
1 197 LEU n 
1 198 ALA n 
1 199 MET n 
1 200 ALA n 
1 201 PHE n 
1 202 VAL n 
1 203 ASP n 
1 204 SER n 
1 205 LEU n 
1 206 ASN n 
1 207 ALA n 
1 208 ARG n 
1 209 LYS n 
1 210 ARG n 
1 211 LYS n 
2 1   VAL n 
2 2   ARG n 
2 3   MET n 
2 4   ALA n 
2 5   ALA n 
# 
_entity_src_gen.entity_id                          1 
_entity_src_gen.pdbx_src_id                        1 
_entity_src_gen.pdbx_alt_source_flag               sample 
_entity_src_gen.pdbx_seq_type                      'Biological sequence' 
_entity_src_gen.pdbx_beg_seq_num                   1 
_entity_src_gen.pdbx_end_seq_num                   211 
_entity_src_gen.gene_src_common_name               ? 
_entity_src_gen.gene_src_genus                     ? 
_entity_src_gen.pdbx_gene_src_gene                 'glpG, APT88_21985, SK83_00858' 
_entity_src_gen.gene_src_species                   ? 
_entity_src_gen.gene_src_strain                    ? 
_entity_src_gen.gene_src_tissue                    ? 
_entity_src_gen.gene_src_tissue_fraction           ? 
_entity_src_gen.gene_src_details                   ? 
_entity_src_gen.pdbx_gene_src_fragment             ? 
_entity_src_gen.pdbx_gene_src_scientific_name      'Escherichia coli' 
_entity_src_gen.pdbx_gene_src_ncbi_taxonomy_id     562 
_entity_src_gen.pdbx_gene_src_variant              ? 
_entity_src_gen.pdbx_gene_src_cell_line            ? 
_entity_src_gen.pdbx_gene_src_atcc                 ? 
_entity_src_gen.pdbx_gene_src_organ                ? 
_entity_src_gen.pdbx_gene_src_organelle            ? 
_entity_src_gen.pdbx_gene_src_cell                 ? 
_entity_src_gen.pdbx_gene_src_cellular_location    ? 
_entity_src_gen.host_org_common_name               ? 
_entity_src_gen.pdbx_host_org_scientific_name      'Escherichia coli BL21(DE3)' 
_entity_src_gen.pdbx_host_org_ncbi_taxonomy_id     469008 
_entity_src_gen.host_org_genus                     ? 
_entity_src_gen.pdbx_host_org_gene                 ? 
_entity_src_gen.pdbx_host_org_organ                ? 
_entity_src_gen.host_org_species                   ? 
_entity_src_gen.pdbx_host_org_tissue               ? 
_entity_src_gen.pdbx_host_org_tissue_fraction      ? 
_entity_src_gen.pdbx_host_org_strain               'BL21(DE3)' 
_entity_src_gen.pdbx_host_org_variant              ? 
_entity_src_gen.pdbx_host_org_cell_line            ? 
_entity_src_gen.pdbx_host_org_atcc                 ? 
_entity_src_gen.pdbx_host_org_culture_collection   ? 
_entity_src_gen.pdbx_host_org_cell                 ? 
_entity_src_gen.pdbx_host_org_organelle            ? 
_entity_src_gen.pdbx_host_org_cellular_location    ? 
_entity_src_gen.pdbx_host_org_vector_type          ? 
_entity_src_gen.pdbx_host_org_vector               ? 
_entity_src_gen.host_org_details                   ? 
_entity_src_gen.expression_system_id               ? 
_entity_src_gen.plasmid_name                       ? 
_entity_src_gen.plasmid_details                    ? 
_entity_src_gen.pdbx_description                   ? 
# 
_pdbx_entity_src_syn.entity_id              2 
_pdbx_entity_src_syn.pdbx_src_id            1 
_pdbx_entity_src_syn.pdbx_alt_source_flag   sample 
_pdbx_entity_src_syn.pdbx_beg_seq_num       1 
_pdbx_entity_src_syn.pdbx_end_seq_num       5 
_pdbx_entity_src_syn.organism_scientific    'Drosophila melanogaster' 
_pdbx_entity_src_syn.organism_common_name   'fruit fly' 
_pdbx_entity_src_syn.ncbi_taxonomy_id       7227 
_pdbx_entity_src_syn.details                ? 
# 
loop_
_chem_comp.id 
_chem_comp.type 
_chem_comp.mon_nstd_flag 
_chem_comp.name 
_chem_comp.pdbx_synonyms 
_chem_comp.formula 
_chem_comp.formula_weight 
ALA 'L-peptide linking' y ALANINE         ? 'C3 H7 N O2'     89.093  
ARG 'L-peptide linking' y ARGININE        ? 'C6 H15 N4 O2 1' 175.209 
ASN 'L-peptide linking' y ASPARAGINE      ? 'C4 H8 N2 O3'    132.118 
ASP 'L-peptide linking' y 'ASPARTIC ACID' ? 'C4 H7 N O4'     133.103 
CYS 'L-peptide linking' y CYSTEINE        ? 'C3 H7 N O2 S'   121.158 
GLN 'L-peptide linking' y GLUTAMINE       ? 'C5 H10 N2 O3'   146.144 
GLU 'L-peptide linking' y 'GLUTAMIC ACID' ? 'C5 H9 N O4'     147.129 
GLY 'peptide linking'   y GLYCINE         ? 'C2 H5 N O2'     75.067  
HIS 'L-peptide linking' y HISTIDINE       ? 'C6 H10 N3 O2 1' 156.162 
HOH non-polymer         . WATER           ? 'H2 O'           18.015  
ILE 'L-peptide linking' y ISOLEUCINE      ? 'C6 H13 N O2'    131.173 
LEU 'L-peptide linking' y LEUCINE         ? 'C6 H13 N O2'    131.173 
LYS 'L-peptide linking' y LYSINE          ? 'C6 H15 N2 O2 1' 147.195 
MET 'L-peptide linking' y METHIONINE      ? 'C5 H11 N O2 S'  149.211 
PHE 'L-peptide linking' y PHENYLALANINE   ? 'C9 H11 N O2'    165.189 
PRO 'L-peptide linking' y PROLINE         ? 'C5 H9 N O2'     115.130 
SER 'L-peptide linking' y SERINE          ? 'C3 H7 N O3'     105.093 
THR 'L-peptide linking' y THREONINE       ? 'C4 H9 N O3'     119.119 
TRP 'L-peptide linking' y TRYPTOPHAN      ? 'C11 H12 N2 O2'  204.225 
TYR 'L-peptide linking' y TYROSINE        ? 'C9 H11 N O3'    181.189 
VAL 'L-peptide linking' y VALINE          ? 'C5 H11 N O2'    117.146 
# 
loop_
_pdbx_poly_seq_scheme.asym_id 
_pdbx_poly_seq_scheme.entity_id 
_pdbx_poly_seq_scheme.seq_id 
_pdbx_poly_seq_scheme.mon_id 
_pdbx_poly_seq_scheme.ndb_seq_num 
_pdbx_poly_seq_scheme.pdb_seq_num 
_pdbx_poly_seq_scheme.auth_seq_num 
_pdbx_poly_seq_scheme.pdb_mon_id 
_pdbx_poly_seq_scheme.auth_mon_id 
_pdbx_poly_seq_scheme.pdb_strand_id 
_pdbx_poly_seq_scheme.pdb_ins_code 
_pdbx_poly_seq_scheme.hetero 
A 1 1   MET 1   66  ?   ?   ?   A . n 
A 1 2   GLY 2   67  ?   ?   ?   A . n 
A 1 3   SER 3   68  ?   ?   ?   A . n 
A 1 4   SER 4   69  ?   ?   ?   A . n 
A 1 5   HIS 5   70  ?   ?   ?   A . n 
A 1 6   HIS 6   71  ?   ?   ?   A . n 
A 1 7   HIS 7   72  ?   ?   ?   A . n 
A 1 8   HIS 8   73  ?   ?   ?   A . n 
A 1 9   HIS 9   74  ?   ?   ?   A . n 
A 1 10  HIS 10  75  ?   ?   ?   A . n 
A 1 11  SER 11  76  ?   ?   ?   A . n 
A 1 12  SER 12  77  ?   ?   ?   A . n 
A 1 13  GLY 13  78  ?   ?   ?   A . n 
A 1 14  LEU 14  79  ?   ?   ?   A . n 
A 1 15  VAL 15  80  ?   ?   ?   A . n 
A 1 16  PRO 16  81  ?   ?   ?   A . n 
A 1 17  ARG 17  82  ?   ?   ?   A . n 
A 1 18  GLY 18  83  ?   ?   ?   A . n 
A 1 19  SER 19  84  ?   ?   ?   A . n 
A 1 20  HIS 20  85  ?   ?   ?   A . n 
A 1 21  MET 21  86  ?   ?   ?   A . n 
A 1 22  ALA 22  87  ?   ?   ?   A . n 
A 1 23  ALA 23  88  ?   ?   ?   A . n 
A 1 24  LEU 24  89  ?   ?   ?   A . n 
A 1 25  ARG 25  90  ?   ?   ?   A . n 
A 1 26  GLU 26  91  ?   ?   ?   A . n 
A 1 27  ARG 27  92  ?   ?   ?   A . n 
A 1 28  ALA 28  93  93  ALA ALA A . n 
A 1 29  GLY 29  94  94  GLY GLY A . n 
A 1 30  PRO 30  95  95  PRO PRO A . n 
A 1 31  VAL 31  96  96  VAL VAL A . n 
A 1 32  THR 32  97  97  THR THR A . n 
A 1 33  TRP 33  98  98  TRP TRP A . n 
A 1 34  VAL 34  99  99  VAL VAL A . n 
A 1 35  MET 35  100 100 MET MET A . n 
A 1 36  MET 36  101 101 MET MET A . n 
A 1 37  ILE 37  102 102 ILE ILE A . n 
A 1 38  ALA 38  103 103 ALA ALA A . n 
A 1 39  CYS 39  104 104 CYS CYS A . n 
A 1 40  VAL 40  105 105 VAL VAL A . n 
A 1 41  VAL 41  106 106 VAL VAL A . n 
A 1 42  VAL 42  107 107 VAL VAL A . n 
A 1 43  PHE 43  108 108 PHE PHE A . n 
A 1 44  ILE 44  109 109 ILE ILE A . n 
A 1 45  ALA 45  110 110 ALA ALA A . n 
A 1 46  MET 46  111 111 MET MET A . n 
A 1 47  GLN 47  112 112 GLN GLN A . n 
A 1 48  ILE 48  113 113 ILE ILE A . n 
A 1 49  LEU 49  114 114 LEU LEU A . n 
A 1 50  GLY 50  115 115 GLY GLY A . n 
A 1 51  ASP 51  116 116 ASP ASP A . n 
A 1 52  GLN 52  117 117 GLN GLN A . n 
A 1 53  GLU 53  118 118 GLU GLU A . n 
A 1 54  VAL 54  119 119 VAL VAL A . n 
A 1 55  MET 55  120 120 MET MET A . n 
A 1 56  LEU 56  121 121 LEU LEU A . n 
A 1 57  TRP 57  122 122 TRP TRP A . n 
A 1 58  LEU 58  123 123 LEU LEU A . n 
A 1 59  ALA 59  124 124 ALA ALA A . n 
A 1 60  TRP 60  125 125 TRP TRP A . n 
A 1 61  PRO 61  126 126 PRO PRO A . n 
A 1 62  PHE 62  127 127 PHE PHE A . n 
A 1 63  ASP 63  128 128 ASP ASP A . n 
A 1 64  PRO 64  129 129 PRO PRO A . n 
A 1 65  THR 65  130 130 THR THR A . n 
A 1 66  LEU 66  131 131 LEU LEU A . n 
A 1 67  LYS 67  132 132 LYS LYS A . n 
A 1 68  PHE 68  133 133 PHE PHE A . n 
A 1 69  GLU 69  134 134 GLU GLU A . n 
A 1 70  PHE 70  135 135 PHE PHE A . n 
A 1 71  TRP 71  136 136 TRP TRP A . n 
A 1 72  ARG 72  137 137 ARG ARG A . n 
A 1 73  TYR 73  138 138 TYR TYR A . n 
A 1 74  PHE 74  139 139 PHE PHE A . n 
A 1 75  THR 75  140 140 THR THR A . n 
A 1 76  HIS 76  141 141 HIS HIS A . n 
A 1 77  ALA 77  142 142 ALA ALA A . n 
A 1 78  LEU 78  143 143 LEU LEU A . n 
A 1 79  MET 79  144 144 MET MET A . n 
A 1 80  HIS 80  145 145 HIS HIS A . n 
A 1 81  PHE 81  146 146 PHE PHE A . n 
A 1 82  SER 82  147 147 SER SER A . n 
A 1 83  LEU 83  148 148 LEU LEU A . n 
A 1 84  MET 84  149 149 MET MET A . n 
A 1 85  HIS 85  150 150 HIS HIS A . n 
A 1 86  ILE 86  151 151 ILE ILE A . n 
A 1 87  LEU 87  152 152 LEU LEU A . n 
A 1 88  PHE 88  153 153 PHE PHE A . n 
A 1 89  ASN 89  154 154 ASN ASN A . n 
A 1 90  LEU 90  155 155 LEU LEU A . n 
A 1 91  LEU 91  156 156 LEU LEU A . n 
A 1 92  TRP 92  157 157 TRP TRP A . n 
A 1 93  TRP 93  158 158 TRP TRP A . n 
A 1 94  TRP 94  159 159 TRP TRP A . n 
A 1 95  TYR 95  160 160 TYR TYR A . n 
A 1 96  LEU 96  161 161 LEU LEU A . n 
A 1 97  GLY 97  162 162 GLY GLY A . n 
A 1 98  GLY 98  163 163 GLY GLY A . n 
A 1 99  ALA 99  164 164 ALA ALA A . n 
A 1 100 VAL 100 165 165 VAL VAL A . n 
A 1 101 GLU 101 166 166 GLU GLU A . n 
A 1 102 LYS 102 167 167 LYS LYS A . n 
A 1 103 ARG 103 168 168 ARG ARG A . n 
A 1 104 LEU 104 169 169 LEU LEU A . n 
A 1 105 GLY 105 170 170 GLY GLY A . n 
A 1 106 SER 106 171 171 SER SER A . n 
A 1 107 GLY 107 172 172 GLY GLY A . n 
A 1 108 LYS 108 173 173 LYS LYS A . n 
A 1 109 LEU 109 174 174 LEU LEU A . n 
A 1 110 ILE 110 175 175 ILE ILE A . n 
A 1 111 VAL 111 176 176 VAL VAL A . n 
A 1 112 ILE 112 177 177 ILE ILE A . n 
A 1 113 THR 113 178 178 THR THR A . n 
A 1 114 LEU 114 179 179 LEU LEU A . n 
A 1 115 ILE 115 180 180 ILE ILE A . n 
A 1 116 SER 116 181 181 SER SER A . n 
A 1 117 ALA 117 182 182 ALA ALA A . n 
A 1 118 LEU 118 183 183 LEU LEU A . n 
A 1 119 LEU 119 184 184 LEU LEU A . n 
A 1 120 SER 120 185 185 SER SER A . n 
A 1 121 GLY 121 186 186 GLY GLY A . n 
A 1 122 TYR 122 187 187 TYR TYR A . n 
A 1 123 VAL 123 188 188 VAL VAL A . n 
A 1 124 GLN 124 189 189 GLN GLN A . n 
A 1 125 GLN 125 190 190 GLN GLN A . n 
A 1 126 LYS 126 191 191 LYS LYS A . n 
A 1 127 PHE 127 192 192 PHE PHE A . n 
A 1 128 SER 128 193 193 SER SER A . n 
A 1 129 GLY 129 194 194 GLY GLY A . n 
A 1 130 PRO 130 195 195 PRO PRO A . n 
A 1 131 TRP 131 196 196 TRP TRP A . n 
A 1 132 PHE 132 197 197 PHE PHE A . n 
A 1 133 GLY 133 198 198 GLY GLY A . n 
A 1 134 GLY 134 199 199 GLY GLY A . n 
A 1 135 LEU 135 200 200 LEU LEU A . n 
A 1 136 SER 136 201 201 SER SER A . n 
A 1 137 GLY 137 202 202 GLY GLY A . n 
A 1 138 VAL 138 203 203 VAL VAL A . n 
A 1 139 VAL 139 204 204 VAL VAL A . n 
A 1 140 PHE 140 205 205 PHE PHE A . n 
A 1 141 ALA 141 206 206 ALA ALA A . n 
A 1 142 LEU 142 207 207 LEU LEU A . n 
A 1 143 MET 143 208 208 MET MET A . n 
A 1 144 GLY 144 209 209 GLY GLY A . n 
A 1 145 TYR 145 210 210 TYR TYR A . n 
A 1 146 VAL 146 211 211 VAL VAL A . n 
A 1 147 TRP 147 212 212 TRP TRP A . n 
A 1 148 LEU 148 213 213 LEU LEU A . n 
A 1 149 ARG 149 214 214 ARG ARG A . n 
A 1 150 GLY 150 215 215 GLY GLY A . n 
A 1 151 GLU 151 216 216 GLU GLU A . n 
A 1 152 ARG 152 217 217 ARG ARG A . n 
A 1 153 ASP 153 218 218 ASP ASP A . n 
A 1 154 PRO 154 219 219 PRO PRO A . n 
A 1 155 GLN 155 220 220 GLN GLN A . n 
A 1 156 SER 156 221 221 SER SER A . n 
A 1 157 GLY 157 222 222 GLY GLY A . n 
A 1 158 ILE 158 223 223 ILE ILE A . n 
A 1 159 TYR 159 224 224 TYR TYR A . n 
A 1 160 LEU 160 225 225 LEU LEU A . n 
A 1 161 GLN 161 226 226 GLN GLN A . n 
A 1 162 ARG 162 227 227 ARG ARG A . n 
A 1 163 GLY 163 228 228 GLY GLY A . n 
A 1 164 LEU 164 229 229 LEU LEU A . n 
A 1 165 ILE 165 230 230 ILE ILE A . n 
A 1 166 ILE 166 231 231 ILE ILE A . n 
A 1 167 PHE 167 232 232 PHE PHE A . n 
A 1 168 ALA 168 233 233 ALA ALA A . n 
A 1 169 LEU 169 234 234 LEU LEU A . n 
A 1 170 ILE 170 235 235 ILE ILE A . n 
A 1 171 TRP 171 236 236 TRP TRP A . n 
A 1 172 ILE 172 237 237 ILE ILE A . n 
A 1 173 VAL 173 238 238 VAL VAL A . n 
A 1 174 ALA 174 239 239 ALA ALA A . n 
A 1 175 GLY 175 240 240 GLY GLY A . n 
A 1 176 TRP 176 241 241 TRP TRP A . n 
A 1 177 PHE 177 242 242 PHE PHE A . n 
A 1 178 ASP 178 243 243 ASP ASP A . n 
A 1 179 LEU 179 244 ?   ?   ?   A . n 
A 1 180 PHE 180 245 ?   ?   ?   A . n 
A 1 181 GLY 181 246 ?   ?   ?   A . n 
A 1 182 MET 182 247 247 MET MET A . n 
A 1 183 SER 183 248 248 SER SER A . n 
A 1 184 MET 184 249 249 MET MET A . n 
A 1 185 ALA 185 250 250 ALA ALA A . n 
A 1 186 ASN 186 251 251 ASN ASN A . n 
A 1 187 GLY 187 252 252 GLY GLY A . n 
A 1 188 ALA 188 253 253 ALA ALA A . n 
A 1 189 HIS 189 254 254 HIS HIS A . n 
A 1 190 ILE 190 255 255 ILE ILE A . n 
A 1 191 ALA 191 256 256 ALA ALA A . n 
A 1 192 GLY 192 257 257 GLY GLY A . n 
A 1 193 LEU 193 258 258 LEU LEU A . n 
A 1 194 ALA 194 259 259 ALA ALA A . n 
A 1 195 VAL 195 260 260 VAL VAL A . n 
A 1 196 GLY 196 261 261 GLY GLY A . n 
A 1 197 LEU 197 262 262 LEU LEU A . n 
A 1 198 ALA 198 263 263 ALA ALA A . n 
A 1 199 MET 199 264 264 MET MET A . n 
A 1 200 ALA 200 265 265 ALA ALA A . n 
A 1 201 PHE 201 266 266 PHE PHE A . n 
A 1 202 VAL 202 267 267 VAL VAL A . n 
A 1 203 ASP 203 268 268 ASP ASP A . n 
A 1 204 SER 204 269 269 SER SER A . n 
A 1 205 LEU 205 270 270 LEU LEU A . n 
A 1 206 ASN 206 271 271 ASN ASN A . n 
A 1 207 ALA 207 272 272 ALA ALA A . n 
A 1 208 ARG 208 273 ?   ?   ?   A . n 
A 1 209 LYS 209 274 ?   ?   ?   A . n 
A 1 210 ARG 210 275 ?   ?   ?   A . n 
A 1 211 LYS 211 276 ?   ?   ?   A . n 
B 2 1   VAL 1   500 500 VAL VAL B . n 
B 2 2   ARG 2   501 501 ARG ARG B . n 
B 2 3   MET 3   502 502 MET MET B . n 
B 2 4   ALA 4   503 503 ALA ALA B . n 
B 2 5   ALA 5   504 504 ALA ALA B . n 
# 
loop_
_pdbx_nonpoly_scheme.asym_id 
_pdbx_nonpoly_scheme.entity_id 
_pdbx_nonpoly_scheme.mon_id 
_pdbx_nonpoly_scheme.ndb_seq_num 
_pdbx_nonpoly_scheme.pdb_seq_num 
_pdbx_nonpoly_scheme.auth_seq_num 
_pdbx_nonpoly_scheme.pdb_mon_id 
_pdbx_nonpoly_scheme.auth_mon_id 
_pdbx_nonpoly_scheme.pdb_strand_id 
_pdbx_nonpoly_scheme.pdb_ins_code 
C 3 HOH 1  301 503 HOH HOH A . 
C 3 HOH 2  302 504 HOH HOH A . 
C 3 HOH 3  303 512 HOH HOH A . 
C 3 HOH 4  304 506 HOH HOH A . 
C 3 HOH 5  305 508 HOH HOH A . 
C 3 HOH 6  306 502 HOH HOH A . 
C 3 HOH 7  307 521 HOH HOH A . 
C 3 HOH 8  308 511 HOH HOH A . 
C 3 HOH 9  309 505 HOH HOH A . 
C 3 HOH 10 310 501 HOH HOH A . 
# 
loop_
_software.citation_id 
_software.classification 
_software.compiler_name 
_software.compiler_version 
_software.contact_author 
_software.contact_author_email 
_software.date 
_software.description 
_software.dependencies 
_software.hardware 
_software.language 
_software.location 
_software.mods 
_software.name 
_software.os 
_software.os_version 
_software.type 
_software.version 
_software.pdbx_ordinal 
? refinement       ? ? ? ? ? ? ? ? ? ? ? REFMAC  ? ? ? 5.8.0230 1 
? 'data reduction' ? ? ? ? ? ? ? ? ? ? ? iMOSFLM ? ? ? .        2 
? 'data scaling'   ? ? ? ? ? ? ? ? ? ? ? Aimless ? ? ? .        3 
? phasing          ? ? ? ? ? ? ? ? ? ? ? MOLREP  ? ? ? .        4 
# 
_cell.angle_alpha                  90.00 
_cell.angle_alpha_esd              ? 
_cell.angle_beta                   90.00 
_cell.angle_beta_esd               ? 
_cell.angle_gamma                  90.00 
_cell.angle_gamma_esd              ? 
_cell.entry_id                     6PJA 
_cell.details                      ? 
_cell.formula_units_Z              ? 
_cell.length_a                     71.770 
_cell.length_a_esd                 ? 
_cell.length_b                     99.490 
_cell.length_b_esd                 ? 
_cell.length_c                     63.060 
_cell.length_c_esd                 ? 
_cell.volume                       ? 
_cell.volume_esd                   ? 
_cell.Z_PDB                        8 
_cell.reciprocal_angle_alpha       ? 
_cell.reciprocal_angle_beta        ? 
_cell.reciprocal_angle_gamma       ? 
_cell.reciprocal_angle_alpha_esd   ? 
_cell.reciprocal_angle_beta_esd    ? 
_cell.reciprocal_angle_gamma_esd   ? 
_cell.reciprocal_length_a          ? 
_cell.reciprocal_length_b          ? 
_cell.reciprocal_length_c          ? 
_cell.reciprocal_length_a_esd      ? 
_cell.reciprocal_length_b_esd      ? 
_cell.reciprocal_length_c_esd      ? 
_cell.pdbx_unique_axis             ? 
# 
_symmetry.entry_id                         6PJA 
_symmetry.cell_setting                     ? 
_symmetry.Int_Tables_number                20 
_symmetry.space_group_name_Hall            ? 
_symmetry.space_group_name_H-M             'C 2 2 21' 
_symmetry.pdbx_full_space_group_name_H-M   ? 
# 
_exptl.absorpt_coefficient_mu     ? 
_exptl.absorpt_correction_T_max   ? 
_exptl.absorpt_correction_T_min   ? 
_exptl.absorpt_correction_type    ? 
_exptl.absorpt_process_details    ? 
_exptl.entry_id                   6PJA 
_exptl.crystals_number            1 
_exptl.details                    ? 
_exptl.method                     'X-RAY DIFFRACTION' 
_exptl.method_details             ? 
# 
_exptl_crystal.colour                      ? 
_exptl_crystal.density_diffrn              ? 
_exptl_crystal.density_Matthews            2.22 
_exptl_crystal.density_method              ? 
_exptl_crystal.density_percent_sol         44.66 
_exptl_crystal.description                 ? 
_exptl_crystal.F_000                       ? 
_exptl_crystal.id                          1 
_exptl_crystal.preparation                 ? 
_exptl_crystal.size_max                    ? 
_exptl_crystal.size_mid                    ? 
_exptl_crystal.size_min                    ? 
_exptl_crystal.size_rad                    ? 
_exptl_crystal.colour_lustre               ? 
_exptl_crystal.colour_modifier             ? 
_exptl_crystal.colour_primary              ? 
_exptl_crystal.density_meas                ? 
_exptl_crystal.density_meas_esd            ? 
_exptl_crystal.density_meas_gt             ? 
_exptl_crystal.density_meas_lt             ? 
_exptl_crystal.density_meas_temp           ? 
_exptl_crystal.density_meas_temp_esd       ? 
_exptl_crystal.density_meas_temp_gt        ? 
_exptl_crystal.density_meas_temp_lt        ? 
_exptl_crystal.pdbx_crystal_image_url      ? 
_exptl_crystal.pdbx_crystal_image_format   ? 
_exptl_crystal.pdbx_mosaicity              ? 
_exptl_crystal.pdbx_mosaicity_esd          ? 
# 
_exptl_crystal_grow.apparatus       ? 
_exptl_crystal_grow.atmosphere      ? 
_exptl_crystal_grow.crystal_id      1 
_exptl_crystal_grow.details         ? 
_exptl_crystal_grow.method          'VAPOR DIFFUSION, HANGING DROP' 
_exptl_crystal_grow.method_ref      ? 
_exptl_crystal_grow.pH              5.5 
_exptl_crystal_grow.pressure        ? 
_exptl_crystal_grow.pressure_esd    ? 
_exptl_crystal_grow.seeding         ? 
_exptl_crystal_grow.seeding_ref     ? 
_exptl_crystal_grow.temp            298 
_exptl_crystal_grow.temp_details    ? 
_exptl_crystal_grow.temp_esd        ? 
_exptl_crystal_grow.time            ? 
_exptl_crystal_grow.pdbx_details    '0.1 M Na-acetate pH 5.5, 3 M NaCl, and 5 % ethylene glycol' 
_exptl_crystal_grow.pdbx_pH_range   ? 
# 
_diffrn.ambient_environment              ? 
_diffrn.ambient_temp                     100 
_diffrn.ambient_temp_details             ? 
_diffrn.ambient_temp_esd                 ? 
_diffrn.crystal_id                       1 
_diffrn.crystal_support                  ? 
_diffrn.crystal_treatment                ? 
_diffrn.details                          ? 
_diffrn.id                               1 
_diffrn.ambient_pressure                 ? 
_diffrn.ambient_pressure_esd             ? 
_diffrn.ambient_pressure_gt              ? 
_diffrn.ambient_pressure_lt              ? 
_diffrn.ambient_temp_gt                  ? 
_diffrn.ambient_temp_lt                  ? 
_diffrn.pdbx_serial_crystal_experiment   N 
# 
_diffrn_detector.details                      ? 
_diffrn_detector.detector                     CCD 
_diffrn_detector.diffrn_id                    1 
_diffrn_detector.type                         'ADSC QUANTUM 270' 
_diffrn_detector.area_resol_mean              ? 
_diffrn_detector.dtime                        ? 
_diffrn_detector.pdbx_frames_total            ? 
_diffrn_detector.pdbx_collection_time_total   ? 
_diffrn_detector.pdbx_collection_date         2017-06-20 
_diffrn_detector.pdbx_frequency               ? 
# 
_diffrn_radiation.collimation                      ? 
_diffrn_radiation.diffrn_id                        1 
_diffrn_radiation.filter_edge                      ? 
_diffrn_radiation.inhomogeneity                    ? 
_diffrn_radiation.monochromator                    ? 
_diffrn_radiation.polarisn_norm                    ? 
_diffrn_radiation.polarisn_ratio                   ? 
_diffrn_radiation.probe                            ? 
_diffrn_radiation.type                             ? 
_diffrn_radiation.xray_symbol                      ? 
_diffrn_radiation.wavelength_id                    1 
_diffrn_radiation.pdbx_monochromatic_or_laue_m_l   M 
_diffrn_radiation.pdbx_wavelength_list             ? 
_diffrn_radiation.pdbx_wavelength                  ? 
_diffrn_radiation.pdbx_diffrn_protocol             'SINGLE WAVELENGTH' 
_diffrn_radiation.pdbx_analyzer                    ? 
_diffrn_radiation.pdbx_scattering_type             x-ray 
# 
_diffrn_radiation_wavelength.id           1 
_diffrn_radiation_wavelength.wavelength   0.9768 
_diffrn_radiation_wavelength.wt           1.0 
# 
_diffrn_source.current                     ? 
_diffrn_source.details                     ? 
_diffrn_source.diffrn_id                   1 
_diffrn_source.power                       ? 
_diffrn_source.size                        ? 
_diffrn_source.source                      SYNCHROTRON 
_diffrn_source.target                      ? 
_diffrn_source.type                        'CHESS BEAMLINE F1' 
_diffrn_source.voltage                     ? 
_diffrn_source.take-off_angle              ? 
_diffrn_source.pdbx_wavelength_list        0.9768 
_diffrn_source.pdbx_wavelength             ? 
_diffrn_source.pdbx_synchrotron_beamline   F1 
_diffrn_source.pdbx_synchrotron_site       CHESS 
# 
_reflns.B_iso_Wilson_estimate            ? 
_reflns.entry_id                         6PJA 
_reflns.data_reduction_details           ? 
_reflns.data_reduction_method            ? 
_reflns.d_resolution_high                2.50 
_reflns.d_resolution_low                 58.52 
_reflns.details                          ? 
_reflns.limit_h_max                      ? 
_reflns.limit_h_min                      ? 
_reflns.limit_k_max                      ? 
_reflns.limit_k_min                      ? 
_reflns.limit_l_max                      ? 
_reflns.limit_l_min                      ? 
_reflns.number_all                       ? 
_reflns.number_obs                       7281 
_reflns.observed_criterion               ? 
_reflns.observed_criterion_F_max         ? 
_reflns.observed_criterion_F_min         ? 
_reflns.observed_criterion_I_max         ? 
_reflns.observed_criterion_I_min         ? 
_reflns.observed_criterion_sigma_F       ? 
_reflns.observed_criterion_sigma_I       ? 
_reflns.percent_possible_obs             99.4 
_reflns.R_free_details                   ? 
_reflns.Rmerge_F_all                     ? 
_reflns.Rmerge_F_obs                     ? 
_reflns.Friedel_coverage                 ? 
_reflns.number_gt                        ? 
_reflns.threshold_expression             ? 
_reflns.pdbx_redundancy                  3.9 
_reflns.pdbx_Rmerge_I_obs                ? 
_reflns.pdbx_Rmerge_I_all                ? 
_reflns.pdbx_Rsym_value                  0.065 
_reflns.pdbx_netI_over_av_sigmaI         ? 
_reflns.pdbx_netI_over_sigmaI            4.3 
_reflns.pdbx_res_netI_over_av_sigmaI_2   ? 
_reflns.pdbx_res_netI_over_sigmaI_2      ? 
_reflns.pdbx_chi_squared                 ? 
_reflns.pdbx_scaling_rejects             ? 
_reflns.pdbx_d_res_high_opt              ? 
_reflns.pdbx_d_res_low_opt               ? 
_reflns.pdbx_d_res_opt_method            ? 
_reflns.phase_calculation_details        ? 
_reflns.pdbx_Rrim_I_all                  ? 
_reflns.pdbx_Rpim_I_all                  ? 
_reflns.pdbx_d_opt                       ? 
_reflns.pdbx_number_measured_all         ? 
_reflns.pdbx_diffrn_id                   1 
_reflns.pdbx_ordinal                     1 
_reflns.pdbx_CC_half                     ? 
_reflns.pdbx_R_split                     ? 
# 
_reflns_shell.d_res_high                  2.50 
_reflns_shell.d_res_low                   2.57 
_reflns_shell.meanI_over_sigI_all         ? 
_reflns_shell.meanI_over_sigI_obs         ? 
_reflns_shell.number_measured_all         ? 
_reflns_shell.number_measured_obs         ? 
_reflns_shell.number_possible             ? 
_reflns_shell.number_unique_all           ? 
_reflns_shell.number_unique_obs           909 
_reflns_shell.percent_possible_all        ? 
_reflns_shell.percent_possible_obs        ? 
_reflns_shell.Rmerge_F_all                ? 
_reflns_shell.Rmerge_F_obs                ? 
_reflns_shell.Rmerge_I_all                ? 
_reflns_shell.Rmerge_I_obs                0.536 
_reflns_shell.meanI_over_sigI_gt          ? 
_reflns_shell.meanI_over_uI_all           ? 
_reflns_shell.meanI_over_uI_gt            ? 
_reflns_shell.number_measured_gt          ? 
_reflns_shell.number_unique_gt            ? 
_reflns_shell.percent_possible_gt         ? 
_reflns_shell.Rmerge_F_gt                 ? 
_reflns_shell.Rmerge_I_gt                 ? 
_reflns_shell.pdbx_redundancy             ? 
_reflns_shell.pdbx_Rsym_value             ? 
_reflns_shell.pdbx_chi_squared            ? 
_reflns_shell.pdbx_netI_over_sigmaI_all   ? 
_reflns_shell.pdbx_netI_over_sigmaI_obs   ? 
_reflns_shell.pdbx_Rrim_I_all             ? 
_reflns_shell.pdbx_Rpim_I_all             ? 
_reflns_shell.pdbx_rejects                ? 
_reflns_shell.pdbx_ordinal                1 
_reflns_shell.pdbx_diffrn_id              1 
_reflns_shell.pdbx_CC_half                ? 
_reflns_shell.pdbx_R_split                ? 
# 
_refine.aniso_B[1][1]                            9.43 
_refine.aniso_B[1][2]                            0.00 
_refine.aniso_B[1][3]                            -0.00 
_refine.aniso_B[2][2]                            -4.01 
_refine.aniso_B[2][3]                            0.00 
_refine.aniso_B[3][3]                            -5.42 
_refine.B_iso_max                                ? 
_refine.B_iso_mean                               61.459 
_refine.B_iso_min                                ? 
_refine.correlation_coeff_Fo_to_Fc               0.917 
_refine.correlation_coeff_Fo_to_Fc_free          0.914 
_refine.details                                  ? 
_refine.diff_density_max                         ? 
_refine.diff_density_max_esd                     ? 
_refine.diff_density_min                         ? 
_refine.diff_density_min_esd                     ? 
_refine.diff_density_rms                         ? 
_refine.diff_density_rms_esd                     ? 
_refine.entry_id                                 6PJA 
_refine.pdbx_refine_id                           'X-RAY DIFFRACTION' 
_refine.ls_abs_structure_details                 ? 
_refine.ls_abs_structure_Flack                   ? 
_refine.ls_abs_structure_Flack_esd               ? 
_refine.ls_abs_structure_Rogers                  ? 
_refine.ls_abs_structure_Rogers_esd              ? 
_refine.ls_d_res_high                            2.60 
_refine.ls_d_res_low                             58.21 
_refine.ls_extinction_coef                       ? 
_refine.ls_extinction_coef_esd                   ? 
_refine.ls_extinction_expression                 ? 
_refine.ls_extinction_method                     ? 
_refine.ls_goodness_of_fit_all                   ? 
_refine.ls_goodness_of_fit_all_esd               ? 
_refine.ls_goodness_of_fit_obs                   ? 
_refine.ls_goodness_of_fit_obs_esd               ? 
_refine.ls_hydrogen_treatment                    ? 
_refine.ls_matrix_type                           ? 
_refine.ls_number_constraints                    ? 
_refine.ls_number_parameters                     ? 
_refine.ls_number_reflns_all                     ? 
_refine.ls_number_reflns_obs                     7281 
_refine.ls_number_reflns_R_free                  367 
_refine.ls_number_reflns_R_work                  ? 
_refine.ls_number_restraints                     ? 
_refine.ls_percent_reflns_obs                    94.25 
_refine.ls_percent_reflns_R_free                 4.8 
_refine.ls_R_factor_all                          ? 
_refine.ls_R_factor_obs                          0.26042 
_refine.ls_R_factor_R_free                       0.26732 
_refine.ls_R_factor_R_free_error                 ? 
_refine.ls_R_factor_R_free_error_details         ? 
_refine.ls_R_factor_R_work                       0.26006 
_refine.ls_R_Fsqd_factor_obs                     ? 
_refine.ls_R_I_factor_obs                        ? 
_refine.ls_redundancy_reflns_all                 ? 
_refine.ls_redundancy_reflns_obs                 ? 
_refine.ls_restrained_S_all                      ? 
_refine.ls_restrained_S_obs                      ? 
_refine.ls_shift_over_esd_max                    ? 
_refine.ls_shift_over_esd_mean                   ? 
_refine.ls_structure_factor_coef                 ? 
_refine.ls_weighting_details                     ? 
_refine.ls_weighting_scheme                      ? 
_refine.ls_wR_factor_all                         ? 
_refine.ls_wR_factor_obs                         ? 
_refine.ls_wR_factor_R_free                      ? 
_refine.ls_wR_factor_R_work                      ? 
_refine.occupancy_max                            ? 
_refine.occupancy_min                            ? 
_refine.solvent_model_details                    ? 
_refine.solvent_model_param_bsol                 ? 
_refine.solvent_model_param_ksol                 ? 
_refine.ls_R_factor_gt                           ? 
_refine.ls_goodness_of_fit_gt                    ? 
_refine.ls_goodness_of_fit_ref                   ? 
_refine.ls_shift_over_su_max                     ? 
_refine.ls_shift_over_su_max_lt                  ? 
_refine.ls_shift_over_su_mean                    ? 
_refine.ls_shift_over_su_mean_lt                 ? 
_refine.pdbx_ls_sigma_I                          ? 
_refine.pdbx_ls_sigma_F                          ? 
_refine.pdbx_ls_sigma_Fsqd                       ? 
_refine.pdbx_data_cutoff_high_absF               ? 
_refine.pdbx_data_cutoff_high_rms_absF           ? 
_refine.pdbx_data_cutoff_low_absF                ? 
_refine.pdbx_isotropic_thermal_model             ? 
_refine.pdbx_ls_cross_valid_method               THROUGHOUT 
_refine.pdbx_method_to_determine_struct          'MOLECULAR REPLACEMENT' 
_refine.pdbx_starting_model                      ? 
_refine.pdbx_stereochemistry_target_values       ? 
_refine.pdbx_R_Free_selection_details            RANDOM 
_refine.pdbx_stereochem_target_val_spec_case     ? 
_refine.pdbx_overall_ESU_R                       0.665 
_refine.pdbx_overall_ESU_R_Free                  0.309 
_refine.pdbx_solvent_vdw_probe_radii             1.20 
_refine.pdbx_solvent_ion_probe_radii             0.80 
_refine.pdbx_solvent_shrinkage_radii             0.80 
_refine.pdbx_real_space_R                        ? 
_refine.pdbx_density_correlation                 ? 
_refine.pdbx_pd_number_of_powder_patterns        ? 
_refine.pdbx_pd_number_of_points                 ? 
_refine.pdbx_pd_meas_number_of_points            ? 
_refine.pdbx_pd_proc_ls_prof_R_factor            ? 
_refine.pdbx_pd_proc_ls_prof_wR_factor           ? 
_refine.pdbx_pd_Marquardt_correlation_coeff      ? 
_refine.pdbx_pd_Fsqrd_R_factor                   ? 
_refine.pdbx_pd_ls_matrix_band_width             ? 
_refine.pdbx_overall_phase_error                 ? 
_refine.pdbx_overall_SU_R_free_Cruickshank_DPI   ? 
_refine.pdbx_overall_SU_R_free_Blow_DPI          ? 
_refine.pdbx_overall_SU_R_Blow_DPI               ? 
_refine.pdbx_TLS_residual_ADP_flag               ? 
_refine.pdbx_diffrn_id                           1 
_refine.overall_SU_B                             23.254 
_refine.overall_SU_ML                            0.431 
_refine.overall_SU_R_Cruickshank_DPI             ? 
_refine.overall_SU_R_free                        ? 
_refine.overall_FOM_free_R_set                   ? 
_refine.overall_FOM_work_R_set                   ? 
_refine.pdbx_average_fsc_overall                 ? 
_refine.pdbx_average_fsc_work                    ? 
_refine.pdbx_average_fsc_free                    ? 
# 
_refine_hist.pdbx_refine_id                   'X-RAY DIFFRACTION' 
_refine_hist.cycle_id                         1 
_refine_hist.details                          ? 
_refine_hist.d_res_high                       2.60 
_refine_hist.d_res_low                        58.21 
_refine_hist.number_atoms_solvent             10 
_refine_hist.number_atoms_total               1453 
_refine_hist.number_reflns_all                ? 
_refine_hist.number_reflns_obs                ? 
_refine_hist.number_reflns_R_free             ? 
_refine_hist.number_reflns_R_work             ? 
_refine_hist.R_factor_all                     ? 
_refine_hist.R_factor_obs                     ? 
_refine_hist.R_factor_R_free                  ? 
_refine_hist.R_factor_R_work                  ? 
_refine_hist.pdbx_number_residues_total       ? 
_refine_hist.pdbx_B_iso_mean_ligand           ? 
_refine_hist.pdbx_B_iso_mean_solvent          ? 
_refine_hist.pdbx_number_atoms_protein        1443 
_refine_hist.pdbx_number_atoms_nucleic_acid   0 
_refine_hist.pdbx_number_atoms_ligand         0 
_refine_hist.pdbx_number_atoms_lipid          ? 
_refine_hist.pdbx_number_atoms_carb           ? 
_refine_hist.pdbx_pseudo_atom_details         ? 
# 
loop_
_refine_ls_restr.pdbx_refine_id 
_refine_ls_restr.criterion 
_refine_ls_restr.dev_ideal 
_refine_ls_restr.dev_ideal_target 
_refine_ls_restr.number 
_refine_ls_restr.rejects 
_refine_ls_restr.type 
_refine_ls_restr.weight 
_refine_ls_restr.pdbx_restraint_function 
'X-RAY DIFFRACTION' ? 0.005  0.012  1484 ? r_bond_refined_d             ? ? 
'X-RAY DIFFRACTION' ? ?      ?      ?    ? r_bond_other_d               ? ? 
'X-RAY DIFFRACTION' ? 1.289  1.592  2016 ? r_angle_refined_deg          ? ? 
'X-RAY DIFFRACTION' ? ?      ?      ?    ? r_angle_other_deg            ? ? 
'X-RAY DIFFRACTION' ? 6.187  5.000  178  ? r_dihedral_angle_1_deg       ? ? 
'X-RAY DIFFRACTION' ? 30.096 20.952 63   ? r_dihedral_angle_2_deg       ? ? 
'X-RAY DIFFRACTION' ? 17.747 15.000 232  ? r_dihedral_angle_3_deg       ? ? 
'X-RAY DIFFRACTION' ? 15.001 15.000 6    ? r_dihedral_angle_4_deg       ? ? 
'X-RAY DIFFRACTION' ? 0.114  0.200  179  ? r_chiral_restr               ? ? 
'X-RAY DIFFRACTION' ? 0.006  0.020  1093 ? r_gen_planes_refined         ? ? 
'X-RAY DIFFRACTION' ? ?      ?      ?    ? r_gen_planes_other           ? ? 
'X-RAY DIFFRACTION' ? ?      ?      ?    ? r_nbd_refined                ? ? 
'X-RAY DIFFRACTION' ? ?      ?      ?    ? r_nbd_other                  ? ? 
'X-RAY DIFFRACTION' ? ?      ?      ?    ? r_nbtor_refined              ? ? 
'X-RAY DIFFRACTION' ? ?      ?      ?    ? r_nbtor_other                ? ? 
'X-RAY DIFFRACTION' ? ?      ?      ?    ? r_xyhbond_nbd_refined        ? ? 
'X-RAY DIFFRACTION' ? ?      ?      ?    ? r_xyhbond_nbd_other          ? ? 
'X-RAY DIFFRACTION' ? ?      ?      ?    ? r_metal_ion_refined          ? ? 
'X-RAY DIFFRACTION' ? ?      ?      ?    ? r_metal_ion_other            ? ? 
'X-RAY DIFFRACTION' ? ?      ?      ?    ? r_symmetry_vdw_refined       ? ? 
'X-RAY DIFFRACTION' ? ?      ?      ?    ? r_symmetry_vdw_other         ? ? 
'X-RAY DIFFRACTION' ? ?      ?      ?    ? r_symmetry_hbond_refined     ? ? 
'X-RAY DIFFRACTION' ? ?      ?      ?    ? r_symmetry_hbond_other       ? ? 
'X-RAY DIFFRACTION' ? ?      ?      ?    ? r_symmetry_metal_ion_refined ? ? 
'X-RAY DIFFRACTION' ? ?      ?      ?    ? r_symmetry_metal_ion_other   ? ? 
'X-RAY DIFFRACTION' ? 4.567  6.063  721  ? r_mcbond_it                  ? ? 
'X-RAY DIFFRACTION' ? ?      ?      ?    ? r_mcbond_other               ? ? 
'X-RAY DIFFRACTION' ? 6.997  9.061  896  ? r_mcangle_it                 ? ? 
'X-RAY DIFFRACTION' ? ?      ?      ?    ? r_mcangle_other              ? ? 
'X-RAY DIFFRACTION' ? 4.943  6.206  763  ? r_scbond_it                  ? ? 
'X-RAY DIFFRACTION' ? ?      ?      ?    ? r_scbond_other               ? ? 
'X-RAY DIFFRACTION' ? ?      ?      ?    ? r_scangle_it                 ? ? 
'X-RAY DIFFRACTION' ? ?      ?      ?    ? r_scangle_other              ? ? 
'X-RAY DIFFRACTION' ? 11.910 ?      6107 ? r_long_range_B_refined       ? ? 
'X-RAY DIFFRACTION' ? ?      ?      ?    ? r_long_range_B_other         ? ? 
'X-RAY DIFFRACTION' ? ?      ?      ?    ? r_rigid_bond_restr           ? ? 
'X-RAY DIFFRACTION' ? ?      ?      ?    ? r_sphericity_free            ? ? 
'X-RAY DIFFRACTION' ? ?      ?      ?    ? r_sphericity_bonded          ? ? 
# 
_refine_ls_shell.pdbx_refine_id                   'X-RAY DIFFRACTION' 
_refine_ls_shell.d_res_high                       2.500 
_refine_ls_shell.d_res_low                        2.565 
_refine_ls_shell.number_reflns_all                ? 
_refine_ls_shell.number_reflns_obs                ? 
_refine_ls_shell.number_reflns_R_free             20 
_refine_ls_shell.number_reflns_R_work             554 
_refine_ls_shell.percent_reflns_obs               96.31 
_refine_ls_shell.percent_reflns_R_free            ? 
_refine_ls_shell.R_factor_all                     ? 
_refine_ls_shell.R_factor_obs                     ? 
_refine_ls_shell.R_factor_R_free                  0.384 
_refine_ls_shell.R_factor_R_free_error            ? 
_refine_ls_shell.R_factor_R_work                  0.439 
_refine_ls_shell.redundancy_reflns_all            ? 
_refine_ls_shell.redundancy_reflns_obs            ? 
_refine_ls_shell.wR_factor_all                    ? 
_refine_ls_shell.wR_factor_obs                    ? 
_refine_ls_shell.wR_factor_R_free                 ? 
_refine_ls_shell.wR_factor_R_work                 ? 
_refine_ls_shell.pdbx_total_number_of_bins_used   20 
_refine_ls_shell.pdbx_phase_error                 ? 
_refine_ls_shell.pdbx_fsc_work                    ? 
_refine_ls_shell.pdbx_fsc_free                    ? 
# 
_struct.entry_id                     6PJA 
_struct.title                        'Time-resolved structural snapshot of proteolysis by GlpG inside the membrane' 
_struct.pdbx_model_details           ? 
_struct.pdbx_formula_weight          ? 
_struct.pdbx_formula_weight_method   ? 
_struct.pdbx_model_type_details      ? 
_struct.pdbx_CASP_flag               N 
# 
_struct_keywords.entry_id        6PJA 
_struct_keywords.text            'inhibitor, MEMBRANE PROTEIN' 
_struct_keywords.pdbx_keywords   'MEMBRANE PROTEIN' 
# 
loop_
_struct_asym.id 
_struct_asym.pdbx_blank_PDB_chainid_flag 
_struct_asym.pdbx_modified 
_struct_asym.entity_id 
_struct_asym.details 
A N N 1 ? 
B N N 2 ? 
C N N 3 ? 
# 
loop_
_struct_ref.id 
_struct_ref.db_name 
_struct_ref.db_code 
_struct_ref.pdbx_db_accession 
_struct_ref.pdbx_db_isoform 
_struct_ref.entity_id 
_struct_ref.pdbx_seq_one_letter_code 
_struct_ref.pdbx_align_begin 
1 UNP A0A0J2E248_ECOLX A0A0J2E248 ? 1 
;AALRERAGPVTWVMMIACVVVFIAMQILGDQEVMLWLAWPFDPTLKFEFWRYFTHALMHFSLMHILFNLLWWWYLGGAVE
KRLGSGKLIVITLISALLSGYVQQKFSGPWFGGLSGVVYALMGYVWLRGERDPQSGIYLQRGLIIFALIWIVAGWFDLFG
MSMANGAHIAGLAVGLAMAFVDSLNARKRK
;
87 
2 PDB 6PJA             6PJA       ? 2 ? 1  
# 
loop_
_struct_ref_seq.align_id 
_struct_ref_seq.ref_id 
_struct_ref_seq.pdbx_PDB_id_code 
_struct_ref_seq.pdbx_strand_id 
_struct_ref_seq.seq_align_beg 
_struct_ref_seq.pdbx_seq_align_beg_ins_code 
_struct_ref_seq.seq_align_end 
_struct_ref_seq.pdbx_seq_align_end_ins_code 
_struct_ref_seq.pdbx_db_accession 
_struct_ref_seq.db_align_beg 
_struct_ref_seq.pdbx_db_align_beg_ins_code 
_struct_ref_seq.db_align_end 
_struct_ref_seq.pdbx_db_align_end_ins_code 
_struct_ref_seq.pdbx_auth_seq_align_beg 
_struct_ref_seq.pdbx_auth_seq_align_end 
1 1 6PJA A 22 ? 211 ? A0A0J2E248 87  ? 276 ? 87  276 
2 2 6PJA B 1  ? 5   ? 6PJA       500 ? 504 ? 500 504 
# 
loop_
_struct_ref_seq_dif.align_id 
_struct_ref_seq_dif.pdbx_pdb_id_code 
_struct_ref_seq_dif.mon_id 
_struct_ref_seq_dif.pdbx_pdb_strand_id 
_struct_ref_seq_dif.seq_num 
_struct_ref_seq_dif.pdbx_pdb_ins_code 
_struct_ref_seq_dif.pdbx_seq_db_name 
_struct_ref_seq_dif.pdbx_seq_db_accession_code 
_struct_ref_seq_dif.db_mon_id 
_struct_ref_seq_dif.pdbx_seq_db_seq_num 
_struct_ref_seq_dif.details 
_struct_ref_seq_dif.pdbx_auth_seq_num 
_struct_ref_seq_dif.pdbx_ordinal 
1 6PJA MET A 1   ? UNP A0A0J2E248 ?   ?   'initiating methionine' 66  1  
1 6PJA GLY A 2   ? UNP A0A0J2E248 ?   ?   'expression tag'        67  2  
1 6PJA SER A 3   ? UNP A0A0J2E248 ?   ?   'expression tag'        68  3  
1 6PJA SER A 4   ? UNP A0A0J2E248 ?   ?   'expression tag'        69  4  
1 6PJA HIS A 5   ? UNP A0A0J2E248 ?   ?   'expression tag'        70  5  
1 6PJA HIS A 6   ? UNP A0A0J2E248 ?   ?   'expression tag'        71  6  
1 6PJA HIS A 7   ? UNP A0A0J2E248 ?   ?   'expression tag'        72  7  
1 6PJA HIS A 8   ? UNP A0A0J2E248 ?   ?   'expression tag'        73  8  
1 6PJA HIS A 9   ? UNP A0A0J2E248 ?   ?   'expression tag'        74  9  
1 6PJA HIS A 10  ? UNP A0A0J2E248 ?   ?   'expression tag'        75  10 
1 6PJA SER A 11  ? UNP A0A0J2E248 ?   ?   'expression tag'        76  11 
1 6PJA SER A 12  ? UNP A0A0J2E248 ?   ?   'expression tag'        77  12 
1 6PJA GLY A 13  ? UNP A0A0J2E248 ?   ?   'expression tag'        78  13 
1 6PJA LEU A 14  ? UNP A0A0J2E248 ?   ?   'expression tag'        79  14 
1 6PJA VAL A 15  ? UNP A0A0J2E248 ?   ?   'expression tag'        80  15 
1 6PJA PRO A 16  ? UNP A0A0J2E248 ?   ?   'expression tag'        81  16 
1 6PJA ARG A 17  ? UNP A0A0J2E248 ?   ?   'expression tag'        82  17 
1 6PJA GLY A 18  ? UNP A0A0J2E248 ?   ?   'expression tag'        83  18 
1 6PJA SER A 19  ? UNP A0A0J2E248 ?   ?   'expression tag'        84  19 
1 6PJA HIS A 20  ? UNP A0A0J2E248 ?   ?   'expression tag'        85  20 
1 6PJA MET A 21  ? UNP A0A0J2E248 ?   ?   'expression tag'        86  21 
1 6PJA PHE A 140 ? UNP A0A0J2E248 TYR 205 'engineered mutation'   205 22 
# 
_pdbx_struct_assembly.id                   1 
_pdbx_struct_assembly.details              author_and_software_defined_assembly 
_pdbx_struct_assembly.method_details       PISA 
_pdbx_struct_assembly.oligomeric_details   dimeric 
_pdbx_struct_assembly.oligomeric_count     2 
# 
loop_
_pdbx_struct_assembly_prop.biol_id 
_pdbx_struct_assembly_prop.type 
_pdbx_struct_assembly_prop.value 
_pdbx_struct_assembly_prop.details 
1 'ABSA (A^2)' 1050 ? 
1 MORE         -8   ? 
1 'SSA (A^2)'  9280 ? 
# 
_pdbx_struct_assembly_gen.assembly_id       1 
_pdbx_struct_assembly_gen.oper_expression   1 
_pdbx_struct_assembly_gen.asym_id_list      A,B,C 
# 
_pdbx_struct_assembly_auth_evidence.id                     1 
_pdbx_struct_assembly_auth_evidence.assembly_id            1 
_pdbx_struct_assembly_auth_evidence.experimental_support   none 
_pdbx_struct_assembly_auth_evidence.details                ? 
# 
_pdbx_struct_oper_list.id                   1 
_pdbx_struct_oper_list.type                 'identity operation' 
_pdbx_struct_oper_list.name                 1_555 
_pdbx_struct_oper_list.symmetry_operation   x,y,z 
_pdbx_struct_oper_list.matrix[1][1]         1.0000000000 
_pdbx_struct_oper_list.matrix[1][2]         0.0000000000 
_pdbx_struct_oper_list.matrix[1][3]         0.0000000000 
_pdbx_struct_oper_list.vector[1]            0.0000000000 
_pdbx_struct_oper_list.matrix[2][1]         0.0000000000 
_pdbx_struct_oper_list.matrix[2][2]         1.0000000000 
_pdbx_struct_oper_list.matrix[2][3]         0.0000000000 
_pdbx_struct_oper_list.vector[2]            0.0000000000 
_pdbx_struct_oper_list.matrix[3][1]         0.0000000000 
_pdbx_struct_oper_list.matrix[3][2]         0.0000000000 
_pdbx_struct_oper_list.matrix[3][3]         1.0000000000 
_pdbx_struct_oper_list.vector[3]            0.0000000000 
# 
loop_
_struct_conf.conf_type_id 
_struct_conf.id 
_struct_conf.pdbx_PDB_helix_id 
_struct_conf.beg_label_comp_id 
_struct_conf.beg_label_asym_id 
_struct_conf.beg_label_seq_id 
_struct_conf.pdbx_beg_PDB_ins_code 
_struct_conf.end_label_comp_id 
_struct_conf.end_label_asym_id 
_struct_conf.end_label_seq_id 
_struct_conf.pdbx_end_PDB_ins_code 
_struct_conf.beg_auth_comp_id 
_struct_conf.beg_auth_asym_id 
_struct_conf.beg_auth_seq_id 
_struct_conf.end_auth_comp_id 
_struct_conf.end_auth_asym_id 
_struct_conf.end_auth_seq_id 
_struct_conf.pdbx_PDB_helix_class 
_struct_conf.details 
_struct_conf.pdbx_PDB_helix_length 
HELX_P HELX_P1  AA1 GLY A 29  ? GLY A 50  ? GLY A 94  GLY A 115 1 ? 22 
HELX_P HELX_P2  AA2 GLY A 50  ? ALA A 59  ? GLY A 115 ALA A 124 1 ? 10 
HELX_P HELX_P3  AA3 ASP A 63  ? LYS A 67  ? ASP A 128 LYS A 132 5 ? 5  
HELX_P HELX_P4  AA4 TRP A 71  ? HIS A 76  ? TRP A 136 HIS A 141 1 ? 6  
HELX_P HELX_P5  AA5 ALA A 77  ? MET A 79  ? ALA A 142 MET A 144 5 ? 3  
HELX_P HELX_P6  AA6 SER A 82  ? GLY A 105 ? SER A 147 GLY A 170 1 ? 24 
HELX_P HELX_P7  AA7 GLY A 105 ? GLY A 129 ? GLY A 170 GLY A 194 1 ? 25 
HELX_P HELX_P8  AA8 LEU A 135 ? ASP A 153 ? LEU A 200 ASP A 218 1 ? 19 
HELX_P HELX_P9  AA9 PRO A 154 ? GLY A 157 ? PRO A 219 GLY A 222 5 ? 4  
HELX_P HELX_P10 AB1 GLN A 161 ? PHE A 177 ? GLN A 226 PHE A 242 1 ? 17 
HELX_P HELX_P11 AB2 ALA A 185 ? SER A 204 ? ALA A 250 SER A 269 1 ? 20 
# 
_struct_conf_type.id          HELX_P 
_struct_conf_type.criteria    ? 
_struct_conf_type.reference   ? 
# 
_struct_sheet.id               AA1 
_struct_sheet.type             ? 
_struct_sheet.number_strands   2 
_struct_sheet.details          ? 
# 
_struct_sheet_order.sheet_id     AA1 
_struct_sheet_order.range_id_1   1 
_struct_sheet_order.range_id_2   2 
_struct_sheet_order.offset       ? 
_struct_sheet_order.sense        parallel 
# 
loop_
_struct_sheet_range.sheet_id 
_struct_sheet_range.id 
_struct_sheet_range.beg_label_comp_id 
_struct_sheet_range.beg_label_asym_id 
_struct_sheet_range.beg_label_seq_id 
_struct_sheet_range.pdbx_beg_PDB_ins_code 
_struct_sheet_range.end_label_comp_id 
_struct_sheet_range.end_label_asym_id 
_struct_sheet_range.end_label_seq_id 
_struct_sheet_range.pdbx_end_PDB_ins_code 
_struct_sheet_range.beg_auth_comp_id 
_struct_sheet_range.beg_auth_asym_id 
_struct_sheet_range.beg_auth_seq_id 
_struct_sheet_range.end_auth_comp_id 
_struct_sheet_range.end_auth_asym_id 
_struct_sheet_range.end_auth_seq_id 
AA1 1 PHE A 132 ? GLY A 134 ? PHE A 197 GLY A 199 
AA1 2 ARG B 2   ? ALA B 4   ? ARG B 501 ALA B 503 
# 
_pdbx_struct_sheet_hbond.sheet_id                AA1 
_pdbx_struct_sheet_hbond.range_id_1              1 
_pdbx_struct_sheet_hbond.range_id_2              2 
_pdbx_struct_sheet_hbond.range_1_label_atom_id   N 
_pdbx_struct_sheet_hbond.range_1_label_comp_id   GLY 
_pdbx_struct_sheet_hbond.range_1_label_asym_id   A 
_pdbx_struct_sheet_hbond.range_1_label_seq_id    133 
_pdbx_struct_sheet_hbond.range_1_PDB_ins_code    ? 
_pdbx_struct_sheet_hbond.range_1_auth_atom_id    N 
_pdbx_struct_sheet_hbond.range_1_auth_comp_id    GLY 
_pdbx_struct_sheet_hbond.range_1_auth_asym_id    A 
_pdbx_struct_sheet_hbond.range_1_auth_seq_id     198 
_pdbx_struct_sheet_hbond.range_2_label_atom_id   O 
_pdbx_struct_sheet_hbond.range_2_label_comp_id   ALA 
_pdbx_struct_sheet_hbond.range_2_label_asym_id   B 
_pdbx_struct_sheet_hbond.range_2_label_seq_id    4 
_pdbx_struct_sheet_hbond.range_2_PDB_ins_code    ? 
_pdbx_struct_sheet_hbond.range_2_auth_atom_id    O 
_pdbx_struct_sheet_hbond.range_2_auth_comp_id    ALA 
_pdbx_struct_sheet_hbond.range_2_auth_asym_id    B 
_pdbx_struct_sheet_hbond.range_2_auth_seq_id     503 
# 
_pdbx_validate_close_contact.id               1 
_pdbx_validate_close_contact.PDB_model_num    1 
_pdbx_validate_close_contact.auth_atom_id_1   OG 
_pdbx_validate_close_contact.auth_asym_id_1   A 
_pdbx_validate_close_contact.auth_comp_id_1   SER 
_pdbx_validate_close_contact.auth_seq_id_1    201 
_pdbx_validate_close_contact.PDB_ins_code_1   ? 
_pdbx_validate_close_contact.label_alt_id_1   ? 
_pdbx_validate_close_contact.auth_atom_id_2   C 
_pdbx_validate_close_contact.auth_asym_id_2   B 
_pdbx_validate_close_contact.auth_comp_id_2   ALA 
_pdbx_validate_close_contact.auth_seq_id_2    503 
_pdbx_validate_close_contact.PDB_ins_code_2   ? 
_pdbx_validate_close_contact.label_alt_id_2   ? 
_pdbx_validate_close_contact.dist             1.63 
# 
_pdbx_validate_rmsd_bond.id                        1 
_pdbx_validate_rmsd_bond.PDB_model_num             1 
_pdbx_validate_rmsd_bond.auth_atom_id_1            C 
_pdbx_validate_rmsd_bond.auth_asym_id_1            B 
_pdbx_validate_rmsd_bond.auth_comp_id_1            ALA 
_pdbx_validate_rmsd_bond.auth_seq_id_1             503 
_pdbx_validate_rmsd_bond.PDB_ins_code_1            ? 
_pdbx_validate_rmsd_bond.label_alt_id_1            ? 
_pdbx_validate_rmsd_bond.auth_atom_id_2            O 
_pdbx_validate_rmsd_bond.auth_asym_id_2            B 
_pdbx_validate_rmsd_bond.auth_comp_id_2            ALA 
_pdbx_validate_rmsd_bond.auth_seq_id_2             503 
_pdbx_validate_rmsd_bond.PDB_ins_code_2            ? 
_pdbx_validate_rmsd_bond.label_alt_id_2            ? 
_pdbx_validate_rmsd_bond.bond_value                1.459 
_pdbx_validate_rmsd_bond.bond_target_value         1.229 
_pdbx_validate_rmsd_bond.bond_deviation            0.230 
_pdbx_validate_rmsd_bond.bond_standard_deviation   0.019 
_pdbx_validate_rmsd_bond.linker_flag               N 
# 
loop_
_pdbx_validate_rmsd_angle.id 
_pdbx_validate_rmsd_angle.PDB_model_num 
_pdbx_validate_rmsd_angle.auth_atom_id_1 
_pdbx_validate_rmsd_angle.auth_asym_id_1 
_pdbx_validate_rmsd_angle.auth_comp_id_1 
_pdbx_validate_rmsd_angle.auth_seq_id_1 
_pdbx_validate_rmsd_angle.PDB_ins_code_1 
_pdbx_validate_rmsd_angle.label_alt_id_1 
_pdbx_validate_rmsd_angle.auth_atom_id_2 
_pdbx_validate_rmsd_angle.auth_asym_id_2 
_pdbx_validate_rmsd_angle.auth_comp_id_2 
_pdbx_validate_rmsd_angle.auth_seq_id_2 
_pdbx_validate_rmsd_angle.PDB_ins_code_2 
_pdbx_validate_rmsd_angle.label_alt_id_2 
_pdbx_validate_rmsd_angle.auth_atom_id_3 
_pdbx_validate_rmsd_angle.auth_asym_id_3 
_pdbx_validate_rmsd_angle.auth_comp_id_3 
_pdbx_validate_rmsd_angle.auth_seq_id_3 
_pdbx_validate_rmsd_angle.PDB_ins_code_3 
_pdbx_validate_rmsd_angle.label_alt_id_3 
_pdbx_validate_rmsd_angle.angle_value 
_pdbx_validate_rmsd_angle.angle_target_value 
_pdbx_validate_rmsd_angle.angle_deviation 
_pdbx_validate_rmsd_angle.angle_standard_deviation 
_pdbx_validate_rmsd_angle.linker_flag 
1 1 O B ALA 503 ? ? C B ALA 503 ? ? N  B ALA 504 ? ? 88.10  122.70 -34.60 1.60 Y 
2 1 C B ALA 503 ? ? N B ALA 504 ? ? CA B ALA 504 ? ? 141.14 121.70 19.44  2.50 Y 
# 
loop_
_pdbx_validate_torsion.id 
_pdbx_validate_torsion.PDB_model_num 
_pdbx_validate_torsion.auth_comp_id 
_pdbx_validate_torsion.auth_asym_id 
_pdbx_validate_torsion.auth_seq_id 
_pdbx_validate_torsion.PDB_ins_code 
_pdbx_validate_torsion.label_alt_id 
_pdbx_validate_torsion.phi 
_pdbx_validate_torsion.psi 
1 1 SER A 193 ? ? -147.89 11.02 
2 1 SER A 248 ? ? 178.99  64.19 
3 1 ALA B 503 ? ? -104.70 45.14 
# 
_pdbx_validate_peptide_omega.id               1 
_pdbx_validate_peptide_omega.PDB_model_num    1 
_pdbx_validate_peptide_omega.auth_comp_id_1   ALA 
_pdbx_validate_peptide_omega.auth_asym_id_1   B 
_pdbx_validate_peptide_omega.auth_seq_id_1    503 
_pdbx_validate_peptide_omega.PDB_ins_code_1   ? 
_pdbx_validate_peptide_omega.label_alt_id_1   ? 
_pdbx_validate_peptide_omega.auth_comp_id_2   ALA 
_pdbx_validate_peptide_omega.auth_asym_id_2   B 
_pdbx_validate_peptide_omega.auth_seq_id_2    504 
_pdbx_validate_peptide_omega.PDB_ins_code_2   ? 
_pdbx_validate_peptide_omega.label_alt_id_2   ? 
_pdbx_validate_peptide_omega.omega            43.05 
# 
_pdbx_validate_main_chain_plane.id                       1 
_pdbx_validate_main_chain_plane.PDB_model_num            1 
_pdbx_validate_main_chain_plane.auth_comp_id             ALA 
_pdbx_validate_main_chain_plane.auth_asym_id             B 
_pdbx_validate_main_chain_plane.auth_seq_id              503 
_pdbx_validate_main_chain_plane.PDB_ins_code             ? 
_pdbx_validate_main_chain_plane.label_alt_id             ? 
_pdbx_validate_main_chain_plane.improper_torsion_angle   41.46 
# 
loop_
_pdbx_unobs_or_zero_occ_residues.id 
_pdbx_unobs_or_zero_occ_residues.PDB_model_num 
_pdbx_unobs_or_zero_occ_residues.polymer_flag 
_pdbx_unobs_or_zero_occ_residues.occupancy_flag 
_pdbx_unobs_or_zero_occ_residues.auth_asym_id 
_pdbx_unobs_or_zero_occ_residues.auth_comp_id 
_pdbx_unobs_or_zero_occ_residues.auth_seq_id 
_pdbx_unobs_or_zero_occ_residues.PDB_ins_code 
_pdbx_unobs_or_zero_occ_residues.label_asym_id 
_pdbx_unobs_or_zero_occ_residues.label_comp_id 
_pdbx_unobs_or_zero_occ_residues.label_seq_id 
1  1 Y 1 A MET 66  ? A MET 1   
2  1 Y 1 A GLY 67  ? A GLY 2   
3  1 Y 1 A SER 68  ? A SER 3   
4  1 Y 1 A SER 69  ? A SER 4   
5  1 Y 1 A HIS 70  ? A HIS 5   
6  1 Y 1 A HIS 71  ? A HIS 6   
7  1 Y 1 A HIS 72  ? A HIS 7   
8  1 Y 1 A HIS 73  ? A HIS 8   
9  1 Y 1 A HIS 74  ? A HIS 9   
10 1 Y 1 A HIS 75  ? A HIS 10  
11 1 Y 1 A SER 76  ? A SER 11  
12 1 Y 1 A SER 77  ? A SER 12  
13 1 Y 1 A GLY 78  ? A GLY 13  
14 1 Y 1 A LEU 79  ? A LEU 14  
15 1 Y 1 A VAL 80  ? A VAL 15  
16 1 Y 1 A PRO 81  ? A PRO 16  
17 1 Y 1 A ARG 82  ? A ARG 17  
18 1 Y 1 A GLY 83  ? A GLY 18  
19 1 Y 1 A SER 84  ? A SER 19  
20 1 Y 1 A HIS 85  ? A HIS 20  
21 1 Y 1 A MET 86  ? A MET 21  
22 1 Y 1 A ALA 87  ? A ALA 22  
23 1 Y 1 A ALA 88  ? A ALA 23  
24 1 Y 1 A LEU 89  ? A LEU 24  
25 1 Y 1 A ARG 90  ? A ARG 25  
26 1 Y 1 A GLU 91  ? A GLU 26  
27 1 Y 1 A ARG 92  ? A ARG 27  
28 1 Y 1 A LEU 244 ? A LEU 179 
29 1 Y 1 A PHE 245 ? A PHE 180 
30 1 Y 1 A GLY 246 ? A GLY 181 
31 1 Y 1 A ARG 273 ? A ARG 208 
32 1 Y 1 A LYS 274 ? A LYS 209 
33 1 Y 1 A ARG 275 ? A ARG 210 
34 1 Y 1 A LYS 276 ? A LYS 211 
# 
loop_
_chem_comp_atom.comp_id 
_chem_comp_atom.atom_id 
_chem_comp_atom.type_symbol 
_chem_comp_atom.pdbx_aromatic_flag 
_chem_comp_atom.pdbx_stereo_config 
_chem_comp_atom.pdbx_ordinal 
ALA N    N N N 1   
ALA CA   C N S 2   
ALA C    C N N 3   
ALA O    O N N 4   
ALA CB   C N N 5   
ALA OXT  O N N 6   
ALA H    H N N 7   
ALA H2   H N N 8   
ALA HA   H N N 9   
ALA HB1  H N N 10  
ALA HB2  H N N 11  
ALA HB3  H N N 12  
ALA HXT  H N N 13  
ARG N    N N N 14  
ARG CA   C N S 15  
ARG C    C N N 16  
ARG O    O N N 17  
ARG CB   C N N 18  
ARG CG   C N N 19  
ARG CD   C N N 20  
ARG NE   N N N 21  
ARG CZ   C N N 22  
ARG NH1  N N N 23  
ARG NH2  N N N 24  
ARG OXT  O N N 25  
ARG H    H N N 26  
ARG H2   H N N 27  
ARG HA   H N N 28  
ARG HB2  H N N 29  
ARG HB3  H N N 30  
ARG HG2  H N N 31  
ARG HG3  H N N 32  
ARG HD2  H N N 33  
ARG HD3  H N N 34  
ARG HE   H N N 35  
ARG HH11 H N N 36  
ARG HH12 H N N 37  
ARG HH21 H N N 38  
ARG HH22 H N N 39  
ARG HXT  H N N 40  
ASN N    N N N 41  
ASN CA   C N S 42  
ASN C    C N N 43  
ASN O    O N N 44  
ASN CB   C N N 45  
ASN CG   C N N 46  
ASN OD1  O N N 47  
ASN ND2  N N N 48  
ASN OXT  O N N 49  
ASN H    H N N 50  
ASN H2   H N N 51  
ASN HA   H N N 52  
ASN HB2  H N N 53  
ASN HB3  H N N 54  
ASN HD21 H N N 55  
ASN HD22 H N N 56  
ASN HXT  H N N 57  
ASP N    N N N 58  
ASP CA   C N S 59  
ASP C    C N N 60  
ASP O    O N N 61  
ASP CB   C N N 62  
ASP CG   C N N 63  
ASP OD1  O N N 64  
ASP OD2  O N N 65  
ASP OXT  O N N 66  
ASP H    H N N 67  
ASP H2   H N N 68  
ASP HA   H N N 69  
ASP HB2  H N N 70  
ASP HB3  H N N 71  
ASP HD2  H N N 72  
ASP HXT  H N N 73  
CYS N    N N N 74  
CYS CA   C N R 75  
CYS C    C N N 76  
CYS O    O N N 77  
CYS CB   C N N 78  
CYS SG   S N N 79  
CYS OXT  O N N 80  
CYS H    H N N 81  
CYS H2   H N N 82  
CYS HA   H N N 83  
CYS HB2  H N N 84  
CYS HB3  H N N 85  
CYS HG   H N N 86  
CYS HXT  H N N 87  
GLN N    N N N 88  
GLN CA   C N S 89  
GLN C    C N N 90  
GLN O    O N N 91  
GLN CB   C N N 92  
GLN CG   C N N 93  
GLN CD   C N N 94  
GLN OE1  O N N 95  
GLN NE2  N N N 96  
GLN OXT  O N N 97  
GLN H    H N N 98  
GLN H2   H N N 99  
GLN HA   H N N 100 
GLN HB2  H N N 101 
GLN HB3  H N N 102 
GLN HG2  H N N 103 
GLN HG3  H N N 104 
GLN HE21 H N N 105 
GLN HE22 H N N 106 
GLN HXT  H N N 107 
GLU N    N N N 108 
GLU CA   C N S 109 
GLU C    C N N 110 
GLU O    O N N 111 
GLU CB   C N N 112 
GLU CG   C N N 113 
GLU CD   C N N 114 
GLU OE1  O N N 115 
GLU OE2  O N N 116 
GLU OXT  O N N 117 
GLU H    H N N 118 
GLU H2   H N N 119 
GLU HA   H N N 120 
GLU HB2  H N N 121 
GLU HB3  H N N 122 
GLU HG2  H N N 123 
GLU HG3  H N N 124 
GLU HE2  H N N 125 
GLU HXT  H N N 126 
GLY N    N N N 127 
GLY CA   C N N 128 
GLY C    C N N 129 
GLY O    O N N 130 
GLY OXT  O N N 131 
GLY H    H N N 132 
GLY H2   H N N 133 
GLY HA2  H N N 134 
GLY HA3  H N N 135 
GLY HXT  H N N 136 
HIS N    N N N 137 
HIS CA   C N S 138 
HIS C    C N N 139 
HIS O    O N N 140 
HIS CB   C N N 141 
HIS CG   C Y N 142 
HIS ND1  N Y N 143 
HIS CD2  C Y N 144 
HIS CE1  C Y N 145 
HIS NE2  N Y N 146 
HIS OXT  O N N 147 
HIS H    H N N 148 
HIS H2   H N N 149 
HIS HA   H N N 150 
HIS HB2  H N N 151 
HIS HB3  H N N 152 
HIS HD1  H N N 153 
HIS HD2  H N N 154 
HIS HE1  H N N 155 
HIS HE2  H N N 156 
HIS HXT  H N N 157 
HOH O    O N N 158 
HOH H1   H N N 159 
HOH H2   H N N 160 
ILE N    N N N 161 
ILE CA   C N S 162 
ILE C    C N N 163 
ILE O    O N N 164 
ILE CB   C N S 165 
ILE CG1  C N N 166 
ILE CG2  C N N 167 
ILE CD1  C N N 168 
ILE OXT  O N N 169 
ILE H    H N N 170 
ILE H2   H N N 171 
ILE HA   H N N 172 
ILE HB   H N N 173 
ILE HG12 H N N 174 
ILE HG13 H N N 175 
ILE HG21 H N N 176 
ILE HG22 H N N 177 
ILE HG23 H N N 178 
ILE HD11 H N N 179 
ILE HD12 H N N 180 
ILE HD13 H N N 181 
ILE HXT  H N N 182 
LEU N    N N N 183 
LEU CA   C N S 184 
LEU C    C N N 185 
LEU O    O N N 186 
LEU CB   C N N 187 
LEU CG   C N N 188 
LEU CD1  C N N 189 
LEU CD2  C N N 190 
LEU OXT  O N N 191 
LEU H    H N N 192 
LEU H2   H N N 193 
LEU HA   H N N 194 
LEU HB2  H N N 195 
LEU HB3  H N N 196 
LEU HG   H N N 197 
LEU HD11 H N N 198 
LEU HD12 H N N 199 
LEU HD13 H N N 200 
LEU HD21 H N N 201 
LEU HD22 H N N 202 
LEU HD23 H N N 203 
LEU HXT  H N N 204 
LYS N    N N N 205 
LYS CA   C N S 206 
LYS C    C N N 207 
LYS O    O N N 208 
LYS CB   C N N 209 
LYS CG   C N N 210 
LYS CD   C N N 211 
LYS CE   C N N 212 
LYS NZ   N N N 213 
LYS OXT  O N N 214 
LYS H    H N N 215 
LYS H2   H N N 216 
LYS HA   H N N 217 
LYS HB2  H N N 218 
LYS HB3  H N N 219 
LYS HG2  H N N 220 
LYS HG3  H N N 221 
LYS HD2  H N N 222 
LYS HD3  H N N 223 
LYS HE2  H N N 224 
LYS HE3  H N N 225 
LYS HZ1  H N N 226 
LYS HZ2  H N N 227 
LYS HZ3  H N N 228 
LYS HXT  H N N 229 
MET N    N N N 230 
MET CA   C N S 231 
MET C    C N N 232 
MET O    O N N 233 
MET CB   C N N 234 
MET CG   C N N 235 
MET SD   S N N 236 
MET CE   C N N 237 
MET OXT  O N N 238 
MET H    H N N 239 
MET H2   H N N 240 
MET HA   H N N 241 
MET HB2  H N N 242 
MET HB3  H N N 243 
MET HG2  H N N 244 
MET HG3  H N N 245 
MET HE1  H N N 246 
MET HE2  H N N 247 
MET HE3  H N N 248 
MET HXT  H N N 249 
PHE N    N N N 250 
PHE CA   C N S 251 
PHE C    C N N 252 
PHE O    O N N 253 
PHE CB   C N N 254 
PHE CG   C Y N 255 
PHE CD1  C Y N 256 
PHE CD2  C Y N 257 
PHE CE1  C Y N 258 
PHE CE2  C Y N 259 
PHE CZ   C Y N 260 
PHE OXT  O N N 261 
PHE H    H N N 262 
PHE H2   H N N 263 
PHE HA   H N N 264 
PHE HB2  H N N 265 
PHE HB3  H N N 266 
PHE HD1  H N N 267 
PHE HD2  H N N 268 
PHE HE1  H N N 269 
PHE HE2  H N N 270 
PHE HZ   H N N 271 
PHE HXT  H N N 272 
PRO N    N N N 273 
PRO CA   C N S 274 
PRO C    C N N 275 
PRO O    O N N 276 
PRO CB   C N N 277 
PRO CG   C N N 278 
PRO CD   C N N 279 
PRO OXT  O N N 280 
PRO H    H N N 281 
PRO HA   H N N 282 
PRO HB2  H N N 283 
PRO HB3  H N N 284 
PRO HG2  H N N 285 
PRO HG3  H N N 286 
PRO HD2  H N N 287 
PRO HD3  H N N 288 
PRO HXT  H N N 289 
SER N    N N N 290 
SER CA   C N S 291 
SER C    C N N 292 
SER O    O N N 293 
SER CB   C N N 294 
SER OG   O N N 295 
SER OXT  O N N 296 
SER H    H N N 297 
SER H2   H N N 298 
SER HA   H N N 299 
SER HB2  H N N 300 
SER HB3  H N N 301 
SER HG   H N N 302 
SER HXT  H N N 303 
THR N    N N N 304 
THR CA   C N S 305 
THR C    C N N 306 
THR O    O N N 307 
THR CB   C N R 308 
THR OG1  O N N 309 
THR CG2  C N N 310 
THR OXT  O N N 311 
THR H    H N N 312 
THR H2   H N N 313 
THR HA   H N N 314 
THR HB   H N N 315 
THR HG1  H N N 316 
THR HG21 H N N 317 
THR HG22 H N N 318 
THR HG23 H N N 319 
THR HXT  H N N 320 
TRP N    N N N 321 
TRP CA   C N S 322 
TRP C    C N N 323 
TRP O    O N N 324 
TRP CB   C N N 325 
TRP CG   C Y N 326 
TRP CD1  C Y N 327 
TRP CD2  C Y N 328 
TRP NE1  N Y N 329 
TRP CE2  C Y N 330 
TRP CE3  C Y N 331 
TRP CZ2  C Y N 332 
TRP CZ3  C Y N 333 
TRP CH2  C Y N 334 
TRP OXT  O N N 335 
TRP H    H N N 336 
TRP H2   H N N 337 
TRP HA   H N N 338 
TRP HB2  H N N 339 
TRP HB3  H N N 340 
TRP HD1  H N N 341 
TRP HE1  H N N 342 
TRP HE3  H N N 343 
TRP HZ2  H N N 344 
TRP HZ3  H N N 345 
TRP HH2  H N N 346 
TRP HXT  H N N 347 
TYR N    N N N 348 
TYR CA   C N S 349 
TYR C    C N N 350 
TYR O    O N N 351 
TYR CB   C N N 352 
TYR CG   C Y N 353 
TYR CD1  C Y N 354 
TYR CD2  C Y N 355 
TYR CE1  C Y N 356 
TYR CE2  C Y N 357 
TYR CZ   C Y N 358 
TYR OH   O N N 359 
TYR OXT  O N N 360 
TYR H    H N N 361 
TYR H2   H N N 362 
TYR HA   H N N 363 
TYR HB2  H N N 364 
TYR HB3  H N N 365 
TYR HD1  H N N 366 
TYR HD2  H N N 367 
TYR HE1  H N N 368 
TYR HE2  H N N 369 
TYR HH   H N N 370 
TYR HXT  H N N 371 
VAL N    N N N 372 
VAL CA   C N S 373 
VAL C    C N N 374 
VAL O    O N N 375 
VAL CB   C N N 376 
VAL CG1  C N N 377 
VAL CG2  C N N 378 
VAL OXT  O N N 379 
VAL H    H N N 380 
VAL H2   H N N 381 
VAL HA   H N N 382 
VAL HB   H N N 383 
VAL HG11 H N N 384 
VAL HG12 H N N 385 
VAL HG13 H N N 386 
VAL HG21 H N N 387 
VAL HG22 H N N 388 
VAL HG23 H N N 389 
VAL HXT  H N N 390 
# 
loop_
_chem_comp_bond.comp_id 
_chem_comp_bond.atom_id_1 
_chem_comp_bond.atom_id_2 
_chem_comp_bond.value_order 
_chem_comp_bond.pdbx_aromatic_flag 
_chem_comp_bond.pdbx_stereo_config 
_chem_comp_bond.pdbx_ordinal 
ALA N   CA   sing N N 1   
ALA N   H    sing N N 2   
ALA N   H2   sing N N 3   
ALA CA  C    sing N N 4   
ALA CA  CB   sing N N 5   
ALA CA  HA   sing N N 6   
ALA C   O    doub N N 7   
ALA C   OXT  sing N N 8   
ALA CB  HB1  sing N N 9   
ALA CB  HB2  sing N N 10  
ALA CB  HB3  sing N N 11  
ALA OXT HXT  sing N N 12  
ARG N   CA   sing N N 13  
ARG N   H    sing N N 14  
ARG N   H2   sing N N 15  
ARG CA  C    sing N N 16  
ARG CA  CB   sing N N 17  
ARG CA  HA   sing N N 18  
ARG C   O    doub N N 19  
ARG C   OXT  sing N N 20  
ARG CB  CG   sing N N 21  
ARG CB  HB2  sing N N 22  
ARG CB  HB3  sing N N 23  
ARG CG  CD   sing N N 24  
ARG CG  HG2  sing N N 25  
ARG CG  HG3  sing N N 26  
ARG CD  NE   sing N N 27  
ARG CD  HD2  sing N N 28  
ARG CD  HD3  sing N N 29  
ARG NE  CZ   sing N N 30  
ARG NE  HE   sing N N 31  
ARG CZ  NH1  sing N N 32  
ARG CZ  NH2  doub N N 33  
ARG NH1 HH11 sing N N 34  
ARG NH1 HH12 sing N N 35  
ARG NH2 HH21 sing N N 36  
ARG NH2 HH22 sing N N 37  
ARG OXT HXT  sing N N 38  
ASN N   CA   sing N N 39  
ASN N   H    sing N N 40  
ASN N   H2   sing N N 41  
ASN CA  C    sing N N 42  
ASN CA  CB   sing N N 43  
ASN CA  HA   sing N N 44  
ASN C   O    doub N N 45  
ASN C   OXT  sing N N 46  
ASN CB  CG   sing N N 47  
ASN CB  HB2  sing N N 48  
ASN CB  HB3  sing N N 49  
ASN CG  OD1  doub N N 50  
ASN CG  ND2  sing N N 51  
ASN ND2 HD21 sing N N 52  
ASN ND2 HD22 sing N N 53  
ASN OXT HXT  sing N N 54  
ASP N   CA   sing N N 55  
ASP N   H    sing N N 56  
ASP N   H2   sing N N 57  
ASP CA  C    sing N N 58  
ASP CA  CB   sing N N 59  
ASP CA  HA   sing N N 60  
ASP C   O    doub N N 61  
ASP C   OXT  sing N N 62  
ASP CB  CG   sing N N 63  
ASP CB  HB2  sing N N 64  
ASP CB  HB3  sing N N 65  
ASP CG  OD1  doub N N 66  
ASP CG  OD2  sing N N 67  
ASP OD2 HD2  sing N N 68  
ASP OXT HXT  sing N N 69  
CYS N   CA   sing N N 70  
CYS N   H    sing N N 71  
CYS N   H2   sing N N 72  
CYS CA  C    sing N N 73  
CYS CA  CB   sing N N 74  
CYS CA  HA   sing N N 75  
CYS C   O    doub N N 76  
CYS C   OXT  sing N N 77  
CYS CB  SG   sing N N 78  
CYS CB  HB2  sing N N 79  
CYS CB  HB3  sing N N 80  
CYS SG  HG   sing N N 81  
CYS OXT HXT  sing N N 82  
GLN N   CA   sing N N 83  
GLN N   H    sing N N 84  
GLN N   H2   sing N N 85  
GLN CA  C    sing N N 86  
GLN CA  CB   sing N N 87  
GLN CA  HA   sing N N 88  
GLN C   O    doub N N 89  
GLN C   OXT  sing N N 90  
GLN CB  CG   sing N N 91  
GLN CB  HB2  sing N N 92  
GLN CB  HB3  sing N N 93  
GLN CG  CD   sing N N 94  
GLN CG  HG2  sing N N 95  
GLN CG  HG3  sing N N 96  
GLN CD  OE1  doub N N 97  
GLN CD  NE2  sing N N 98  
GLN NE2 HE21 sing N N 99  
GLN NE2 HE22 sing N N 100 
GLN OXT HXT  sing N N 101 
GLU N   CA   sing N N 102 
GLU N   H    sing N N 103 
GLU N   H2   sing N N 104 
GLU CA  C    sing N N 105 
GLU CA  CB   sing N N 106 
GLU CA  HA   sing N N 107 
GLU C   O    doub N N 108 
GLU C   OXT  sing N N 109 
GLU CB  CG   sing N N 110 
GLU CB  HB2  sing N N 111 
GLU CB  HB3  sing N N 112 
GLU CG  CD   sing N N 113 
GLU CG  HG2  sing N N 114 
GLU CG  HG3  sing N N 115 
GLU CD  OE1  doub N N 116 
GLU CD  OE2  sing N N 117 
GLU OE2 HE2  sing N N 118 
GLU OXT HXT  sing N N 119 
GLY N   CA   sing N N 120 
GLY N   H    sing N N 121 
GLY N   H2   sing N N 122 
GLY CA  C    sing N N 123 
GLY CA  HA2  sing N N 124 
GLY CA  HA3  sing N N 125 
GLY C   O    doub N N 126 
GLY C   OXT  sing N N 127 
GLY OXT HXT  sing N N 128 
HIS N   CA   sing N N 129 
HIS N   H    sing N N 130 
HIS N   H2   sing N N 131 
HIS CA  C    sing N N 132 
HIS CA  CB   sing N N 133 
HIS CA  HA   sing N N 134 
HIS C   O    doub N N 135 
HIS C   OXT  sing N N 136 
HIS CB  CG   sing N N 137 
HIS CB  HB2  sing N N 138 
HIS CB  HB3  sing N N 139 
HIS CG  ND1  sing Y N 140 
HIS CG  CD2  doub Y N 141 
HIS ND1 CE1  doub Y N 142 
HIS ND1 HD1  sing N N 143 
HIS CD2 NE2  sing Y N 144 
HIS CD2 HD2  sing N N 145 
HIS CE1 NE2  sing Y N 146 
HIS CE1 HE1  sing N N 147 
HIS NE2 HE2  sing N N 148 
HIS OXT HXT  sing N N 149 
HOH O   H1   sing N N 150 
HOH O   H2   sing N N 151 
ILE N   CA   sing N N 152 
ILE N   H    sing N N 153 
ILE N   H2   sing N N 154 
ILE CA  C    sing N N 155 
ILE CA  CB   sing N N 156 
ILE CA  HA   sing N N 157 
ILE C   O    doub N N 158 
ILE C   OXT  sing N N 159 
ILE CB  CG1  sing N N 160 
ILE CB  CG2  sing N N 161 
ILE CB  HB   sing N N 162 
ILE CG1 CD1  sing N N 163 
ILE CG1 HG12 sing N N 164 
ILE CG1 HG13 sing N N 165 
ILE CG2 HG21 sing N N 166 
ILE CG2 HG22 sing N N 167 
ILE CG2 HG23 sing N N 168 
ILE CD1 HD11 sing N N 169 
ILE CD1 HD12 sing N N 170 
ILE CD1 HD13 sing N N 171 
ILE OXT HXT  sing N N 172 
LEU N   CA   sing N N 173 
LEU N   H    sing N N 174 
LEU N   H2   sing N N 175 
LEU CA  C    sing N N 176 
LEU CA  CB   sing N N 177 
LEU CA  HA   sing N N 178 
LEU C   O    doub N N 179 
LEU C   OXT  sing N N 180 
LEU CB  CG   sing N N 181 
LEU CB  HB2  sing N N 182 
LEU CB  HB3  sing N N 183 
LEU CG  CD1  sing N N 184 
LEU CG  CD2  sing N N 185 
LEU CG  HG   sing N N 186 
LEU CD1 HD11 sing N N 187 
LEU CD1 HD12 sing N N 188 
LEU CD1 HD13 sing N N 189 
LEU CD2 HD21 sing N N 190 
LEU CD2 HD22 sing N N 191 
LEU CD2 HD23 sing N N 192 
LEU OXT HXT  sing N N 193 
LYS N   CA   sing N N 194 
LYS N   H    sing N N 195 
LYS N   H2   sing N N 196 
LYS CA  C    sing N N 197 
LYS CA  CB   sing N N 198 
LYS CA  HA   sing N N 199 
LYS C   O    doub N N 200 
LYS C   OXT  sing N N 201 
LYS CB  CG   sing N N 202 
LYS CB  HB2  sing N N 203 
LYS CB  HB3  sing N N 204 
LYS CG  CD   sing N N 205 
LYS CG  HG2  sing N N 206 
LYS CG  HG3  sing N N 207 
LYS CD  CE   sing N N 208 
LYS CD  HD2  sing N N 209 
LYS CD  HD3  sing N N 210 
LYS CE  NZ   sing N N 211 
LYS CE  HE2  sing N N 212 
LYS CE  HE3  sing N N 213 
LYS NZ  HZ1  sing N N 214 
LYS NZ  HZ2  sing N N 215 
LYS NZ  HZ3  sing N N 216 
LYS OXT HXT  sing N N 217 
MET N   CA   sing N N 218 
MET N   H    sing N N 219 
MET N   H2   sing N N 220 
MET CA  C    sing N N 221 
MET CA  CB   sing N N 222 
MET CA  HA   sing N N 223 
MET C   O    doub N N 224 
MET C   OXT  sing N N 225 
MET CB  CG   sing N N 226 
MET CB  HB2  sing N N 227 
MET CB  HB3  sing N N 228 
MET CG  SD   sing N N 229 
MET CG  HG2  sing N N 230 
MET CG  HG3  sing N N 231 
MET SD  CE   sing N N 232 
MET CE  HE1  sing N N 233 
MET CE  HE2  sing N N 234 
MET CE  HE3  sing N N 235 
MET OXT HXT  sing N N 236 
PHE N   CA   sing N N 237 
PHE N   H    sing N N 238 
PHE N   H2   sing N N 239 
PHE CA  C    sing N N 240 
PHE CA  CB   sing N N 241 
PHE CA  HA   sing N N 242 
PHE C   O    doub N N 243 
PHE C   OXT  sing N N 244 
PHE CB  CG   sing N N 245 
PHE CB  HB2  sing N N 246 
PHE CB  HB3  sing N N 247 
PHE CG  CD1  doub Y N 248 
PHE CG  CD2  sing Y N 249 
PHE CD1 CE1  sing Y N 250 
PHE CD1 HD1  sing N N 251 
PHE CD2 CE2  doub Y N 252 
PHE CD2 HD2  sing N N 253 
PHE CE1 CZ   doub Y N 254 
PHE CE1 HE1  sing N N 255 
PHE CE2 CZ   sing Y N 256 
PHE CE2 HE2  sing N N 257 
PHE CZ  HZ   sing N N 258 
PHE OXT HXT  sing N N 259 
PRO N   CA   sing N N 260 
PRO N   CD   sing N N 261 
PRO N   H    sing N N 262 
PRO CA  C    sing N N 263 
PRO CA  CB   sing N N 264 
PRO CA  HA   sing N N 265 
PRO C   O    doub N N 266 
PRO C   OXT  sing N N 267 
PRO CB  CG   sing N N 268 
PRO CB  HB2  sing N N 269 
PRO CB  HB3  sing N N 270 
PRO CG  CD   sing N N 271 
PRO CG  HG2  sing N N 272 
PRO CG  HG3  sing N N 273 
PRO CD  HD2  sing N N 274 
PRO CD  HD3  sing N N 275 
PRO OXT HXT  sing N N 276 
SER N   CA   sing N N 277 
SER N   H    sing N N 278 
SER N   H2   sing N N 279 
SER CA  C    sing N N 280 
SER CA  CB   sing N N 281 
SER CA  HA   sing N N 282 
SER C   O    doub N N 283 
SER C   OXT  sing N N 284 
SER CB  OG   sing N N 285 
SER CB  HB2  sing N N 286 
SER CB  HB3  sing N N 287 
SER OG  HG   sing N N 288 
SER OXT HXT  sing N N 289 
THR N   CA   sing N N 290 
THR N   H    sing N N 291 
THR N   H2   sing N N 292 
THR CA  C    sing N N 293 
THR CA  CB   sing N N 294 
THR CA  HA   sing N N 295 
THR C   O    doub N N 296 
THR C   OXT  sing N N 297 
THR CB  OG1  sing N N 298 
THR CB  CG2  sing N N 299 
THR CB  HB   sing N N 300 
THR OG1 HG1  sing N N 301 
THR CG2 HG21 sing N N 302 
THR CG2 HG22 sing N N 303 
THR CG2 HG23 sing N N 304 
THR OXT HXT  sing N N 305 
TRP N   CA   sing N N 306 
TRP N   H    sing N N 307 
TRP N   H2   sing N N 308 
TRP CA  C    sing N N 309 
TRP CA  CB   sing N N 310 
TRP CA  HA   sing N N 311 
TRP C   O    doub N N 312 
TRP C   OXT  sing N N 313 
TRP CB  CG   sing N N 314 
TRP CB  HB2  sing N N 315 
TRP CB  HB3  sing N N 316 
TRP CG  CD1  doub Y N 317 
TRP CG  CD2  sing Y N 318 
TRP CD1 NE1  sing Y N 319 
TRP CD1 HD1  sing N N 320 
TRP CD2 CE2  doub Y N 321 
TRP CD2 CE3  sing Y N 322 
TRP NE1 CE2  sing Y N 323 
TRP NE1 HE1  sing N N 324 
TRP CE2 CZ2  sing Y N 325 
TRP CE3 CZ3  doub Y N 326 
TRP CE3 HE3  sing N N 327 
TRP CZ2 CH2  doub Y N 328 
TRP CZ2 HZ2  sing N N 329 
TRP CZ3 CH2  sing Y N 330 
TRP CZ3 HZ3  sing N N 331 
TRP CH2 HH2  sing N N 332 
TRP OXT HXT  sing N N 333 
TYR N   CA   sing N N 334 
TYR N   H    sing N N 335 
TYR N   H2   sing N N 336 
TYR CA  C    sing N N 337 
TYR CA  CB   sing N N 338 
TYR CA  HA   sing N N 339 
TYR C   O    doub N N 340 
TYR C   OXT  sing N N 341 
TYR CB  CG   sing N N 342 
TYR CB  HB2  sing N N 343 
TYR CB  HB3  sing N N 344 
TYR CG  CD1  doub Y N 345 
TYR CG  CD2  sing Y N 346 
TYR CD1 CE1  sing Y N 347 
TYR CD1 HD1  sing N N 348 
TYR CD2 CE2  doub Y N 349 
TYR CD2 HD2  sing N N 350 
TYR CE1 CZ   doub Y N 351 
TYR CE1 HE1  sing N N 352 
TYR CE2 CZ   sing Y N 353 
TYR CE2 HE2  sing N N 354 
TYR CZ  OH   sing N N 355 
TYR OH  HH   sing N N 356 
TYR OXT HXT  sing N N 357 
VAL N   CA   sing N N 358 
VAL N   H    sing N N 359 
VAL N   H2   sing N N 360 
VAL CA  C    sing N N 361 
VAL CA  CB   sing N N 362 
VAL CA  HA   sing N N 363 
VAL C   O    doub N N 364 
VAL C   OXT  sing N N 365 
VAL CB  CG1  sing N N 366 
VAL CB  CG2  sing N N 367 
VAL CB  HB   sing N N 368 
VAL CG1 HG11 sing N N 369 
VAL CG1 HG12 sing N N 370 
VAL CG1 HG13 sing N N 371 
VAL CG2 HG21 sing N N 372 
VAL CG2 HG22 sing N N 373 
VAL CG2 HG23 sing N N 374 
VAL OXT HXT  sing N N 375 
# 
_pdbx_audit_support.funding_organization   'National Institutes of Health/National Human Genome Research Institute (NIH/NHGRI)' 
_pdbx_audit_support.country                'United States' 
_pdbx_audit_support.grant_number           R01AI066025 
_pdbx_audit_support.ordinal                1 
# 
_atom_sites.entry_id                    6PJA 
_atom_sites.Cartn_transf_matrix[1][1]   ? 
_atom_sites.Cartn_transf_matrix[1][2]   ? 
_atom_sites.Cartn_transf_matrix[1][3]   ? 
_atom_sites.Cartn_transf_matrix[2][1]   ? 
_atom_sites.Cartn_transf_matrix[2][2]   ? 
_atom_sites.Cartn_transf_matrix[2][3]   ? 
_atom_sites.Cartn_transf_matrix[3][1]   ? 
_atom_sites.Cartn_transf_matrix[3][2]   ? 
_atom_sites.Cartn_transf_matrix[3][3]   ? 
_atom_sites.Cartn_transf_vector[1]      ? 
_atom_sites.Cartn_transf_vector[2]      ? 
_atom_sites.Cartn_transf_vector[3]      ? 
_atom_sites.fract_transf_matrix[1][1]   -0.00016577 
_atom_sites.fract_transf_matrix[1][2]   -0.00312457 
_atom_sites.fract_transf_matrix[1][3]   -0.01357712 
_atom_sites.fract_transf_matrix[2][1]   0.00948106 
_atom_sites.fract_transf_matrix[2][2]   0.00322432 
_atom_sites.fract_transf_matrix[2][3]   -0.00085779 
_atom_sites.fract_transf_matrix[3][1]   0.00526075 
_atom_sites.fract_transf_matrix[3][2]   -0.01459280 
_atom_sites.fract_transf_matrix[3][3]   0.00329408 
_atom_sites.fract_transf_vector[1]      -0.054469 
_atom_sites.fract_transf_vector[2]      -0.232365 
_atom_sites.fract_transf_vector[3]      -0.018094 
_atom_sites.solution_primary            ? 
_atom_sites.solution_secondary          ? 
_atom_sites.solution_hydrogens          ? 
_atom_sites.special_details             ? 
# 
loop_
_atom_type.symbol 
C 
N 
O 
S 
# 
loop_
_atom_site.group_PDB 
_atom_site.id 
_atom_site.type_symbol 
_atom_site.label_atom_id 
_atom_site.label_alt_id 
_atom_site.label_comp_id 
_atom_site.label_asym_id 
_atom_site.label_entity_id 
_atom_site.label_seq_id 
_atom_site.pdbx_PDB_ins_code 
_atom_site.Cartn_x 
_atom_site.Cartn_y 
_atom_site.Cartn_z 
_atom_site.occupancy 
_atom_site.B_iso_or_equiv 
_atom_site.pdbx_formal_charge 
_atom_site.auth_seq_id 
_atom_site.auth_comp_id 
_atom_site.auth_asym_id 
_atom_site.auth_atom_id 
_atom_site.pdbx_PDB_model_num 
ATOM   1    N N   . ALA A 1 28  ? -7.670  -18.234 4.491   1.00 67.02  ? 93  ALA A N   1 
ATOM   2    C CA  . ALA A 1 28  ? -6.171  -18.343 4.481   1.00 71.06  ? 93  ALA A CA  1 
ATOM   3    C C   . ALA A 1 28  ? -5.585  -17.265 3.564   1.00 67.40  ? 93  ALA A C   1 
ATOM   4    O O   . ALA A 1 28  ? -5.302  -16.151 4.003   1.00 70.34  ? 93  ALA A O   1 
ATOM   5    C CB  . ALA A 1 28  ? -5.753  -19.744 4.083   1.00 67.99  ? 93  ALA A CB  1 
ATOM   6    N N   . GLY A 1 29  ? -5.392  -17.603 2.285   1.00 57.75  ? 94  GLY A N   1 
ATOM   7    C CA  . GLY A 1 29  ? -5.104  -16.608 1.265   1.00 46.64  ? 94  GLY A CA  1 
ATOM   8    C C   . GLY A 1 29  ? -3.639  -16.641 0.857   1.00 48.11  ? 94  GLY A C   1 
ATOM   9    O O   . GLY A 1 29  ? -2.780  -16.158 1.594   1.00 48.20  ? 94  GLY A O   1 
ATOM   10   N N   . PRO A 1 30  ? -3.320  -17.223 -0.322  1.00 47.37  ? 95  PRO A N   1 
ATOM   11   C CA  . PRO A 1 30  ? -1.940  -17.295 -0.802  1.00 48.49  ? 95  PRO A CA  1 
ATOM   12   C C   . PRO A 1 30  ? -1.305  -15.943 -1.143  1.00 52.05  ? 95  PRO A C   1 
ATOM   13   O O   . PRO A 1 30  ? -0.130  -15.727 -0.862  1.00 53.17  ? 95  PRO A O   1 
ATOM   14   C CB  . PRO A 1 30  ? -2.043  -18.193 -2.047  1.00 49.40  ? 95  PRO A CB  1 
ATOM   15   C CG  . PRO A 1 30  ? -3.472  -18.038 -2.515  1.00 47.56  ? 95  PRO A CG  1 
ATOM   16   C CD  . PRO A 1 30  ? -4.275  -17.867 -1.240  1.00 48.06  ? 95  PRO A CD  1 
ATOM   17   N N   . VAL A 1 31  ? -2.072  -15.022 -1.733  1.00 54.32  ? 96  VAL A N   1 
ATOM   18   C CA  . VAL A 1 31  ? -1.484  -13.738 -2.094  1.00 51.20  ? 96  VAL A CA  1 
ATOM   19   C C   . VAL A 1 31  ? -1.405  -12.818 -0.868  1.00 52.99  ? 96  VAL A C   1 
ATOM   20   O O   . VAL A 1 31  ? -0.617  -11.880 -0.873  1.00 53.49  ? 96  VAL A O   1 
ATOM   21   C CB  . VAL A 1 31  ? -2.169  -13.099 -3.323  1.00 47.58  ? 96  VAL A CB  1 
ATOM   22   C CG1 . VAL A 1 31  ? -1.745  -11.665 -3.591  1.00 42.98  ? 96  VAL A CG1 1 
ATOM   23   C CG2 . VAL A 1 31  ? -1.987  -13.935 -4.576  1.00 50.66  ? 96  VAL A CG2 1 
ATOM   24   N N   . THR A 1 32  ? -2.181  -13.111 0.190   1.00 52.59  ? 97  THR A N   1 
ATOM   25   C CA  . THR A 1 32  ? -2.134  -12.365 1.443   1.00 48.85  ? 97  THR A CA  1 
ATOM   26   C C   . THR A 1 32  ? -0.880  -12.727 2.253   1.00 53.69  ? 97  THR A C   1 
ATOM   27   O O   . THR A 1 32  ? -0.220  -11.838 2.804   1.00 46.53  ? 97  THR A O   1 
ATOM   28   C CB  . THR A 1 32  ? -3.409  -12.575 2.268   1.00 45.93  ? 97  THR A CB  1 
ATOM   29   O OG1 . THR A 1 32  ? -4.523  -12.195 1.463   1.00 43.48  ? 97  THR A OG1 1 
ATOM   30   C CG2 . THR A 1 32  ? -3.409  -11.805 3.573   1.00 44.25  ? 97  THR A CG2 1 
ATOM   31   N N   . TRP A 1 33  ? -0.562  -14.038 2.321   1.00 54.57  ? 98  TRP A N   1 
ATOM   32   C CA  . TRP A 1 33  ? 0.577   -14.530 3.090   1.00 50.48  ? 98  TRP A CA  1 
ATOM   33   C C   . TRP A 1 33  ? 1.919   -14.274 2.396   1.00 51.48  ? 98  TRP A C   1 
ATOM   34   O O   . TRP A 1 33  ? 2.880   -13.922 3.076   1.00 49.40  ? 98  TRP A O   1 
ATOM   35   C CB  . TRP A 1 33  ? 0.375   -15.980 3.559   1.00 49.52  ? 98  TRP A CB  1 
ATOM   36   C CG  . TRP A 1 33  ? -0.524  -16.021 4.757   1.00 51.62  ? 98  TRP A CG  1 
ATOM   37   C CD1 . TRP A 1 33  ? -1.876  -16.191 4.745   1.00 50.41  ? 98  TRP A CD1 1 
ATOM   38   C CD2 . TRP A 1 33  ? -0.166  -15.770 6.133   1.00 51.23  ? 98  TRP A CD2 1 
ATOM   39   N NE1 . TRP A 1 33  ? -2.379  -16.107 6.016   1.00 52.60  ? 98  TRP A NE1 1 
ATOM   40   C CE2 . TRP A 1 33  ? -1.360  -15.843 6.890   1.00 50.47  ? 98  TRP A CE2 1 
ATOM   41   C CE3 . TRP A 1 33  ? 1.038   -15.517 6.805   1.00 48.01  ? 98  TRP A CE3 1 
ATOM   42   C CZ2 . TRP A 1 33  ? -1.387  -15.664 8.273   1.00 47.43  ? 98  TRP A CZ2 1 
ATOM   43   C CZ3 . TRP A 1 33  ? 1.016   -15.351 8.174   1.00 43.59  ? 98  TRP A CZ3 1 
ATOM   44   C CH2 . TRP A 1 33  ? -0.181  -15.418 8.892   1.00 46.89  ? 98  TRP A CH2 1 
ATOM   45   N N   . VAL A 1 34  ? 1.977   -14.417 1.059   1.00 49.28  ? 99  VAL A N   1 
ATOM   46   C CA  . VAL A 1 34  ? 3.188   -14.207 0.275   1.00 46.60  ? 99  VAL A CA  1 
ATOM   47   C C   . VAL A 1 34  ? 3.714   -12.778 0.465   1.00 52.99  ? 99  VAL A C   1 
ATOM   48   O O   . VAL A 1 34  ? 4.918   -12.547 0.535   1.00 56.46  ? 99  VAL A O   1 
ATOM   49   C CB  . VAL A 1 34  ? 2.979   -14.574 -1.210  1.00 44.16  ? 99  VAL A CB  1 
ATOM   50   C CG1 . VAL A 1 34  ? 3.998   -13.909 -2.133  1.00 39.98  ? 99  VAL A CG1 1 
ATOM   51   C CG2 . VAL A 1 34  ? 3.012   -16.084 -1.408  1.00 45.75  ? 99  VAL A CG2 1 
ATOM   52   N N   . MET A 1 35  ? 2.803   -11.813 0.582   1.00 56.95  ? 100 MET A N   1 
ATOM   53   C CA  . MET A 1 35  ? 3.177   -10.421 0.752   1.00 55.80  ? 100 MET A CA  1 
ATOM   54   C C   . MET A 1 35  ? 3.613   -10.155 2.185   1.00 55.00  ? 100 MET A C   1 
ATOM   55   O O   . MET A 1 35  ? 4.479   -9.320  2.406   1.00 59.92  ? 100 MET A O   1 
ATOM   56   C CB  . MET A 1 35  ? 2.003   -9.495  0.425   1.00 63.62  ? 100 MET A CB  1 
ATOM   57   C CG  . MET A 1 35  ? 2.023   -8.976  -1.010  1.00 68.79  ? 100 MET A CG  1 
ATOM   58   S SD  . MET A 1 35  ? 2.981   -7.448  -1.250  1.00 70.57  ? 100 MET A SD  1 
ATOM   59   C CE  . MET A 1 35  ? 3.170   -6.900  0.452   1.00 64.85  ? 100 MET A CE  1 
ATOM   60   N N   . MET A 1 36  ? 3.006   -10.847 3.154   1.00 54.93  ? 101 MET A N   1 
ATOM   61   C CA  . MET A 1 36  ? 3.416   -10.670 4.540   1.00 60.12  ? 101 MET A CA  1 
ATOM   62   C C   . MET A 1 36  ? 4.786   -11.305 4.763   1.00 64.37  ? 101 MET A C   1 
ATOM   63   O O   . MET A 1 36  ? 5.516   -10.876 5.655   1.00 69.60  ? 101 MET A O   1 
ATOM   64   C CB  . MET A 1 36  ? 2.418   -11.288 5.522   1.00 54.47  ? 101 MET A CB  1 
ATOM   65   C CG  . MET A 1 36  ? 1.129   -10.532 5.573   1.00 54.76  ? 101 MET A CG  1 
ATOM   66   S SD  . MET A 1 36  ? -0.212  -11.499 6.231   1.00 54.07  ? 101 MET A SD  1 
ATOM   67   C CE  . MET A 1 36  ? 0.126   -11.341 7.984   1.00 50.17  ? 101 MET A CE  1 
ATOM   68   N N   . ILE A 1 37  ? 5.126   -12.316 3.954   1.00 55.86  ? 102 ILE A N   1 
ATOM   69   C CA  . ILE A 1 37  ? 6.398   -12.994 4.118   1.00 58.26  ? 102 ILE A CA  1 
ATOM   70   C C   . ILE A 1 37  ? 7.483   -12.178 3.424   1.00 58.46  ? 102 ILE A C   1 
ATOM   71   O O   . ILE A 1 37  ? 8.573   -12.037 3.974   1.00 56.54  ? 102 ILE A O   1 
ATOM   72   C CB  . ILE A 1 37  ? 6.361   -14.456 3.623   1.00 60.08  ? 102 ILE A CB  1 
ATOM   73   C CG1 . ILE A 1 37  ? 5.395   -15.336 4.428   1.00 52.63  ? 102 ILE A CG1 1 
ATOM   74   C CG2 . ILE A 1 37  ? 7.771   -15.039 3.551   1.00 59.83  ? 102 ILE A CG2 1 
ATOM   75   C CD1 . ILE A 1 37  ? 5.577   -15.275 5.928   1.00 52.43  ? 102 ILE A CD1 1 
ATOM   76   N N   . ALA A 1 38  ? 7.152   -11.623 2.246   1.00 56.58  ? 103 ALA A N   1 
ATOM   77   C CA  . ALA A 1 38  ? 8.067   -10.747 1.532   1.00 51.04  ? 103 ALA A CA  1 
ATOM   78   C C   . ALA A 1 38  ? 8.470   -9.581  2.429   1.00 47.49  ? 103 ALA A C   1 
ATOM   79   O O   . ALA A 1 38  ? 9.652   -9.285  2.525   1.00 50.30  ? 103 ALA A O   1 
ATOM   80   C CB  . ALA A 1 38  ? 7.467   -10.269 0.234   1.00 46.93  ? 103 ALA A CB  1 
ATOM   81   N N   . CYS A 1 39  ? 7.491   -8.944  3.083   1.00 48.47  ? 104 CYS A N   1 
ATOM   82   C CA  . CYS A 1 39  ? 7.708   -7.755  3.898   1.00 54.63  ? 104 CYS A CA  1 
ATOM   83   C C   . CYS A 1 39  ? 8.566   -8.061  5.119   1.00 54.99  ? 104 CYS A C   1 
ATOM   84   O O   . CYS A 1 39  ? 9.288   -7.183  5.589   1.00 56.37  ? 104 CYS A O   1 
ATOM   85   C CB  . CYS A 1 39  ? 6.395   -7.153  4.383   1.00 57.18  ? 104 CYS A CB  1 
ATOM   86   S SG  . CYS A 1 39  ? 5.519   -6.250  3.076   1.00 65.95  ? 104 CYS A SG  1 
ATOM   87   N N   . VAL A 1 40  ? 8.461   -9.300  5.620   1.00 58.72  ? 105 VAL A N   1 
ATOM   88   C CA  . VAL A 1 40  ? 9.217   -9.718  6.790   1.00 59.01  ? 105 VAL A CA  1 
ATOM   89   C C   . VAL A 1 40  ? 10.652  -10.079 6.402   1.00 60.25  ? 105 VAL A C   1 
ATOM   90   O O   . VAL A 1 40  ? 11.583  -9.677  7.106   1.00 60.18  ? 105 VAL A O   1 
ATOM   91   C CB  . VAL A 1 40  ? 8.488   -10.811 7.590   1.00 55.42  ? 105 VAL A CB  1 
ATOM   92   C CG1 . VAL A 1 40  ? 9.454   -11.765 8.277   1.00 52.64  ? 105 VAL A CG1 1 
ATOM   93   C CG2 . VAL A 1 40  ? 7.560   -10.160 8.606   1.00 52.39  ? 105 VAL A CG2 1 
ATOM   94   N N   . VAL A 1 41  ? 10.809  -10.778 5.263   1.00 58.31  ? 106 VAL A N   1 
ATOM   95   C CA  . VAL A 1 41  ? 12.102  -11.121 4.683   1.00 54.47  ? 106 VAL A CA  1 
ATOM   96   C C   . VAL A 1 41  ? 12.906  -9.841  4.427   1.00 58.89  ? 106 VAL A C   1 
ATOM   97   O O   . VAL A 1 41  ? 14.073  -9.774  4.796   1.00 69.57  ? 106 VAL A O   1 
ATOM   98   C CB  . VAL A 1 41  ? 11.938  -12.008 3.426   1.00 52.57  ? 106 VAL A CB  1 
ATOM   99   C CG1 . VAL A 1 41  ? 13.094  -11.922 2.439   1.00 47.38  ? 106 VAL A CG1 1 
ATOM   100  C CG2 . VAL A 1 41  ? 11.651  -13.457 3.779   1.00 46.88  ? 106 VAL A CG2 1 
ATOM   101  N N   . VAL A 1 42  ? 12.283  -8.815  3.824   1.00 57.93  ? 107 VAL A N   1 
ATOM   102  C CA  . VAL A 1 42  ? 12.977  -7.574  3.495   1.00 53.50  ? 107 VAL A CA  1 
ATOM   103  C C   . VAL A 1 42  ? 13.270  -6.762  4.765   1.00 56.42  ? 107 VAL A C   1 
ATOM   104  O O   . VAL A 1 42  ? 14.341  -6.162  4.878   1.00 57.18  ? 107 VAL A O   1 
ATOM   105  C CB  . VAL A 1 42  ? 12.234  -6.767  2.410   1.00 54.50  ? 107 VAL A CB  1 
ATOM   106  C CG1 . VAL A 1 42  ? 12.689  -5.318  2.324   1.00 56.25  ? 107 VAL A CG1 1 
ATOM   107  C CG2 . VAL A 1 42  ? 12.299  -7.436  1.040   1.00 49.64  ? 107 VAL A CG2 1 
ATOM   108  N N   . PHE A 1 43  ? 12.344  -6.760  5.735   1.00 59.07  ? 108 PHE A N   1 
ATOM   109  C CA  . PHE A 1 43  ? 12.589  -6.126  7.023   1.00 58.01  ? 108 PHE A CA  1 
ATOM   110  C C   . PHE A 1 43  ? 13.790  -6.755  7.735   1.00 64.72  ? 108 PHE A C   1 
ATOM   111  O O   . PHE A 1 43  ? 14.617  -6.035  8.291   1.00 72.91  ? 108 PHE A O   1 
ATOM   112  C CB  . PHE A 1 43  ? 11.370  -6.234  7.928   1.00 55.91  ? 108 PHE A CB  1 
ATOM   113  C CG  . PHE A 1 43  ? 11.472  -5.492  9.235   1.00 60.79  ? 108 PHE A CG  1 
ATOM   114  C CD1 . PHE A 1 43  ? 11.545  -6.182  10.436  1.00 65.16  ? 108 PHE A CD1 1 
ATOM   115  C CD2 . PHE A 1 43  ? 11.471  -4.106  9.275   1.00 63.32  ? 108 PHE A CD2 1 
ATOM   116  C CE1 . PHE A 1 43  ? 11.592  -5.506  11.648  1.00 65.86  ? 108 PHE A CE1 1 
ATOM   117  C CE2 . PHE A 1 43  ? 11.533  -3.429  10.486  1.00 65.56  ? 108 PHE A CE2 1 
ATOM   118  C CZ  . PHE A 1 43  ? 11.583  -4.129  11.671  1.00 65.72  ? 108 PHE A CZ  1 
ATOM   119  N N   . ILE A 1 44  ? 13.885  -8.091  7.722   1.00 65.20  ? 109 ILE A N   1 
ATOM   120  C CA  . ILE A 1 44  ? 15.032  -8.793  8.288   1.00 68.76  ? 109 ILE A CA  1 
ATOM   121  C C   . ILE A 1 44  ? 16.348  -8.284  7.678   1.00 69.81  ? 109 ILE A C   1 
ATOM   122  O O   . ILE A 1 44  ? 17.315  -8.024  8.397   1.00 73.85  ? 109 ILE A O   1 
ATOM   123  C CB  . ILE A 1 44  ? 14.871  -10.329 8.171   1.00 63.76  ? 109 ILE A CB  1 
ATOM   124  C CG1 . ILE A 1 44  ? 13.787  -10.854 9.114   1.00 60.53  ? 109 ILE A CG1 1 
ATOM   125  C CG2 . ILE A 1 44  ? 16.199  -11.049 8.400   1.00 62.71  ? 109 ILE A CG2 1 
ATOM   126  C CD1 . ILE A 1 44  ? 13.468  -12.312 8.916   1.00 55.90  ? 109 ILE A CD1 1 
ATOM   127  N N   . ALA A 1 45  ? 16.382  -8.143  6.349   1.00 64.90  ? 110 ALA A N   1 
ATOM   128  C CA  . ALA A 1 45  ? 17.577  -7.712  5.648   1.00 62.53  ? 110 ALA A CA  1 
ATOM   129  C C   . ALA A 1 45  ? 17.955  -6.278  6.034   1.00 63.33  ? 110 ALA A C   1 
ATOM   130  O O   . ALA A 1 45  ? 19.134  -5.954  6.071   1.00 71.33  ? 110 ALA A O   1 
ATOM   131  C CB  . ALA A 1 45  ? 17.389  -7.879  4.161   1.00 55.30  ? 110 ALA A CB  1 
ATOM   132  N N   . MET A 1 46  ? 16.960  -5.432  6.335   1.00 63.50  ? 111 MET A N   1 
ATOM   133  C CA  . MET A 1 46  ? 17.196  -4.041  6.702   1.00 68.46  ? 111 MET A CA  1 
ATOM   134  C C   . MET A 1 46  ? 17.830  -3.948  8.093   1.00 71.95  ? 111 MET A C   1 
ATOM   135  O O   . MET A 1 46  ? 18.456  -2.945  8.429   1.00 73.66  ? 111 MET A O   1 
ATOM   136  C CB  . MET A 1 46  ? 15.907  -3.206  6.672   1.00 64.95  ? 111 MET A CB  1 
ATOM   137  C CG  . MET A 1 46  ? 15.402  -2.917  5.261   1.00 65.15  ? 111 MET A CG  1 
ATOM   138  S SD  . MET A 1 46  ? 13.776  -2.105  5.095   1.00 59.50  ? 111 MET A SD  1 
ATOM   139  C CE  . MET A 1 46  ? 14.236  -0.376  5.054   1.00 57.75  ? 111 MET A CE  1 
ATOM   140  N N   . GLN A 1 47  ? 17.646  -4.999  8.899   1.00 74.32  ? 112 GLN A N   1 
ATOM   141  C CA  . GLN A 1 47  ? 18.198  -5.053  10.241  1.00 74.59  ? 112 GLN A CA  1 
ATOM   142  C C   . GLN A 1 47  ? 19.638  -5.545  10.182  1.00 74.89  ? 112 GLN A C   1 
ATOM   143  O O   . GLN A 1 47  ? 20.473  -5.111  10.968  1.00 78.33  ? 112 GLN A O   1 
ATOM   144  C CB  . GLN A 1 47  ? 17.327  -5.941  11.126  1.00 74.04  ? 112 GLN A CB  1 
ATOM   145  C CG  . GLN A 1 47  ? 16.466  -5.152  12.104  1.00 80.72  ? 112 GLN A CG  1 
ATOM   146  C CD  . GLN A 1 47  ? 15.620  -4.061  11.491  1.00 79.50  ? 112 GLN A CD  1 
ATOM   147  O OE1 . GLN A 1 47  ? 15.298  -4.073  10.304  1.00 77.95  ? 112 GLN A OE1 1 
ATOM   148  N NE2 . GLN A 1 47  ? 15.239  -3.100  12.316  1.00 84.35  ? 112 GLN A NE2 1 
ATOM   149  N N   . ILE A 1 48  ? 19.916  -6.429  9.222   1.00 69.48  ? 113 ILE A N   1 
ATOM   150  C CA  . ILE A 1 48  ? 21.242  -7.007  9.105   1.00 70.15  ? 113 ILE A CA  1 
ATOM   151  C C   . ILE A 1 48  ? 22.145  -6.041  8.345   1.00 70.16  ? 113 ILE A C   1 
ATOM   152  O O   . ILE A 1 48  ? 23.272  -5.815  8.767   1.00 75.51  ? 113 ILE A O   1 
ATOM   153  C CB  . ILE A 1 48  ? 21.188  -8.415  8.476   1.00 72.36  ? 113 ILE A CB  1 
ATOM   154  C CG1 . ILE A 1 48  ? 20.415  -9.382  9.374   1.00 78.97  ? 113 ILE A CG1 1 
ATOM   155  C CG2 . ILE A 1 48  ? 22.581  -8.944  8.159   1.00 68.48  ? 113 ILE A CG2 1 
ATOM   156  C CD1 . ILE A 1 48  ? 20.086  -10.712 8.724   1.00 80.50  ? 113 ILE A CD1 1 
ATOM   157  N N   . LEU A 1 49  ? 21.647  -5.461  7.248   1.00 67.95  ? 114 LEU A N   1 
ATOM   158  C CA  . LEU A 1 49  ? 22.479  -4.639  6.381   1.00 62.88  ? 114 LEU A CA  1 
ATOM   159  C C   . LEU A 1 49  ? 22.348  -3.147  6.701   1.00 61.38  ? 114 LEU A C   1 
ATOM   160  O O   . LEU A 1 49  ? 23.116  -2.351  6.172   1.00 66.49  ? 114 LEU A O   1 
ATOM   161  C CB  . LEU A 1 49  ? 22.100  -4.886  4.916   1.00 57.98  ? 114 LEU A CB  1 
ATOM   162  C CG  . LEU A 1 49  ? 22.261  -6.300  4.373   1.00 57.01  ? 114 LEU A CG  1 
ATOM   163  C CD1 . LEU A 1 49  ? 21.816  -6.331  2.920   1.00 53.22  ? 114 LEU A CD1 1 
ATOM   164  C CD2 . LEU A 1 49  ? 23.696  -6.784  4.505   1.00 57.86  ? 114 LEU A CD2 1 
ATOM   165  N N   . GLY A 1 50  ? 21.360  -2.757  7.517   1.00 63.43  ? 115 GLY A N   1 
ATOM   166  C CA  . GLY A 1 50  ? 21.008  -1.348  7.668   1.00 63.65  ? 115 GLY A CA  1 
ATOM   167  C C   . GLY A 1 50  ? 20.005  -0.862  6.615   1.00 61.07  ? 115 GLY A C   1 
ATOM   168  O O   . GLY A 1 50  ? 19.975  -1.356  5.480   1.00 59.61  ? 115 GLY A O   1 
ATOM   169  N N   . ASP A 1 51  ? 19.193  0.132   7.005   1.00 62.14  ? 116 ASP A N   1 
ATOM   170  C CA  . ASP A 1 51  ? 18.128  0.656   6.159   1.00 63.60  ? 116 ASP A CA  1 
ATOM   171  C C   . ASP A 1 51  ? 18.687  1.121   4.818   1.00 61.51  ? 116 ASP A C   1 
ATOM   172  O O   . ASP A 1 51  ? 18.191  0.698   3.770   1.00 54.53  ? 116 ASP A O   1 
ATOM   173  C CB  . ASP A 1 51  ? 17.327  1.760   6.856   1.00 62.20  ? 116 ASP A CB  1 
ATOM   174  C CG  . ASP A 1 51  ? 16.366  1.230   7.907   1.00 66.08  ? 116 ASP A CG  1 
ATOM   175  O OD1 . ASP A 1 51  ? 16.094  0.006   7.884   1.00 74.27  ? 116 ASP A OD1 1 
ATOM   176  O OD2 . ASP A 1 51  ? 15.926  2.024   8.760   1.00 61.75  ? 116 ASP A OD2 1 
ATOM   177  N N   . GLN A 1 52  ? 19.740  1.955   4.883   1.00 61.83  ? 117 GLN A N   1 
ATOM   178  C CA  . GLN A 1 52  ? 20.277  2.661   3.730   1.00 58.90  ? 117 GLN A CA  1 
ATOM   179  C C   . GLN A 1 52  ? 20.722  1.690   2.644   1.00 57.69  ? 117 GLN A C   1 
ATOM   180  O O   . GLN A 1 52  ? 20.484  1.948   1.465   1.00 49.50  ? 117 GLN A O   1 
ATOM   181  C CB  . GLN A 1 52  ? 21.417  3.575   4.159   1.00 60.97  ? 117 GLN A CB  1 
ATOM   182  C CG  . GLN A 1 52  ? 20.912  4.896   4.701   1.00 70.86  ? 117 GLN A CG  1 
ATOM   183  C CD  . GLN A 1 52  ? 21.868  5.517   5.686   1.00 87.75  ? 117 GLN A CD  1 
ATOM   184  O OE1 . GLN A 1 52  ? 23.043  5.740   5.394   1.00 91.32  ? 117 GLN A OE1 1 
ATOM   185  N NE2 . GLN A 1 52  ? 21.352  5.814   6.869   1.00 92.29  ? 117 GLN A NE2 1 
ATOM   186  N N   . GLU A 1 53  ? 21.341  0.576   3.065   1.00 60.67  ? 118 GLU A N   1 
ATOM   187  C CA  . GLU A 1 53  ? 21.891  -0.415  2.154   1.00 59.70  ? 118 GLU A CA  1 
ATOM   188  C C   . GLU A 1 53  ? 20.774  -1.074  1.338   1.00 60.90  ? 118 GLU A C   1 
ATOM   189  O O   . GLU A 1 53  ? 20.931  -1.293  0.129   1.00 57.04  ? 118 GLU A O   1 
ATOM   190  C CB  . GLU A 1 53  ? 22.813  -1.363  2.925   1.00 60.10  ? 118 GLU A CB  1 
ATOM   191  C CG  . GLU A 1 53  ? 23.465  -2.432  2.067   1.00 68.23  ? 118 GLU A CG  1 
ATOM   192  C CD  . GLU A 1 53  ? 24.091  -2.027  0.734   1.00 81.74  ? 118 GLU A CD  1 
ATOM   193  O OE1 . GLU A 1 53  ? 24.407  -0.822  0.512   1.00 89.53  ? 118 GLU A OE1 1 
ATOM   194  O OE2 . GLU A 1 53  ? 24.284  -2.933  -0.087  1.00 91.74  ? 118 GLU A OE2 1 
ATOM   195  N N   . VAL A 1 54  ? 19.642  -1.353  2.001   1.00 55.35  ? 119 VAL A N   1 
ATOM   196  C CA  . VAL A 1 54  ? 18.483  -1.912  1.317   1.00 54.37  ? 119 VAL A CA  1 
ATOM   197  C C   . VAL A 1 54  ? 17.851  -0.831  0.442   1.00 48.62  ? 119 VAL A C   1 
ATOM   198  O O   . VAL A 1 54  ? 17.511  -1.077  -0.717  1.00 50.94  ? 119 VAL A O   1 
ATOM   199  C CB  . VAL A 1 54  ? 17.481  -2.574  2.292   1.00 52.90  ? 119 VAL A CB  1 
ATOM   200  C CG1 . VAL A 1 54  ? 16.125  -2.843  1.658   1.00 45.19  ? 119 VAL A CG1 1 
ATOM   201  C CG2 . VAL A 1 54  ? 18.046  -3.864  2.885   1.00 50.35  ? 119 VAL A CG2 1 
ATOM   202  N N   . MET A 1 55  ? 17.759  0.380   0.987   1.00 48.50  ? 120 MET A N   1 
ATOM   203  C CA  . MET A 1 55  ? 17.151  1.486   0.259   1.00 50.83  ? 120 MET A CA  1 
ATOM   204  C C   . MET A 1 55  ? 17.812  1.731   -1.098  1.00 47.44  ? 120 MET A C   1 
ATOM   205  O O   . MET A 1 55  ? 17.108  1.968   -2.081  1.00 43.02  ? 120 MET A O   1 
ATOM   206  C CB  . MET A 1 55  ? 17.131  2.770   1.085   1.00 49.53  ? 120 MET A CB  1 
ATOM   207  C CG  . MET A 1 55  ? 15.782  3.025   1.663   1.00 65.74  ? 120 MET A CG  1 
ATOM   208  S SD  . MET A 1 55  ? 15.716  4.652   2.408   1.00 91.25  ? 120 MET A SD  1 
ATOM   209  C CE  . MET A 1 55  ? 16.675  4.370   3.894   1.00 80.88  ? 120 MET A CE  1 
ATOM   210  N N   . LEU A 1 56  ? 19.150  1.657   -1.145  1.00 42.65  ? 121 LEU A N   1 
ATOM   211  C CA  . LEU A 1 56  ? 19.886  1.906   -2.372  1.00 44.59  ? 121 LEU A CA  1 
ATOM   212  C C   . LEU A 1 56  ? 19.417  0.990   -3.502  1.00 48.30  ? 121 LEU A C   1 
ATOM   213  O O   . LEU A 1 56  ? 19.486  1.378   -4.666  1.00 42.21  ? 121 LEU A O   1 
ATOM   214  C CB  . LEU A 1 56  ? 21.380  1.707   -2.121  1.00 47.85  ? 121 LEU A CB  1 
ATOM   215  C CG  . LEU A 1 56  ? 22.138  2.900   -1.540  1.00 45.34  ? 121 LEU A CG  1 
ATOM   216  C CD1 . LEU A 1 56  ? 23.560  2.477   -1.252  1.00 47.97  ? 121 LEU A CD1 1 
ATOM   217  C CD2 . LEU A 1 56  ? 22.122  4.110   -2.466  1.00 42.64  ? 121 LEU A CD2 1 
ATOM   218  N N   . TRP A 1 57  ? 18.928  -0.215  -3.147  1.00 55.33  ? 122 TRP A N   1 
ATOM   219  C CA  . TRP A 1 57  ? 18.612  -1.252  -4.122  1.00 51.18  ? 122 TRP A CA  1 
ATOM   220  C C   . TRP A 1 57  ? 17.110  -1.390  -4.406  1.00 52.50  ? 122 TRP A C   1 
ATOM   221  O O   . TRP A 1 57  ? 16.737  -1.817  -5.512  1.00 49.58  ? 122 TRP A O   1 
ATOM   222  C CB  . TRP A 1 57  ? 19.283  -2.575  -3.724  1.00 46.85  ? 122 TRP A CB  1 
ATOM   223  C CG  . TRP A 1 57  ? 20.758  -2.542  -3.968  1.00 42.34  ? 122 TRP A CG  1 
ATOM   224  C CD1 . TRP A 1 57  ? 21.738  -2.357  -3.039  1.00 41.37  ? 122 TRP A CD1 1 
ATOM   225  C CD2 . TRP A 1 57  ? 21.421  -2.639  -5.240  1.00 38.76  ? 122 TRP A CD2 1 
ATOM   226  N NE1 . TRP A 1 57  ? 22.967  -2.368  -3.644  1.00 38.77  ? 122 TRP A NE1 1 
ATOM   227  C CE2 . TRP A 1 57  ? 22.805  -2.543  -4.989  1.00 37.34  ? 122 TRP A CE2 1 
ATOM   228  C CE3 . TRP A 1 57  ? 20.980  -2.816  -6.557  1.00 40.07  ? 122 TRP A CE3 1 
ATOM   229  C CZ2 . TRP A 1 57  ? 23.754  -2.589  -6.008  1.00 38.58  ? 122 TRP A CZ2 1 
ATOM   230  C CZ3 . TRP A 1 57  ? 21.915  -2.879  -7.567  1.00 42.43  ? 122 TRP A CZ3 1 
ATOM   231  C CH2 . TRP A 1 57  ? 23.283  -2.766  -7.290  1.00 42.18  ? 122 TRP A CH2 1 
ATOM   232  N N   . LEU A 1 58  ? 16.257  -1.010  -3.432  1.00 48.96  ? 123 LEU A N   1 
ATOM   233  C CA  . LEU A 1 58  ? 14.823  -1.283  -3.533  1.00 52.46  ? 123 LEU A CA  1 
ATOM   234  C C   . LEU A 1 58  ? 13.983  -0.013  -3.740  1.00 51.94  ? 123 LEU A C   1 
ATOM   235  O O   . LEU A 1 58  ? 12.820  -0.100  -4.149  1.00 51.28  ? 123 LEU A O   1 
ATOM   236  C CB  . LEU A 1 58  ? 14.320  -2.069  -2.312  1.00 49.61  ? 123 LEU A CB  1 
ATOM   237  C CG  . LEU A 1 58  ? 14.988  -3.407  -1.982  1.00 50.73  ? 123 LEU A CG  1 
ATOM   238  C CD1 . LEU A 1 58  ? 14.190  -4.115  -0.896  1.00 50.94  ? 123 LEU A CD1 1 
ATOM   239  C CD2 . LEU A 1 58  ? 15.115  -4.310  -3.205  1.00 47.11  ? 123 LEU A CD2 1 
ATOM   240  N N   . ALA A 1 59  ? 14.560  1.165   -3.463  1.00 49.11  ? 124 ALA A N   1 
ATOM   241  C CA  . ALA A 1 59  ? 13.822  2.418   -3.563  1.00 44.53  ? 124 ALA A CA  1 
ATOM   242  C C   . ALA A 1 59  ? 13.509  2.768   -5.019  1.00 43.63  ? 124 ALA A C   1 
ATOM   243  O O   . ALA A 1 59  ? 14.213  2.329   -5.930  1.00 41.22  ? 124 ALA A O   1 
ATOM   244  C CB  . ALA A 1 59  ? 14.563  3.524   -2.855  1.00 36.98  ? 124 ALA A CB  1 
ATOM   245  N N   . TRP A 1 60  ? 12.439  3.556   -5.210  1.00 42.69  ? 125 TRP A N   1 
ATOM   246  C CA  . TRP A 1 60  ? 12.123  4.252   -6.447  1.00 45.89  ? 125 TRP A CA  1 
ATOM   247  C C   . TRP A 1 60  ? 13.385  4.861   -7.078  1.00 48.17  ? 125 TRP A C   1 
ATOM   248  O O   . TRP A 1 60  ? 14.170  5.498   -6.386  1.00 47.00  ? 125 TRP A O   1 
ATOM   249  C CB  . TRP A 1 60  ? 11.096  5.338   -6.127  1.00 48.03  ? 125 TRP A CB  1 
ATOM   250  C CG  . TRP A 1 60  ? 10.419  5.846   -7.355  1.00 54.87  ? 125 TRP A CG  1 
ATOM   251  C CD1 . TRP A 1 60  ? 10.857  6.825   -8.196  1.00 55.26  ? 125 TRP A CD1 1 
ATOM   252  C CD2 . TRP A 1 60  ? 9.194   5.357   -7.914  1.00 56.07  ? 125 TRP A CD2 1 
ATOM   253  N NE1 . TRP A 1 60  ? 9.983   6.986   -9.236  1.00 55.39  ? 125 TRP A NE1 1 
ATOM   254  C CE2 . TRP A 1 60  ? 8.954   6.098   -9.089  1.00 55.46  ? 125 TRP A CE2 1 
ATOM   255  C CE3 . TRP A 1 60  ? 8.286   4.371   -7.535  1.00 53.79  ? 125 TRP A CE3 1 
ATOM   256  C CZ2 . TRP A 1 60  ? 7.837   5.887   -9.887  1.00 57.07  ? 125 TRP A CZ2 1 
ATOM   257  C CZ3 . TRP A 1 60  ? 7.193   4.154   -8.335  1.00 59.33  ? 125 TRP A CZ3 1 
ATOM   258  C CH2 . TRP A 1 60  ? 6.972   4.899   -9.491  1.00 61.99  ? 125 TRP A CH2 1 
ATOM   259  N N   . PRO A 1 61  ? 13.633  4.734   -8.406  1.00 47.00  ? 126 PRO A N   1 
ATOM   260  C CA  . PRO A 1 61  ? 14.877  5.229   -8.995  1.00 45.63  ? 126 PRO A CA  1 
ATOM   261  C C   . PRO A 1 61  ? 15.100  6.705   -8.671  1.00 50.98  ? 126 PRO A C   1 
ATOM   262  O O   . PRO A 1 61  ? 14.207  7.520   -8.884  1.00 60.46  ? 126 PRO A O   1 
ATOM   263  C CB  . PRO A 1 61  ? 14.652  5.126   -10.514 1.00 44.66  ? 126 PRO A CB  1 
ATOM   264  C CG  . PRO A 1 61  ? 13.511  4.152   -10.696 1.00 46.25  ? 126 PRO A CG  1 
ATOM   265  C CD  . PRO A 1 61  ? 12.715  4.165   -9.408  1.00 47.04  ? 126 PRO A CD  1 
ATOM   266  N N   . PHE A 1 62  ? 16.299  7.048   -8.187  1.00 51.90  ? 127 PHE A N   1 
ATOM   267  C CA  . PHE A 1 62  ? 16.636  8.418   -7.819  1.00 50.93  ? 127 PHE A CA  1 
ATOM   268  C C   . PHE A 1 62  ? 17.360  9.112   -8.969  1.00 49.43  ? 127 PHE A C   1 
ATOM   269  O O   . PHE A 1 62  ? 17.618  10.315  -8.917  1.00 52.96  ? 127 PHE A O   1 
ATOM   270  C CB  . PHE A 1 62  ? 17.496  8.447   -6.548  1.00 53.93  ? 127 PHE A CB  1 
ATOM   271  C CG  . PHE A 1 62  ? 18.969  8.235   -6.799  1.00 59.15  ? 127 PHE A CG  1 
ATOM   272  C CD1 . PHE A 1 62  ? 19.507  6.956   -6.853  1.00 59.05  ? 127 PHE A CD1 1 
ATOM   273  C CD2 . PHE A 1 62  ? 19.818  9.314   -7.011  1.00 61.04  ? 127 PHE A CD2 1 
ATOM   274  C CE1 . PHE A 1 62  ? 20.857  6.771   -7.116  1.00 62.98  ? 127 PHE A CE1 1 
ATOM   275  C CE2 . PHE A 1 62  ? 21.169  9.129   -7.258  1.00 58.49  ? 127 PHE A CE2 1 
ATOM   276  C CZ  . PHE A 1 62  ? 21.684  7.856   -7.314  1.00 62.90  ? 127 PHE A CZ  1 
ATOM   277  N N   . ASP A 1 63  ? 17.708  8.335   -9.993  1.00 44.63  ? 128 ASP A N   1 
ATOM   278  C CA  . ASP A 1 63  ? 18.516  8.824   -11.090 1.00 47.19  ? 128 ASP A CA  1 
ATOM   279  C C   . ASP A 1 63  ? 17.882  8.259   -12.351 1.00 46.12  ? 128 ASP A C   1 
ATOM   280  O O   . ASP A 1 63  ? 17.660  7.054   -12.410 1.00 43.88  ? 128 ASP A O   1 
ATOM   281  C CB  . ASP A 1 63  ? 19.976  8.398   -10.883 1.00 52.06  ? 128 ASP A CB  1 
ATOM   282  C CG  . ASP A 1 63  ? 20.977  8.826   -11.954 1.00 57.85  ? 128 ASP A CG  1 
ATOM   283  O OD1 . ASP A 1 63  ? 20.562  9.053   -13.112 1.00 59.40  ? 128 ASP A OD1 1 
ATOM   284  O OD2 . ASP A 1 63  ? 22.185  8.924   -11.616 1.00 59.39  ? 128 ASP A OD2 1 
ATOM   285  N N   . PRO A 1 64  ? 17.517  9.106   -13.345 1.00 50.19  ? 129 PRO A N   1 
ATOM   286  C CA  . PRO A 1 64  ? 16.983  8.627   -14.627 1.00 48.19  ? 129 PRO A CA  1 
ATOM   287  C C   . PRO A 1 64  ? 17.742  7.462   -15.261 1.00 45.94  ? 129 PRO A C   1 
ATOM   288  O O   . PRO A 1 64  ? 17.153  6.650   -15.958 1.00 42.43  ? 129 PRO A O   1 
ATOM   289  C CB  . PRO A 1 64  ? 17.093  9.874   -15.521 1.00 43.90  ? 129 PRO A CB  1 
ATOM   290  C CG  . PRO A 1 64  ? 16.869  11.022  -14.553 1.00 44.45  ? 129 PRO A CG  1 
ATOM   291  C CD  . PRO A 1 64  ? 17.541  10.581  -13.268 1.00 46.30  ? 129 PRO A CD  1 
ATOM   292  N N   . THR A 1 65  ? 19.052  7.383   -15.019 1.00 50.65  ? 130 THR A N   1 
ATOM   293  C CA  . THR A 1 65  ? 19.867  6.331   -15.606 1.00 56.14  ? 130 THR A CA  1 
ATOM   294  C C   . THR A 1 65  ? 19.419  4.946   -15.132 1.00 61.65  ? 130 THR A C   1 
ATOM   295  O O   . THR A 1 65  ? 19.660  3.965   -15.836 1.00 60.46  ? 130 THR A O   1 
ATOM   296  C CB  . THR A 1 65  ? 21.347  6.509   -15.251 1.00 53.16  ? 130 THR A CB  1 
ATOM   297  O OG1 . THR A 1 65  ? 21.744  7.852   -15.529 1.00 51.33  ? 130 THR A OG1 1 
ATOM   298  C CG2 . THR A 1 65  ? 22.222  5.510   -15.974 1.00 53.67  ? 130 THR A CG2 1 
ATOM   299  N N   . LEU A 1 66  ? 18.780  4.889   -13.945 1.00 60.05  ? 131 LEU A N   1 
ATOM   300  C CA  . LEU A 1 66  ? 18.357  3.653   -13.300 1.00 59.72  ? 131 LEU A CA  1 
ATOM   301  C C   . LEU A 1 66  ? 16.925  3.294   -13.686 1.00 71.66  ? 131 LEU A C   1 
ATOM   302  O O   . LEU A 1 66  ? 16.356  2.384   -13.086 1.00 78.37  ? 131 LEU A O   1 
ATOM   303  C CB  . LEU A 1 66  ? 18.356  3.839   -11.780 1.00 50.13  ? 131 LEU A CB  1 
ATOM   304  C CG  . LEU A 1 66  ? 19.670  4.216   -11.128 1.00 52.00  ? 131 LEU A CG  1 
ATOM   305  C CD1 . LEU A 1 66  ? 19.432  4.483   -9.655  1.00 50.01  ? 131 LEU A CD1 1 
ATOM   306  C CD2 . LEU A 1 66  ? 20.706  3.118   -11.317 1.00 48.44  ? 131 LEU A CD2 1 
ATOM   307  N N   . LYS A 1 67  ? 16.321  4.039   -14.625 1.00 78.71  ? 132 LYS A N   1 
ATOM   308  C CA  . LYS A 1 67  ? 14.892  3.918   -14.890 1.00 71.96  ? 132 LYS A CA  1 
ATOM   309  C C   . LYS A 1 67  ? 14.541  2.517   -15.400 1.00 66.01  ? 132 LYS A C   1 
ATOM   310  O O   . LYS A 1 67  ? 13.382  2.117   -15.328 1.00 60.89  ? 132 LYS A O   1 
ATOM   311  C CB  . LYS A 1 67  ? 14.383  5.050   -15.788 1.00 66.41  ? 132 LYS A CB  1 
ATOM   312  C CG  . LYS A 1 67  ? 14.760  4.974   -17.262 1.00 70.40  ? 132 LYS A CG  1 
ATOM   313  C CD  . LYS A 1 67  ? 14.294  6.193   -18.033 1.00 79.83  ? 132 LYS A CD  1 
ATOM   314  C CE  . LYS A 1 67  ? 14.101  5.939   -19.515 1.00 91.93  ? 132 LYS A CE  1 
ATOM   315  N NZ  . LYS A 1 67  ? 15.335  6.243   -20.278 1.00 99.56  ? 132 LYS A NZ  1 
ATOM   316  N N   . PHE A 1 68  ? 15.544  1.757   -15.859 1.00 55.19  ? 133 PHE A N   1 
ATOM   317  C CA  . PHE A 1 68  ? 15.245  0.466   -16.448 1.00 57.41  ? 133 PHE A CA  1 
ATOM   318  C C   . PHE A 1 68  ? 15.337  -0.664  -15.429 1.00 58.82  ? 133 PHE A C   1 
ATOM   319  O O   . PHE A 1 68  ? 15.153  -1.830  -15.783 1.00 58.06  ? 133 PHE A O   1 
ATOM   320  C CB  . PHE A 1 68  ? 16.063  0.259   -17.717 1.00 60.85  ? 133 PHE A CB  1 
ATOM   321  C CG  . PHE A 1 68  ? 15.528  1.053   -18.879 1.00 60.90  ? 133 PHE A CG  1 
ATOM   322  C CD1 . PHE A 1 68  ? 16.327  1.953   -19.563 1.00 57.62  ? 133 PHE A CD1 1 
ATOM   323  C CD2 . PHE A 1 68  ? 14.202  0.925   -19.259 1.00 59.65  ? 133 PHE A CD2 1 
ATOM   324  C CE1 . PHE A 1 68  ? 15.814  2.688   -20.620 1.00 57.67  ? 133 PHE A CE1 1 
ATOM   325  C CE2 . PHE A 1 68  ? 13.696  1.642   -20.329 1.00 58.55  ? 133 PHE A CE2 1 
ATOM   326  C CZ  . PHE A 1 68  ? 14.506  2.521   -21.007 1.00 58.94  ? 133 PHE A CZ  1 
ATOM   327  N N   . GLU A 1 69  ? 15.561  -0.296  -14.161 1.00 56.84  ? 134 GLU A N   1 
ATOM   328  C CA  . GLU A 1 69  ? 15.562  -1.243  -13.056 1.00 55.95  ? 134 GLU A CA  1 
ATOM   329  C C   . GLU A 1 69  ? 14.143  -1.410  -12.509 1.00 56.82  ? 134 GLU A C   1 
ATOM   330  O O   . GLU A 1 69  ? 13.839  -0.910  -11.421 1.00 52.62  ? 134 GLU A O   1 
ATOM   331  C CB  . GLU A 1 69  ? 16.575  -0.796  -12.003 1.00 53.71  ? 134 GLU A CB  1 
ATOM   332  C CG  . GLU A 1 69  ? 18.003  -0.774  -12.530 1.00 53.73  ? 134 GLU A CG  1 
ATOM   333  C CD  . GLU A 1 69  ? 19.124  -0.651  -11.504 1.00 60.45  ? 134 GLU A CD  1 
ATOM   334  O OE1 . GLU A 1 69  ? 18.831  -0.375  -10.299 1.00 57.84  ? 134 GLU A OE1 1 
ATOM   335  O OE2 . GLU A 1 69  ? 20.305  -0.837  -11.906 1.00 58.76  ? 134 GLU A OE2 1 
ATOM   336  N N   . PHE A 1 70  ? 13.327  -2.176  -13.262 1.00 56.47  ? 135 PHE A N   1 
ATOM   337  C CA  . PHE A 1 70  ? 11.871  -2.244  -13.189 1.00 57.10  ? 135 PHE A CA  1 
ATOM   338  C C   . PHE A 1 70  ? 11.365  -2.595  -11.792 1.00 55.01  ? 135 PHE A C   1 
ATOM   339  O O   . PHE A 1 70  ? 10.273  -2.173  -11.436 1.00 55.41  ? 135 PHE A O   1 
ATOM   340  C CB  . PHE A 1 70  ? 11.307  -3.275  -14.177 1.00 60.27  ? 135 PHE A CB  1 
ATOM   341  C CG  . PHE A 1 70  ? 11.600  -3.015  -15.635 1.00 67.91  ? 135 PHE A CG  1 
ATOM   342  C CD1 . PHE A 1 70  ? 11.141  -1.861  -16.259 1.00 72.77  ? 135 PHE A CD1 1 
ATOM   343  C CD2 . PHE A 1 70  ? 12.322  -3.929  -16.397 1.00 67.20  ? 135 PHE A CD2 1 
ATOM   344  C CE1 . PHE A 1 70  ? 11.403  -1.624  -17.606 1.00 70.06  ? 135 PHE A CE1 1 
ATOM   345  C CE2 . PHE A 1 70  ? 12.593  -3.688  -17.739 1.00 66.99  ? 135 PHE A CE2 1 
ATOM   346  C CZ  . PHE A 1 70  ? 12.133  -2.535  -18.343 1.00 69.18  ? 135 PHE A CZ  1 
ATOM   347  N N   . TRP A 1 71  ? 12.129  -3.379  -11.016 1.00 52.23  ? 136 TRP A N   1 
ATOM   348  C CA  . TRP A 1 71  ? 11.647  -3.897  -9.739  1.00 49.41  ? 136 TRP A CA  1 
ATOM   349  C C   . TRP A 1 71  ? 11.331  -2.778  -8.756  1.00 46.03  ? 136 TRP A C   1 
ATOM   350  O O   . TRP A 1 71  ? 10.413  -2.922  -7.950  1.00 44.87  ? 136 TRP A O   1 
ATOM   351  C CB  . TRP A 1 71  ? 12.616  -4.901  -9.110  1.00 46.60  ? 136 TRP A CB  1 
ATOM   352  C CG  . TRP A 1 71  ? 13.970  -4.353  -8.795  1.00 42.48  ? 136 TRP A CG  1 
ATOM   353  C CD1 . TRP A 1 71  ? 14.399  -3.803  -7.618  1.00 42.85  ? 136 TRP A CD1 1 
ATOM   354  C CD2 . TRP A 1 71  ? 15.105  -4.361  -9.672  1.00 41.69  ? 136 TRP A CD2 1 
ATOM   355  N NE1 . TRP A 1 71  ? 15.716  -3.433  -7.711  1.00 41.89  ? 136 TRP A NE1 1 
ATOM   356  C CE2 . TRP A 1 71  ? 16.172  -3.766  -8.960  1.00 41.03  ? 136 TRP A CE2 1 
ATOM   357  C CE3 . TRP A 1 71  ? 15.313  -4.809  -10.983 1.00 41.35  ? 136 TRP A CE3 1 
ATOM   358  C CZ2 . TRP A 1 71  ? 17.431  -3.608  -9.526  1.00 39.03  ? 136 TRP A CZ2 1 
ATOM   359  C CZ3 . TRP A 1 71  ? 16.557  -4.642  -11.548 1.00 36.51  ? 136 TRP A CZ3 1 
ATOM   360  C CH2 . TRP A 1 71  ? 17.590  -4.048  -10.822 1.00 39.57  ? 136 TRP A CH2 1 
ATOM   361  N N   . ARG A 1 72  ? 12.090  -1.679  -8.869  1.00 45.94  ? 137 ARG A N   1 
ATOM   362  C CA  . ARG A 1 72  ? 12.077  -0.530  -7.979  1.00 42.92  ? 137 ARG A CA  1 
ATOM   363  C C   . ARG A 1 72  ? 10.701  0.134   -7.924  1.00 46.12  ? 137 ARG A C   1 
ATOM   364  O O   . ARG A 1 72  ? 10.334  0.671   -6.879  1.00 48.35  ? 137 ARG A O   1 
ATOM   365  C CB  . ARG A 1 72  ? 13.117  0.482   -8.449  1.00 42.06  ? 137 ARG A CB  1 
ATOM   366  C CG  . ARG A 1 72  ? 14.553  0.039   -8.248  1.00 43.36  ? 137 ARG A CG  1 
ATOM   367  C CD  . ARG A 1 72  ? 15.474  1.152   -8.692  1.00 40.29  ? 137 ARG A CD  1 
ATOM   368  N NE  . ARG A 1 72  ? 16.889  0.868   -8.548  1.00 37.65  ? 137 ARG A NE  1 
ATOM   369  C CZ  . ARG A 1 72  ? 17.580  1.063   -7.429  1.00 39.97  ? 137 ARG A CZ  1 
ATOM   370  N NH1 . ARG A 1 72  ? 16.954  1.489   -6.341  1.00 36.34  ? 137 ARG A NH1 1 
ATOM   371  N NH2 . ARG A 1 72  ? 18.884  0.811   -7.398  1.00 35.30  ? 137 ARG A NH2 1 
ATOM   372  N N   . TYR A 1 73  ? 9.950   0.088   -9.037  1.00 46.36  ? 138 TYR A N   1 
ATOM   373  C CA  . TYR A 1 73  ? 8.631   0.702   -9.120  1.00 46.94  ? 138 TYR A CA  1 
ATOM   374  C C   . TYR A 1 73  ? 7.639   0.021   -8.176  1.00 52.45  ? 138 TYR A C   1 
ATOM   375  O O   . TYR A 1 73  ? 6.603   0.595   -7.842  1.00 49.61  ? 138 TYR A O   1 
ATOM   376  C CB  . TYR A 1 73  ? 8.128   0.716   -10.565 1.00 44.21  ? 138 TYR A CB  1 
ATOM   377  C CG  . TYR A 1 73  ? 9.042   1.491   -11.468 1.00 47.21  ? 138 TYR A CG  1 
ATOM   378  C CD1 . TYR A 1 73  ? 9.616   0.898   -12.580 1.00 46.55  ? 138 TYR A CD1 1 
ATOM   379  C CD2 . TYR A 1 73  ? 9.370   2.809   -11.176 1.00 47.36  ? 138 TYR A CD2 1 
ATOM   380  C CE1 . TYR A 1 73  ? 10.482  1.615   -13.395 1.00 50.09  ? 138 TYR A CE1 1 
ATOM   381  C CE2 . TYR A 1 73  ? 10.236  3.537   -11.976 1.00 45.91  ? 138 TYR A CE2 1 
ATOM   382  C CZ  . TYR A 1 73  ? 10.796  2.935   -13.090 1.00 47.59  ? 138 TYR A CZ  1 
ATOM   383  O OH  . TYR A 1 73  ? 11.658  3.652   -13.869 1.00 42.11  ? 138 TYR A OH  1 
ATOM   384  N N   . PHE A 1 74  ? 7.981   -1.198  -7.733  1.00 53.54  ? 139 PHE A N   1 
ATOM   385  C CA  . PHE A 1 74  ? 7.146   -1.978  -6.833  1.00 51.36  ? 139 PHE A CA  1 
ATOM   386  C C   . PHE A 1 74  ? 7.830   -2.220  -5.483  1.00 50.75  ? 139 PHE A C   1 
ATOM   387  O O   . PHE A 1 74  ? 7.137   -2.217  -4.458  1.00 42.73  ? 139 PHE A O   1 
ATOM   388  C CB  . PHE A 1 74  ? 6.678   -3.248  -7.540  1.00 51.17  ? 139 PHE A CB  1 
ATOM   389  C CG  . PHE A 1 74  ? 6.135   -3.003  -8.926  1.00 57.59  ? 139 PHE A CG  1 
ATOM   390  C CD1 . PHE A 1 74  ? 6.952   -3.102  -10.050 1.00 56.84  ? 139 PHE A CD1 1 
ATOM   391  C CD2 . PHE A 1 74  ? 4.799   -2.670  -9.114  1.00 59.25  ? 139 PHE A CD2 1 
ATOM   392  C CE1 . PHE A 1 74  ? 6.448   -2.893  -11.331 1.00 54.78  ? 139 PHE A CE1 1 
ATOM   393  C CE2 . PHE A 1 74  ? 4.297   -2.461  -10.395 1.00 60.29  ? 139 PHE A CE2 1 
ATOM   394  C CZ  . PHE A 1 74  ? 5.119   -2.567  -11.504 1.00 55.71  ? 139 PHE A CZ  1 
ATOM   395  N N   . THR A 1 75  ? 9.174   -2.371  -5.483  1.00 44.72  ? 140 THR A N   1 
ATOM   396  C CA  . THR A 1 75  ? 9.892   -2.865  -4.313  1.00 44.08  ? 140 THR A CA  1 
ATOM   397  C C   . THR A 1 75  ? 9.851   -1.881  -3.145  1.00 45.70  ? 140 THR A C   1 
ATOM   398  O O   . THR A 1 75  ? 10.055  -2.298  -2.002  1.00 44.57  ? 140 THR A O   1 
ATOM   399  C CB  . THR A 1 75  ? 11.313  -3.382  -4.578  1.00 46.16  ? 140 THR A CB  1 
ATOM   400  O OG1 . THR A 1 75  ? 12.124  -2.421  -5.252  1.00 56.60  ? 140 THR A OG1 1 
ATOM   401  C CG2 . THR A 1 75  ? 11.371  -4.706  -5.308  1.00 48.64  ? 140 THR A CG2 1 
ATOM   402  N N   . HIS A 1 76  ? 9.600   -0.594  -3.429  1.00 42.95  ? 141 HIS A N   1 
ATOM   403  C CA  . HIS A 1 76  ? 9.522   0.420   -2.386  1.00 42.52  ? 141 HIS A CA  1 
ATOM   404  C C   . HIS A 1 76  ? 8.495   0.013   -1.325  1.00 44.47  ? 141 HIS A C   1 
ATOM   405  O O   . HIS A 1 76  ? 8.622   0.400   -0.160  1.00 41.00  ? 141 HIS A O   1 
ATOM   406  C CB  . HIS A 1 76  ? 9.224   1.797   -3.004  1.00 40.48  ? 141 HIS A CB  1 
ATOM   407  C CG  . HIS A 1 76  ? 7.935   1.841   -3.759  1.00 39.61  ? 141 HIS A CG  1 
ATOM   408  N ND1 . HIS A 1 76  ? 6.717   2.127   -3.138  1.00 32.96  ? 141 HIS A ND1 1 
ATOM   409  C CD2 . HIS A 1 76  ? 7.668   1.606   -5.068  1.00 35.21  ? 141 HIS A CD2 1 
ATOM   410  C CE1 . HIS A 1 76  ? 5.763   2.079   -4.049  1.00 31.98  ? 141 HIS A CE1 1 
ATOM   411  N NE2 . HIS A 1 76  ? 6.319   1.748   -5.250  1.00 30.80  ? 141 HIS A NE2 1 
ATOM   412  N N   . ALA A 1 77  ? 7.494   -0.781  -1.749  1.00 46.35  ? 142 ALA A N   1 
ATOM   413  C CA  . ALA A 1 77  ? 6.337   -1.135  -0.936  1.00 50.89  ? 142 ALA A CA  1 
ATOM   414  C C   . ALA A 1 77  ? 6.676   -2.164  0.145   1.00 57.58  ? 142 ALA A C   1 
ATOM   415  O O   . ALA A 1 77  ? 5.897   -2.319  1.083   1.00 67.72  ? 142 ALA A O   1 
ATOM   416  C CB  . ALA A 1 77  ? 5.209   -1.608  -1.823  1.00 43.31  ? 142 ALA A CB  1 
ATOM   417  N N   . LEU A 1 78  ? 7.823   -2.857  0.026   1.00 59.56  ? 143 LEU A N   1 
ATOM   418  C CA  . LEU A 1 78  ? 8.216   -3.930  0.940   1.00 50.59  ? 143 LEU A CA  1 
ATOM   419  C C   . LEU A 1 78  ? 9.057   -3.404  2.106   1.00 50.85  ? 143 LEU A C   1 
ATOM   420  O O   . LEU A 1 78  ? 9.298   -4.117  3.080   1.00 49.25  ? 143 LEU A O   1 
ATOM   421  C CB  . LEU A 1 78  ? 9.015   -4.977  0.162   1.00 42.29  ? 143 LEU A CB  1 
ATOM   422  C CG  . LEU A 1 78  ? 8.257   -5.651  -0.974  1.00 42.26  ? 143 LEU A CG  1 
ATOM   423  C CD1 . LEU A 1 78  ? 9.204   -6.493  -1.813  1.00 38.78  ? 143 LEU A CD1 1 
ATOM   424  C CD2 . LEU A 1 78  ? 7.086   -6.469  -0.433  1.00 38.70  ? 143 LEU A CD2 1 
ATOM   425  N N   . MET A 1 79  ? 9.533   -2.164  1.991   1.00 50.04  ? 144 MET A N   1 
ATOM   426  C CA  . MET A 1 79  ? 10.478  -1.650  2.966   1.00 57.83  ? 144 MET A CA  1 
ATOM   427  C C   . MET A 1 79  ? 9.745   -0.985  4.132   1.00 64.74  ? 144 MET A C   1 
ATOM   428  O O   . MET A 1 79  ? 8.883   -0.143  3.897   1.00 77.16  ? 144 MET A O   1 
ATOM   429  C CB  . MET A 1 79  ? 11.402  -0.623  2.306   1.00 56.96  ? 144 MET A CB  1 
ATOM   430  C CG  . MET A 1 79  ? 12.291  -1.195  1.230   1.00 56.49  ? 144 MET A CG  1 
ATOM   431  S SD  . MET A 1 79  ? 13.587  -0.010  0.810   1.00 56.28  ? 144 MET A SD  1 
ATOM   432  C CE  . MET A 1 79  ? 12.706  1.061   -0.324  1.00 58.85  ? 144 MET A CE  1 
ATOM   433  N N   . HIS A 1 80  ? 10.116  -1.348  5.374   1.00 66.89  ? 145 HIS A N   1 
ATOM   434  C CA  . HIS A 1 80  ? 9.578   -0.745  6.592   1.00 63.54  ? 145 HIS A CA  1 
ATOM   435  C C   . HIS A 1 80  ? 10.696  -0.265  7.527   1.00 60.82  ? 145 HIS A C   1 
ATOM   436  O O   . HIS A 1 80  ? 11.801  -0.802  7.509   1.00 55.79  ? 145 HIS A O   1 
ATOM   437  C CB  . HIS A 1 80  ? 8.596   -1.710  7.264   1.00 63.34  ? 145 HIS A CB  1 
ATOM   438  C CG  . HIS A 1 80  ? 7.388   -1.956  6.433   1.00 63.75  ? 145 HIS A CG  1 
ATOM   439  N ND1 . HIS A 1 80  ? 7.356   -2.930  5.449   1.00 63.80  ? 145 HIS A ND1 1 
ATOM   440  C CD2 . HIS A 1 80  ? 6.190   -1.328  6.401   1.00 58.99  ? 145 HIS A CD2 1 
ATOM   441  C CE1 . HIS A 1 80  ? 6.172   -2.901  4.856   1.00 62.84  ? 145 HIS A CE1 1 
ATOM   442  N NE2 . HIS A 1 80  ? 5.439   -1.915  5.417   1.00 58.92  ? 145 HIS A NE2 1 
ATOM   443  N N   . PHE A 1 81  ? 10.401  0.747   8.355   1.00 64.93  ? 146 PHE A N   1 
ATOM   444  C CA  . PHE A 1 81  ? 11.442  1.526   9.020   1.00 67.51  ? 146 PHE A CA  1 
ATOM   445  C C   . PHE A 1 81  ? 11.429  1.351   10.531  1.00 70.35  ? 146 PHE A C   1 
ATOM   446  O O   . PHE A 1 81  ? 12.377  1.752   11.190  1.00 88.87  ? 146 PHE A O   1 
ATOM   447  C CB  . PHE A 1 81  ? 11.396  3.009   8.623   1.00 59.18  ? 146 PHE A CB  1 
ATOM   448  C CG  . PHE A 1 81  ? 11.576  3.184   7.139   1.00 53.82  ? 146 PHE A CG  1 
ATOM   449  C CD1 . PHE A 1 81  ? 10.498  3.464   6.324   1.00 52.46  ? 146 PHE A CD1 1 
ATOM   450  C CD2 . PHE A 1 81  ? 12.803  2.946   6.543   1.00 52.55  ? 146 PHE A CD2 1 
ATOM   451  C CE1 . PHE A 1 81  ? 10.660  3.556   4.951   1.00 50.54  ? 146 PHE A CE1 1 
ATOM   452  C CE2 . PHE A 1 81  ? 12.959  3.031   5.169   1.00 51.77  ? 146 PHE A CE2 1 
ATOM   453  C CZ  . PHE A 1 81  ? 11.886  3.330   4.374   1.00 50.29  ? 146 PHE A CZ  1 
ATOM   454  N N   . SER A 1 82  ? 10.350  0.802   11.080  1.00 72.96  ? 147 SER A N   1 
ATOM   455  C CA  . SER A 1 82  ? 10.359  0.377   12.470  1.00 77.04  ? 147 SER A CA  1 
ATOM   456  C C   . SER A 1 82  ? 9.500   -0.874  12.597  1.00 77.31  ? 147 SER A C   1 
ATOM   457  O O   . SER A 1 82  ? 8.906   -1.322  11.616  1.00 76.81  ? 147 SER A O   1 
ATOM   458  C CB  . SER A 1 82  ? 9.937   1.477   13.426  1.00 75.67  ? 147 SER A CB  1 
ATOM   459  O OG  . SER A 1 82  ? 8.703   2.049   13.030  1.00 80.98  ? 147 SER A OG  1 
ATOM   460  N N   . LEU A 1 83  ? 9.450   -1.434  13.809  1.00 78.30  ? 148 LEU A N   1 
ATOM   461  C CA  . LEU A 1 83  ? 8.637   -2.614  14.040  1.00 78.39  ? 148 LEU A CA  1 
ATOM   462  C C   . LEU A 1 83  ? 7.161   -2.222  14.074  1.00 77.48  ? 148 LEU A C   1 
ATOM   463  O O   . LEU A 1 83  ? 6.312   -2.962  13.585  1.00 73.44  ? 148 LEU A O   1 
ATOM   464  C CB  . LEU A 1 83  ? 9.111   -3.303  15.324  1.00 78.37  ? 148 LEU A CB  1 
ATOM   465  C CG  . LEU A 1 83  ? 9.298   -4.816  15.205  1.00 78.03  ? 148 LEU A CG  1 
ATOM   466  C CD1 . LEU A 1 83  ? 10.601  -5.303  15.834  1.00 78.45  ? 148 LEU A CD1 1 
ATOM   467  C CD2 . LEU A 1 83  ? 8.094   -5.534  15.784  1.00 69.15  ? 148 LEU A CD2 1 
ATOM   468  N N   . MET A 1 84  ? 6.872   -1.033  14.618  1.00 76.77  ? 149 MET A N   1 
ATOM   469  C CA  . MET A 1 84  ? 5.502   -0.552  14.668  1.00 75.29  ? 149 MET A CA  1 
ATOM   470  C C   . MET A 1 84  ? 5.032   -0.211  13.258  1.00 67.88  ? 149 MET A C   1 
ATOM   471  O O   . MET A 1 84  ? 3.845   -0.321  12.976  1.00 63.78  ? 149 MET A O   1 
ATOM   472  C CB  . MET A 1 84  ? 5.341   0.648   15.609  1.00 80.10  ? 149 MET A CB  1 
ATOM   473  C CG  . MET A 1 84  ? 5.814   0.359   17.034  1.00 100.32 ? 149 MET A CG  1 
ATOM   474  S SD  . MET A 1 84  ? 4.927   -0.991  17.901  1.00 118.65 ? 149 MET A SD  1 
ATOM   475  C CE  . MET A 1 84  ? 6.117   -2.332  17.912  1.00 95.01  ? 149 MET A CE  1 
ATOM   476  N N   . HIS A 1 85  ? 5.980   0.142   12.376  1.00 64.28  ? 150 HIS A N   1 
ATOM   477  C CA  . HIS A 1 85  ? 5.701   0.443   10.980  1.00 60.53  ? 150 HIS A CA  1 
ATOM   478  C C   . HIS A 1 85  ? 5.234   -0.808  10.242  1.00 58.01  ? 150 HIS A C   1 
ATOM   479  O O   . HIS A 1 85  ? 4.189   -0.764  9.603   1.00 61.56  ? 150 HIS A O   1 
ATOM   480  C CB  . HIS A 1 85  ? 6.892   1.129   10.299  1.00 60.14  ? 150 HIS A CB  1 
ATOM   481  C CG  . HIS A 1 85  ? 6.636   1.578   8.894   1.00 65.92  ? 150 HIS A CG  1 
ATOM   482  N ND1 . HIS A 1 85  ? 7.623   1.586   7.922   1.00 66.04  ? 150 HIS A ND1 1 
ATOM   483  C CD2 . HIS A 1 85  ? 5.520   2.046   8.286   1.00 66.69  ? 150 HIS A CD2 1 
ATOM   484  C CE1 . HIS A 1 85  ? 7.130   2.045   6.785   1.00 64.28  ? 150 HIS A CE1 1 
ATOM   485  N NE2 . HIS A 1 85  ? 5.840   2.333   6.980   1.00 66.36  ? 150 HIS A NE2 1 
ATOM   486  N N   . ILE A 1 86  ? 5.989   -1.910  10.352  1.00 56.85  ? 151 ILE A N   1 
ATOM   487  C CA  . ILE A 1 86  ? 5.643   -3.156  9.677   1.00 55.86  ? 151 ILE A CA  1 
ATOM   488  C C   . ILE A 1 86  ? 4.394   -3.775  10.300  1.00 61.70  ? 151 ILE A C   1 
ATOM   489  O O   . ILE A 1 86  ? 3.536   -4.266  9.572   1.00 63.61  ? 151 ILE A O   1 
ATOM   490  C CB  . ILE A 1 86  ? 6.813   -4.164  9.570   1.00 53.06  ? 151 ILE A CB  1 
ATOM   491  C CG1 . ILE A 1 86  ? 6.429   -5.360  8.693   1.00 47.35  ? 151 ILE A CG1 1 
ATOM   492  C CG2 . ILE A 1 86  ? 7.320   -4.617  10.937  1.00 52.48  ? 151 ILE A CG2 1 
ATOM   493  C CD1 . ILE A 1 86  ? 7.588   -6.203  8.194   1.00 45.09  ? 151 ILE A CD1 1 
ATOM   494  N N   . LEU A 1 87  ? 4.298   -3.772  11.637  1.00 65.28  ? 152 LEU A N   1 
ATOM   495  C CA  . LEU A 1 87  ? 3.192   -4.451  12.291  1.00 62.15  ? 152 LEU A CA  1 
ATOM   496  C C   . LEU A 1 87  ? 1.892   -3.734  11.957  1.00 59.68  ? 152 LEU A C   1 
ATOM   497  O O   . LEU A 1 87  ? 0.920   -4.367  11.560  1.00 55.88  ? 152 LEU A O   1 
ATOM   498  C CB  . LEU A 1 87  ? 3.432   -4.490  13.798  1.00 61.87  ? 152 LEU A CB  1 
ATOM   499  C CG  . LEU A 1 87  ? 4.388   -5.586  14.263  1.00 66.17  ? 152 LEU A CG  1 
ATOM   500  C CD1 . LEU A 1 87  ? 4.859   -5.299  15.684  1.00 69.55  ? 152 LEU A CD1 1 
ATOM   501  C CD2 . LEU A 1 87  ? 3.731   -6.958  14.162  1.00 59.86  ? 152 LEU A CD2 1 
ATOM   502  N N   . PHE A 1 88  ? 1.900   -2.411  12.105  1.00 58.94  ? 153 PHE A N   1 
ATOM   503  C CA  . PHE A 1 88  ? 0.722   -1.617  11.799  1.00 65.27  ? 153 PHE A CA  1 
ATOM   504  C C   . PHE A 1 88  ? 0.236   -1.897  10.376  1.00 64.00  ? 153 PHE A C   1 
ATOM   505  O O   . PHE A 1 88  ? -0.961  -2.062  10.166  1.00 63.38  ? 153 PHE A O   1 
ATOM   506  C CB  . PHE A 1 88  ? 0.987   -0.128  12.026  1.00 67.61  ? 153 PHE A CB  1 
ATOM   507  C CG  . PHE A 1 88  ? -0.258  0.719   12.095  1.00 69.48  ? 153 PHE A CG  1 
ATOM   508  C CD1 . PHE A 1 88  ? -1.218  0.489   13.072  1.00 73.11  ? 153 PHE A CD1 1 
ATOM   509  C CD2 . PHE A 1 88  ? -0.468  1.753   11.194  1.00 70.38  ? 153 PHE A CD2 1 
ATOM   510  C CE1 . PHE A 1 88  ? -2.359  1.272   13.149  1.00 71.12  ? 153 PHE A CE1 1 
ATOM   511  C CE2 . PHE A 1 88  ? -1.615  2.528   11.266  1.00 68.33  ? 153 PHE A CE2 1 
ATOM   512  C CZ  . PHE A 1 88  ? -2.554  2.290   12.244  1.00 67.48  ? 153 PHE A CZ  1 
ATOM   513  N N   . ASN A 1 89  ? 1.174   -1.961  9.422   1.00 58.07  ? 154 ASN A N   1 
ATOM   514  C CA  . ASN A 1 89  ? 0.868   -2.103  8.009   1.00 56.24  ? 154 ASN A CA  1 
ATOM   515  C C   . ASN A 1 89  ? 0.368   -3.502  7.678   1.00 57.60  ? 154 ASN A C   1 
ATOM   516  O O   . ASN A 1 89  ? -0.619  -3.628  6.959   1.00 56.18  ? 154 ASN A O   1 
ATOM   517  C CB  . ASN A 1 89  ? 2.070   -1.803  7.122   1.00 57.14  ? 154 ASN A CB  1 
ATOM   518  C CG  . ASN A 1 89  ? 2.225   -0.324  6.854   1.00 62.44  ? 154 ASN A CG  1 
ATOM   519  O OD1 . ASN A 1 89  ? 1.415   0.499   7.292   1.00 62.06  ? 154 ASN A OD1 1 
ATOM   520  N ND2 . ASN A 1 89  ? 3.280   0.014   6.137   1.00 64.98  ? 154 ASN A ND2 1 
ATOM   521  N N   . LEU A 1 90  ? 1.062   -4.531  8.194   1.00 60.40  ? 155 LEU A N   1 
ATOM   522  C CA  . LEU A 1 90  ? 0.772   -5.931  7.900   1.00 54.75  ? 155 LEU A CA  1 
ATOM   523  C C   . LEU A 1 90  ? -0.586  -6.343  8.470   1.00 55.66  ? 155 LEU A C   1 
ATOM   524  O O   . LEU A 1 90  ? -1.224  -7.247  7.932   1.00 56.86  ? 155 LEU A O   1 
ATOM   525  C CB  . LEU A 1 90  ? 1.897   -6.831  8.430   1.00 49.08  ? 155 LEU A CB  1 
ATOM   526  C CG  . LEU A 1 90  ? 3.069   -7.106  7.482   1.00 49.88  ? 155 LEU A CG  1 
ATOM   527  C CD1 . LEU A 1 90  ? 3.835   -8.334  7.928   1.00 48.16  ? 155 LEU A CD1 1 
ATOM   528  C CD2 . LEU A 1 90  ? 2.616   -7.294  6.038   1.00 49.03  ? 155 LEU A CD2 1 
ATOM   529  N N   . LEU A 1 91  ? -1.004  -5.675  9.556   1.00 52.29  ? 156 LEU A N   1 
ATOM   530  C CA  . LEU A 1 91  ? -2.284  -5.893  10.209  1.00 54.54  ? 156 LEU A CA  1 
ATOM   531  C C   . LEU A 1 91  ? -3.423  -5.452  9.286   1.00 56.37  ? 156 LEU A C   1 
ATOM   532  O O   . LEU A 1 91  ? -4.332  -6.232  8.995   1.00 57.85  ? 156 LEU A O   1 
ATOM   533  C CB  . LEU A 1 91  ? -2.275  -5.091  11.515  1.00 59.45  ? 156 LEU A CB  1 
ATOM   534  C CG  . LEU A 1 91  ? -3.564  -5.101  12.343  1.00 61.19  ? 156 LEU A CG  1 
ATOM   535  C CD1 . LEU A 1 91  ? -3.281  -5.584  13.758  1.00 62.62  ? 156 LEU A CD1 1 
ATOM   536  C CD2 . LEU A 1 91  ? -4.219  -3.726  12.378  1.00 55.20  ? 156 LEU A CD2 1 
ATOM   537  N N   . TRP A 1 92  ? -3.347  -4.188  8.851   1.00 59.55  ? 157 TRP A N   1 
ATOM   538  C CA  . TRP A 1 92  ? -4.222  -3.605  7.844   1.00 62.01  ? 157 TRP A CA  1 
ATOM   539  C C   . TRP A 1 92  ? -4.219  -4.439  6.560   1.00 63.31  ? 157 TRP A C   1 
ATOM   540  O O   . TRP A 1 92  ? -5.277  -4.663  5.969   1.00 63.37  ? 157 TRP A O   1 
ATOM   541  C CB  . TRP A 1 92  ? -3.842  -2.138  7.584   1.00 63.99  ? 157 TRP A CB  1 
ATOM   542  C CG  . TRP A 1 92  ? -4.412  -1.211  8.610   1.00 65.87  ? 157 TRP A CG  1 
ATOM   543  C CD1 . TRP A 1 92  ? -3.783  -0.680  9.697   1.00 65.93  ? 157 TRP A CD1 1 
ATOM   544  C CD2 . TRP A 1 92  ? -5.766  -0.741  8.666   1.00 71.67  ? 157 TRP A CD2 1 
ATOM   545  N NE1 . TRP A 1 92  ? -4.652  0.084   10.425  1.00 68.42  ? 157 TRP A NE1 1 
ATOM   546  C CE2 . TRP A 1 92  ? -5.875  0.077   9.814   1.00 72.41  ? 157 TRP A CE2 1 
ATOM   547  C CE3 . TRP A 1 92  ? -6.891  -0.937  7.859   1.00 73.17  ? 157 TRP A CE3 1 
ATOM   548  C CZ2 . TRP A 1 92  ? -7.063  0.711   10.173  1.00 71.22  ? 157 TRP A CZ2 1 
ATOM   549  C CZ3 . TRP A 1 92  ? -8.061  -0.296  8.201   1.00 74.94  ? 157 TRP A CZ3 1 
ATOM   550  C CH2 . TRP A 1 92  ? -8.141  0.513   9.341   1.00 76.51  ? 157 TRP A CH2 1 
ATOM   551  N N   . TRP A 1 93  ? -3.032  -4.895  6.132   1.00 62.41  ? 158 TRP A N   1 
ATOM   552  C CA  . TRP A 1 93  ? -2.927  -5.687  4.913   1.00 58.70  ? 158 TRP A CA  1 
ATOM   553  C C   . TRP A 1 93  ? -3.665  -7.014  5.097   1.00 57.60  ? 158 TRP A C   1 
ATOM   554  O O   . TRP A 1 93  ? -4.361  -7.475  4.191   1.00 46.49  ? 158 TRP A O   1 
ATOM   555  C CB  . TRP A 1 93  ? -1.463  -5.875  4.467   1.00 47.19  ? 158 TRP A CB  1 
ATOM   556  C CG  . TRP A 1 93  ? -1.295  -6.960  3.449   1.00 41.32  ? 158 TRP A CG  1 
ATOM   557  C CD1 . TRP A 1 93  ? -0.943  -8.250  3.706   1.00 40.58  ? 158 TRP A CD1 1 
ATOM   558  C CD2 . TRP A 1 93  ? -1.484  -6.878  2.027   1.00 38.53  ? 158 TRP A CD2 1 
ATOM   559  N NE1 . TRP A 1 93  ? -0.895  -8.975  2.546   1.00 43.28  ? 158 TRP A NE1 1 
ATOM   560  C CE2 . TRP A 1 93  ? -1.231  -8.165  1.498   1.00 41.01  ? 158 TRP A CE2 1 
ATOM   561  C CE3 . TRP A 1 93  ? -1.845  -5.860  1.140   1.00 39.13  ? 158 TRP A CE3 1 
ATOM   562  C CZ2 . TRP A 1 93  ? -1.328  -8.457  0.135   1.00 39.99  ? 158 TRP A CZ2 1 
ATOM   563  C CZ3 . TRP A 1 93  ? -1.944  -6.142  -0.210  1.00 38.31  ? 158 TRP A CZ3 1 
ATOM   564  C CH2 . TRP A 1 93  ? -1.683  -7.425  -0.706  1.00 40.35  ? 158 TRP A CH2 1 
ATOM   565  N N   . TRP A 1 94  ? -3.526  -7.599  6.292   1.00 60.36  ? 159 TRP A N   1 
ATOM   566  C CA  . TRP A 1 94  ? -4.132  -8.891  6.553   1.00 66.95  ? 159 TRP A CA  1 
ATOM   567  C C   . TRP A 1 94  ? -5.655  -8.745  6.583   1.00 66.53  ? 159 TRP A C   1 
ATOM   568  O O   . TRP A 1 94  ? -6.346  -9.442  5.842   1.00 66.06  ? 159 TRP A O   1 
ATOM   569  C CB  . TRP A 1 94  ? -3.542  -9.547  7.811   1.00 73.59  ? 159 TRP A CB  1 
ATOM   570  C CG  . TRP A 1 94  ? -4.238  -10.801 8.254   1.00 81.55  ? 159 TRP A CG  1 
ATOM   571  C CD1 . TRP A 1 94  ? -4.032  -12.076 7.807   1.00 77.08  ? 159 TRP A CD1 1 
ATOM   572  C CD2 . TRP A 1 94  ? -5.270  -10.890 9.255   1.00 79.15  ? 159 TRP A CD2 1 
ATOM   573  N NE1 . TRP A 1 94  ? -4.861  -12.947 8.462   1.00 75.19  ? 159 TRP A NE1 1 
ATOM   574  C CE2 . TRP A 1 94  ? -5.628  -12.250 9.358   1.00 73.93  ? 159 TRP A CE2 1 
ATOM   575  C CE3 . TRP A 1 94  ? -5.925  -9.954  10.066  1.00 77.52  ? 159 TRP A CE3 1 
ATOM   576  C CZ2 . TRP A 1 94  ? -6.612  -12.690 10.241  1.00 77.29  ? 159 TRP A CZ2 1 
ATOM   577  C CZ3 . TRP A 1 94  ? -6.896  -10.393 10.943  1.00 75.89  ? 159 TRP A CZ3 1 
ATOM   578  C CH2 . TRP A 1 94  ? -7.233  -11.743 11.026  1.00 74.43  ? 159 TRP A CH2 1 
ATOM   579  N N   . TYR A 1 95  ? -6.164  -7.814  7.401   1.00 60.22  ? 160 TYR A N   1 
ATOM   580  C CA  . TYR A 1 95  ? -7.598  -7.601  7.520   1.00 58.00  ? 160 TYR A CA  1 
ATOM   581  C C   . TYR A 1 95  ? -8.254  -7.362  6.152   1.00 59.71  ? 160 TYR A C   1 
ATOM   582  O O   . TYR A 1 95  ? -9.205  -8.063  5.792   1.00 61.36  ? 160 TYR A O   1 
ATOM   583  C CB  . TYR A 1 95  ? -7.908  -6.507  8.542   1.00 55.43  ? 160 TYR A CB  1 
ATOM   584  C CG  . TYR A 1 95  ? -9.379  -6.229  8.702   1.00 65.01  ? 160 TYR A CG  1 
ATOM   585  C CD1 . TYR A 1 95  ? -10.262 -7.216  9.122   1.00 67.11  ? 160 TYR A CD1 1 
ATOM   586  C CD2 . TYR A 1 95  ? -9.902  -4.976  8.413   1.00 71.58  ? 160 TYR A CD2 1 
ATOM   587  C CE1 . TYR A 1 95  ? -11.620 -6.968  9.252   1.00 68.34  ? 160 TYR A CE1 1 
ATOM   588  C CE2 . TYR A 1 95  ? -11.255 -4.707  8.563   1.00 69.24  ? 160 TYR A CE2 1 
ATOM   589  C CZ  . TYR A 1 95  ? -12.119 -5.707  8.976   1.00 70.53  ? 160 TYR A CZ  1 
ATOM   590  O OH  . TYR A 1 95  ? -13.455 -5.452  9.110   1.00 76.49  ? 160 TYR A OH  1 
ATOM   591  N N   . LEU A 1 96  ? -7.746  -6.373  5.398   1.00 58.18  ? 161 LEU A N   1 
ATOM   592  C CA  . LEU A 1 96  ? -8.409  -5.891  4.189   1.00 55.64  ? 161 LEU A CA  1 
ATOM   593  C C   . LEU A 1 96  ? -7.979  -6.698  2.959   1.00 53.05  ? 161 LEU A C   1 
ATOM   594  O O   . LEU A 1 96  ? -8.813  -7.028  2.120   1.00 49.85  ? 161 LEU A O   1 
ATOM   595  C CB  . LEU A 1 96  ? -8.135  -4.394  3.985   1.00 53.76  ? 161 LEU A CB  1 
ATOM   596  C CG  . LEU A 1 96  ? -8.685  -3.416  5.028   1.00 53.89  ? 161 LEU A CG  1 
ATOM   597  C CD1 . LEU A 1 96  ? -8.073  -2.038  4.822   1.00 52.25  ? 161 LEU A CD1 1 
ATOM   598  C CD2 . LEU A 1 96  ? -10.205 -3.319  4.948   1.00 52.11  ? 161 LEU A CD2 1 
ATOM   599  N N   . GLY A 1 97  ? -6.672  -6.960  2.821   1.00 49.81  ? 162 GLY A N   1 
ATOM   600  C CA  . GLY A 1 97  ? -6.176  -7.780  1.729   1.00 55.33  ? 162 GLY A CA  1 
ATOM   601  C C   . GLY A 1 97  ? -6.791  -9.184  1.748   1.00 65.11  ? 162 GLY A C   1 
ATOM   602  O O   . GLY A 1 97  ? -7.213  -9.698  0.708   1.00 69.56  ? 162 GLY A O   1 
ATOM   603  N N   . GLY A 1 98  ? -6.837  -9.798  2.939   1.00 54.64  ? 163 GLY A N   1 
ATOM   604  C CA  . GLY A 1 98  ? -7.399  -11.126 3.098   1.00 51.08  ? 163 GLY A CA  1 
ATOM   605  C C   . GLY A 1 98  ? -8.864  -11.155 2.689   1.00 52.48  ? 163 GLY A C   1 
ATOM   606  O O   . GLY A 1 98  ? -9.318  -12.119 2.079   1.00 56.38  ? 163 GLY A O   1 
ATOM   607  N N   . ALA A 1 99  ? -9.589  -10.084 3.023   1.00 48.59  ? 164 ALA A N   1 
ATOM   608  C CA  . ALA A 1 99  ? -10.997 -9.981  2.673   1.00 46.20  ? 164 ALA A CA  1 
ATOM   609  C C   . ALA A 1 99  ? -11.206 -9.884  1.157   1.00 43.70  ? 164 ALA A C   1 
ATOM   610  O O   . ALA A 1 99  ? -12.093 -10.522 0.620   1.00 46.26  ? 164 ALA A O   1 
ATOM   611  C CB  . ALA A 1 99  ? -11.624 -8.830  3.410   1.00 43.12  ? 164 ALA A CB  1 
ATOM   612  N N   . VAL A 1 100 ? -10.412 -9.083  0.450   1.00 43.57  ? 165 VAL A N   1 
ATOM   613  C CA  . VAL A 1 100 ? -10.544 -9.012  -0.996  1.00 48.95  ? 165 VAL A CA  1 
ATOM   614  C C   . VAL A 1 100 ? -10.235 -10.373 -1.618  1.00 54.25  ? 165 VAL A C   1 
ATOM   615  O O   . VAL A 1 100 ? -10.926 -10.804 -2.542  1.00 57.78  ? 165 VAL A O   1 
ATOM   616  C CB  . VAL A 1 100 ? -9.648  -7.926  -1.629  1.00 47.69  ? 165 VAL A CB  1 
ATOM   617  C CG1 . VAL A 1 100 ? -9.644  -8.011  -3.162  1.00 40.07  ? 165 VAL A CG1 1 
ATOM   618  C CG2 . VAL A 1 100 ? -10.034 -6.533  -1.155  1.00 49.41  ? 165 VAL A CG2 1 
ATOM   619  N N   . GLU A 1 101 ? -9.159  -11.017 -1.148  1.00 55.11  ? 166 GLU A N   1 
ATOM   620  C CA  . GLU A 1 101 ? -8.730  -12.266 -1.750  1.00 50.35  ? 166 GLU A CA  1 
ATOM   621  C C   . GLU A 1 101 ? -9.787  -13.339 -1.529  1.00 50.16  ? 166 GLU A C   1 
ATOM   622  O O   . GLU A 1 101 ? -10.124 -14.064 -2.457  1.00 45.59  ? 166 GLU A O   1 
ATOM   623  C CB  . GLU A 1 101 ? -7.410  -12.744 -1.162  1.00 49.49  ? 166 GLU A CB  1 
ATOM   624  C CG  . GLU A 1 101 ? -6.758  -13.761 -2.067  1.00 46.63  ? 166 GLU A CG  1 
ATOM   625  C CD  . GLU A 1 101 ? -5.380  -14.189 -1.632  1.00 48.31  ? 166 GLU A CD  1 
ATOM   626  O OE1 . GLU A 1 101 ? -4.984  -13.855 -0.490  1.00 53.75  ? 166 GLU A OE1 1 
ATOM   627  O OE2 . GLU A 1 101 ? -4.711  -14.852 -2.443  1.00 48.01  ? 166 GLU A OE2 1 
ATOM   628  N N   . LYS A 1 102 ? -10.313 -13.405 -0.300  1.00 52.06  ? 167 LYS A N   1 
ATOM   629  C CA  . LYS A 1 102 ? -11.314 -14.390 0.089   1.00 58.61  ? 167 LYS A CA  1 
ATOM   630  C C   . LYS A 1 102 ? -12.557 -14.315 -0.799  1.00 55.36  ? 167 LYS A C   1 
ATOM   631  O O   . LYS A 1 102 ? -13.061 -15.356 -1.189  1.00 56.78  ? 167 LYS A O   1 
ATOM   632  C CB  . LYS A 1 102 ? -11.673 -14.250 1.573   1.00 65.12  ? 167 LYS A CB  1 
ATOM   633  C CG  . LYS A 1 102 ? -12.479 -15.399 2.162   1.00 68.34  ? 167 LYS A CG  1 
ATOM   634  C CD  . LYS A 1 102 ? -12.589 -15.337 3.669   1.00 75.74  ? 167 LYS A CD  1 
ATOM   635  C CE  . LYS A 1 102 ? -13.820 -14.574 4.121   1.00 84.03  ? 167 LYS A CE  1 
ATOM   636  N NZ  . LYS A 1 102 ? -14.293 -15.024 5.453   1.00 81.87  ? 167 LYS A NZ  1 
ATOM   637  N N   . ARG A 1 103 ? -13.032 -13.099 -1.126  1.00 54.51  ? 168 ARG A N   1 
ATOM   638  C CA  . ARG A 1 103 ? -14.323 -12.913 -1.772  1.00 48.92  ? 168 ARG A CA  1 
ATOM   639  C C   . ARG A 1 103 ? -14.198 -12.724 -3.285  1.00 49.30  ? 168 ARG A C   1 
ATOM   640  O O   . ARG A 1 103 ? -15.101 -13.121 -4.015  1.00 49.16  ? 168 ARG A O   1 
ATOM   641  C CB  . ARG A 1 103 ? -15.058 -11.724 -1.154  1.00 51.64  ? 168 ARG A CB  1 
ATOM   642  C CG  . ARG A 1 103 ? -14.895 -11.616 0.353   1.00 58.82  ? 168 ARG A CG  1 
ATOM   643  C CD  . ARG A 1 103 ? -15.916 -12.430 1.104   1.00 70.99  ? 168 ARG A CD  1 
ATOM   644  N NE  . ARG A 1 103 ? -17.258 -12.218 0.584   1.00 74.20  ? 168 ARG A NE  1 
ATOM   645  C CZ  . ARG A 1 103 ? -18.294 -12.985 0.893   1.00 80.28  ? 168 ARG A CZ  1 
ATOM   646  N NH1 . ARG A 1 103 ? -18.123 -14.015 1.707   1.00 74.83  ? 168 ARG A NH1 1 
ATOM   647  N NH2 . ARG A 1 103 ? -19.486 -12.724 0.384   1.00 86.84  ? 168 ARG A NH2 1 
ATOM   648  N N   . LEU A 1 104 ? -13.106 -12.094 -3.753  1.00 49.47  ? 169 LEU A N   1 
ATOM   649  C CA  . LEU A 1 104 ? -13.012 -11.663 -5.145  1.00 47.58  ? 169 LEU A CA  1 
ATOM   650  C C   . LEU A 1 104 ? -11.834 -12.338 -5.837  1.00 47.00  ? 169 LEU A C   1 
ATOM   651  O O   . LEU A 1 104 ? -11.660 -12.219 -7.042  1.00 44.99  ? 169 LEU A O   1 
ATOM   652  C CB  . LEU A 1 104 ? -12.908 -10.135 -5.216  1.00 48.30  ? 169 LEU A CB  1 
ATOM   653  C CG  . LEU A 1 104 ? -13.949 -9.358  -4.399  1.00 54.89  ? 169 LEU A CG  1 
ATOM   654  C CD1 . LEU A 1 104 ? -13.611 -7.882  -4.314  1.00 61.32  ? 169 LEU A CD1 1 
ATOM   655  C CD2 . LEU A 1 104 ? -15.355 -9.532  -4.944  1.00 56.17  ? 169 LEU A CD2 1 
ATOM   656  N N   . GLY A 1 105 ? -11.030 -13.058 -5.063  1.00 51.76  ? 170 GLY A N   1 
ATOM   657  C CA  . GLY A 1 105 ? -10.031 -13.929 -5.649  1.00 53.34  ? 170 GLY A CA  1 
ATOM   658  C C   . GLY A 1 105 ? -8.647  -13.308 -5.580  1.00 59.44  ? 170 GLY A C   1 
ATOM   659  O O   . GLY A 1 105 ? -8.534  -12.101 -5.373  1.00 56.38  ? 170 GLY A O   1 
ATOM   660  N N   . SER A 1 106 ? -7.636  -14.178 -5.770  1.00 61.25  ? 171 SER A N   1 
ATOM   661  C CA  . SER A 1 106 ? -6.213  -13.873 -5.773  1.00 59.12  ? 171 SER A CA  1 
ATOM   662  C C   . SER A 1 106 ? -5.858  -12.895 -6.891  1.00 62.23  ? 171 SER A C   1 
ATOM   663  O O   . SER A 1 106 ? -5.036  -12.007 -6.677  1.00 64.60  ? 171 SER A O   1 
ATOM   664  C CB  . SER A 1 106 ? -5.384  -15.124 -5.897  1.00 55.10  ? 171 SER A CB  1 
ATOM   665  O OG  . SER A 1 106 ? -5.249  -15.761 -4.644  1.00 53.01  ? 171 SER A OG  1 
ATOM   666  N N   . GLY A 1 107 ? -6.454  -13.075 -8.078  1.00 59.79  ? 172 GLY A N   1 
ATOM   667  C CA  . GLY A 1 107 ? -6.147  -12.217 -9.215  1.00 57.56  ? 172 GLY A CA  1 
ATOM   668  C C   . GLY A 1 107 ? -6.534  -10.756 -8.982  1.00 57.36  ? 172 GLY A C   1 
ATOM   669  O O   . GLY A 1 107 ? -5.899  -9.841  -9.509  1.00 57.97  ? 172 GLY A O   1 
ATOM   670  N N   . LYS A 1 108 ? -7.599  -10.555 -8.201  1.00 56.21  ? 173 LYS A N   1 
ATOM   671  C CA  . LYS A 1 108 ? -8.106  -9.227  -7.926  1.00 57.50  ? 173 LYS A CA  1 
ATOM   672  C C   . LYS A 1 108 ? -7.138  -8.489  -6.998  1.00 56.87  ? 173 LYS A C   1 
ATOM   673  O O   . LYS A 1 108 ? -6.895  -7.290  -7.168  1.00 60.27  ? 173 LYS A O   1 
ATOM   674  C CB  . LYS A 1 108 ? -9.510  -9.326  -7.324  1.00 56.66  ? 173 LYS A CB  1 
ATOM   675  C CG  . LYS A 1 108 ? -10.184 -7.989  -7.030  1.00 58.10  ? 173 LYS A CG  1 
ATOM   676  C CD  . LYS A 1 108 ? -10.220 -7.049  -8.225  1.00 57.25  ? 173 LYS A CD  1 
ATOM   677  C CE  . LYS A 1 108 ? -11.256 -7.422  -9.262  1.00 53.96  ? 173 LYS A CE  1 
ATOM   678  N NZ  . LYS A 1 108 ? -10.973 -6.783  -10.565 1.00 50.97  ? 173 LYS A NZ  1 
ATOM   679  N N   . LEU A 1 109 ? -6.587  -9.224  -6.025  1.00 48.04  ? 174 LEU A N   1 
ATOM   680  C CA  . LEU A 1 109 ? -5.740  -8.613  -5.017  1.00 48.89  ? 174 LEU A CA  1 
ATOM   681  C C   . LEU A 1 109 ? -4.359  -8.325  -5.613  1.00 49.19  ? 174 LEU A C   1 
ATOM   682  O O   . LEU A 1 109 ? -3.749  -7.306  -5.283  1.00 46.89  ? 174 LEU A O   1 
ATOM   683  C CB  . LEU A 1 109 ? -5.698  -9.499  -3.764  1.00 43.36  ? 174 LEU A CB  1 
ATOM   684  C CG  . LEU A 1 109 ? -4.829  -8.989  -2.617  1.00 40.49  ? 174 LEU A CG  1 
ATOM   685  C CD1 . LEU A 1 109 ? -5.327  -7.669  -2.063  1.00 38.89  ? 174 LEU A CD1 1 
ATOM   686  C CD2 . LEU A 1 109 ? -4.720  -10.024 -1.518  1.00 38.28  ? 174 LEU A CD2 1 
ATOM   687  N N   . ILE A 1 110 ? -3.921  -9.185  -6.547  1.00 45.77  ? 175 ILE A N   1 
ATOM   688  C CA  . ILE A 1 110 ? -2.704  -8.958  -7.311  1.00 49.97  ? 175 ILE A CA  1 
ATOM   689  C C   . ILE A 1 110 ? -2.818  -7.634  -8.071  1.00 59.57  ? 175 ILE A C   1 
ATOM   690  O O   . ILE A 1 110 ? -1.895  -6.809  -8.027  1.00 60.12  ? 175 ILE A O   1 
ATOM   691  C CB  . ILE A 1 110 ? -2.443  -10.148 -8.260  1.00 51.48  ? 175 ILE A CB  1 
ATOM   692  C CG1 . ILE A 1 110 ? -1.883  -11.351 -7.498  1.00 51.99  ? 175 ILE A CG1 1 
ATOM   693  C CG2 . ILE A 1 110 ? -1.558  -9.763  -9.443  1.00 47.14  ? 175 ILE A CG2 1 
ATOM   694  C CD1 . ILE A 1 110 ? -1.672  -12.565 -8.371  1.00 54.61  ? 175 ILE A CD1 1 
ATOM   695  N N   . VAL A 1 111 ? -3.952  -7.437  -8.769  1.00 54.72  ? 176 VAL A N   1 
ATOM   696  C CA  . VAL A 1 111 ? -4.059  -6.319  -9.696  1.00 49.23  ? 176 VAL A CA  1 
ATOM   697  C C   . VAL A 1 111 ? -4.188  -5.005  -8.933  1.00 46.51  ? 176 VAL A C   1 
ATOM   698  O O   . VAL A 1 111 ? -3.531  -4.041  -9.301  1.00 44.11  ? 176 VAL A O   1 
ATOM   699  C CB  . VAL A 1 111 ? -5.136  -6.491  -10.779 1.00 46.52  ? 176 VAL A CB  1 
ATOM   700  C CG1 . VAL A 1 111 ? -5.287  -5.201  -11.570 1.00 41.93  ? 176 VAL A CG1 1 
ATOM   701  C CG2 . VAL A 1 111 ? -4.796  -7.647  -11.719 1.00 44.98  ? 176 VAL A CG2 1 
ATOM   702  N N   . ILE A 1 112 ? -4.993  -4.989  -7.864  1.00 47.28  ? 177 ILE A N   1 
ATOM   703  C CA  . ILE A 1 112 ? -5.058  -3.854  -6.945  1.00 48.14  ? 177 ILE A CA  1 
ATOM   704  C C   . ILE A 1 112 ? -3.673  -3.494  -6.398  1.00 43.24  ? 177 ILE A C   1 
ATOM   705  O O   . ILE A 1 112 ? -3.310  -2.328  -6.381  1.00 41.15  ? 177 ILE A O   1 
ATOM   706  C CB  . ILE A 1 112 ? -6.082  -4.101  -5.820  1.00 49.74  ? 177 ILE A CB  1 
ATOM   707  C CG1 . ILE A 1 112 ? -7.516  -4.010  -6.353  1.00 49.16  ? 177 ILE A CG1 1 
ATOM   708  C CG2 . ILE A 1 112 ? -5.851  -3.160  -4.640  1.00 48.57  ? 177 ILE A CG2 1 
ATOM   709  C CD1 . ILE A 1 112 ? -8.556  -4.590  -5.416  1.00 52.03  ? 177 ILE A CD1 1 
ATOM   710  N N   . THR A 1 113 ? -2.905  -4.500  -5.968  1.00 45.43  ? 178 THR A N   1 
ATOM   711  C CA  . THR A 1 113 ? -1.591  -4.318  -5.356  1.00 51.45  ? 178 THR A CA  1 
ATOM   712  C C   . THR A 1 113 ? -0.593  -3.680  -6.336  1.00 51.79  ? 178 THR A C   1 
ATOM   713  O O   . THR A 1 113 ? 0.077   -2.713  -5.977  1.00 48.89  ? 178 THR A O   1 
ATOM   714  C CB  . THR A 1 113 ? -1.069  -5.638  -4.760  1.00 51.75  ? 178 THR A CB  1 
ATOM   715  O OG1 . THR A 1 113 ? -1.959  -6.042  -3.717  1.00 51.98  ? 178 THR A OG1 1 
ATOM   716  C CG2 . THR A 1 113 ? 0.356   -5.566  -4.245  1.00 46.20  ? 178 THR A CG2 1 
ATOM   717  N N   . LEU A 1 114 ? -0.503  -4.223  -7.564  1.00 48.82  ? 179 LEU A N   1 
ATOM   718  C CA  . LEU A 1 114 ? 0.462   -3.805  -8.568  1.00 47.89  ? 179 LEU A CA  1 
ATOM   719  C C   . LEU A 1 114 ? 0.182   -2.383  -9.050  1.00 50.87  ? 179 LEU A C   1 
ATOM   720  O O   . LEU A 1 114 ? 1.102   -1.571  -9.163  1.00 49.83  ? 179 LEU A O   1 
ATOM   721  C CB  . LEU A 1 114 ? 0.438   -4.801  -9.735  1.00 45.66  ? 179 LEU A CB  1 
ATOM   722  C CG  . LEU A 1 114 ? 1.132   -6.141  -9.478  1.00 47.00  ? 179 LEU A CG  1 
ATOM   723  C CD1 . LEU A 1 114 ? 1.073   -7.023  -10.712 1.00 43.74  ? 179 LEU A CD1 1 
ATOM   724  C CD2 . LEU A 1 114 ? 2.577   -5.947  -9.039  1.00 41.82  ? 179 LEU A CD2 1 
ATOM   725  N N   . ILE A 1 115 ? -1.095  -2.090  -9.345  1.00 58.50  ? 180 ILE A N   1 
ATOM   726  C CA  . ILE A 1 115 ? -1.490  -0.787  -9.862  1.00 53.68  ? 180 ILE A CA  1 
ATOM   727  C C   . ILE A 1 115 ? -1.322  0.267   -8.769  1.00 53.65  ? 180 ILE A C   1 
ATOM   728  O O   . ILE A 1 115 ? -0.710  1.303   -9.017  1.00 48.32  ? 180 ILE A O   1 
ATOM   729  C CB  . ILE A 1 115 ? -2.901  -0.827  -10.473 1.00 54.02  ? 180 ILE A CB  1 
ATOM   730  C CG1 . ILE A 1 115 ? -2.910  -1.696  -11.734 1.00 57.69  ? 180 ILE A CG1 1 
ATOM   731  C CG2 . ILE A 1 115 ? -3.438  0.573   -10.740 1.00 53.53  ? 180 ILE A CG2 1 
ATOM   732  C CD1 . ILE A 1 115 ? -4.282  -1.871  -12.355 1.00 68.16  ? 180 ILE A CD1 1 
ATOM   733  N N   . SER A 1 116 ? -1.785  -0.040  -7.549  1.00 46.49  ? 181 SER A N   1 
ATOM   734  C CA  . SER A 1 116 ? -1.692  0.929   -6.468  1.00 47.89  ? 181 SER A CA  1 
ATOM   735  C C   . SER A 1 116 ? -0.252  1.185   -6.026  1.00 47.35  ? 181 SER A C   1 
ATOM   736  O O   . SER A 1 116 ? 0.044   2.285   -5.579  1.00 48.31  ? 181 SER A O   1 
ATOM   737  C CB  . SER A 1 116 ? -2.533  0.554   -5.301  1.00 47.27  ? 181 SER A CB  1 
ATOM   738  O OG  . SER A 1 116 ? -2.021  -0.619  -4.715  1.00 56.91  ? 181 SER A OG  1 
ATOM   739  N N   . ALA A 1 117 ? 0.619   0.164   -6.079  1.00 48.07  ? 182 ALA A N   1 
ATOM   740  C CA  . ALA A 1 117 ? 1.982   0.311   -5.591  1.00 43.23  ? 182 ALA A CA  1 
ATOM   741  C C   . ALA A 1 117 ? 2.753   1.207   -6.543  1.00 44.30  ? 182 ALA A C   1 
ATOM   742  O O   . ALA A 1 117 ? 3.445   2.114   -6.080  1.00 45.94  ? 182 ALA A O   1 
ATOM   743  C CB  . ALA A 1 117 ? 2.657   -1.019  -5.452  1.00 42.22  ? 182 ALA A CB  1 
ATOM   744  N N   . LEU A 1 118 ? 2.594   0.941   -7.852  1.00 42.33  ? 183 LEU A N   1 
ATOM   745  C CA  . LEU A 1 118 ? 3.171   1.738   -8.926  1.00 44.66  ? 183 LEU A CA  1 
ATOM   746  C C   . LEU A 1 118 ? 2.719   3.207   -8.885  1.00 46.19  ? 183 LEU A C   1 
ATOM   747  O O   . LEU A 1 118 ? 3.552   4.108   -8.968  1.00 44.56  ? 183 LEU A O   1 
ATOM   748  C CB  . LEU A 1 118 ? 2.822   1.075   -10.259 1.00 46.22  ? 183 LEU A CB  1 
ATOM   749  C CG  . LEU A 1 118 ? 3.137   1.912   -11.497 1.00 53.38  ? 183 LEU A CG  1 
ATOM   750  C CD1 . LEU A 1 118 ? 4.627   2.196   -11.620 1.00 51.34  ? 183 LEU A CD1 1 
ATOM   751  C CD2 . LEU A 1 118 ? 2.609   1.233   -12.747 1.00 54.33  ? 183 LEU A CD2 1 
ATOM   752  N N   . LEU A 1 119 ? 1.406   3.461   -8.765  1.00 45.50  ? 184 LEU A N   1 
ATOM   753  C CA  . LEU A 1 119 ? 0.880   4.819   -8.856  1.00 44.57  ? 184 LEU A CA  1 
ATOM   754  C C   . LEU A 1 119 ? 1.088   5.619   -7.569  1.00 46.63  ? 184 LEU A C   1 
ATOM   755  O O   . LEU A 1 119 ? 1.348   6.813   -7.659  1.00 57.34  ? 184 LEU A O   1 
ATOM   756  C CB  . LEU A 1 119 ? -0.593  4.826   -9.263  1.00 43.21  ? 184 LEU A CB  1 
ATOM   757  C CG  . LEU A 1 119 ? -0.940  4.109   -10.568 1.00 45.81  ? 184 LEU A CG  1 
ATOM   758  C CD1 . LEU A 1 119 ? -2.356  4.454   -10.996 1.00 42.16  ? 184 LEU A CD1 1 
ATOM   759  C CD2 . LEU A 1 119 ? 0.046   4.455   -11.672 1.00 45.98  ? 184 LEU A CD2 1 
ATOM   760  N N   . SER A 1 120 ? 0.981   4.991   -6.392  1.00 44.21  ? 185 SER A N   1 
ATOM   761  C CA  . SER A 1 120 ? 1.239   5.682   -5.135  1.00 47.00  ? 185 SER A CA  1 
ATOM   762  C C   . SER A 1 120 ? 2.726   5.993   -5.007  1.00 51.33  ? 185 SER A C   1 
ATOM   763  O O   . SER A 1 120 ? 3.111   6.960   -4.341  1.00 48.51  ? 185 SER A O   1 
ATOM   764  C CB  . SER A 1 120 ? 0.762   4.907   -3.941  1.00 50.10  ? 185 SER A CB  1 
ATOM   765  O OG  . SER A 1 120 ? 1.554   3.738   -3.766  1.00 63.34  ? 185 SER A OG  1 
ATOM   766  N N   . GLY A 1 121 ? 3.550   5.155   -5.656  1.00 50.08  ? 186 GLY A N   1 
ATOM   767  C CA  . GLY A 1 121 ? 4.980   5.401   -5.714  1.00 49.34  ? 186 GLY A CA  1 
ATOM   768  C C   . GLY A 1 121 ? 5.271   6.644   -6.545  1.00 54.27  ? 186 GLY A C   1 
ATOM   769  O O   . GLY A 1 121 ? 5.972   7.553   -6.098  1.00 51.80  ? 186 GLY A O   1 
ATOM   770  N N   . TYR A 1 122 ? 4.660   6.671   -7.736  1.00 52.19  ? 187 TYR A N   1 
ATOM   771  C CA  . TYR A 1 122 ? 4.833   7.727   -8.716  1.00 49.38  ? 187 TYR A CA  1 
ATOM   772  C C   . TYR A 1 122 ? 4.438   9.086   -8.142  1.00 47.80  ? 187 TYR A C   1 
ATOM   773  O O   . TYR A 1 122 ? 5.066   10.100  -8.421  1.00 53.83  ? 187 TYR A O   1 
ATOM   774  C CB  . TYR A 1 122 ? 4.031   7.419   -9.979  1.00 49.17  ? 187 TYR A CB  1 
ATOM   775  C CG  . TYR A 1 122 ? 4.137   8.518   -11.004 1.00 59.11  ? 187 TYR A CG  1 
ATOM   776  C CD1 . TYR A 1 122 ? 5.212   8.578   -11.883 1.00 61.86  ? 187 TYR A CD1 1 
ATOM   777  C CD2 . TYR A 1 122 ? 3.203   9.544   -11.050 1.00 64.37  ? 187 TYR A CD2 1 
ATOM   778  C CE1 . TYR A 1 122 ? 5.337   9.602   -12.810 1.00 61.25  ? 187 TYR A CE1 1 
ATOM   779  C CE2 . TYR A 1 122 ? 3.312   10.577  -11.972 1.00 64.68  ? 187 TYR A CE2 1 
ATOM   780  C CZ  . TYR A 1 122 ? 4.379   10.602  -12.853 1.00 63.30  ? 187 TYR A CZ  1 
ATOM   781  O OH  . TYR A 1 122 ? 4.471   11.609  -13.759 1.00 67.54  ? 187 TYR A OH  1 
ATOM   782  N N   . VAL A 1 123 ? 3.393   9.115   -7.328  1.00 48.95  ? 188 VAL A N   1 
ATOM   783  C CA  . VAL A 1 123 ? 2.926   10.391  -6.816  1.00 52.43  ? 188 VAL A CA  1 
ATOM   784  C C   . VAL A 1 123 ? 3.769   10.834  -5.613  1.00 54.81  ? 188 VAL A C   1 
ATOM   785  O O   . VAL A 1 123 ? 4.034   12.034  -5.462  1.00 51.14  ? 188 VAL A O   1 
ATOM   786  C CB  . VAL A 1 123 ? 1.412   10.358  -6.543  1.00 46.58  ? 188 VAL A CB  1 
ATOM   787  C CG1 . VAL A 1 123 ? 0.945   11.594  -5.802  1.00 43.34  ? 188 VAL A CG1 1 
ATOM   788  C CG2 . VAL A 1 123 ? 0.666   10.209  -7.856  1.00 42.32  ? 188 VAL A CG2 1 
ATOM   789  N N   . GLN A 1 124 ? 4.238   9.861   -4.806  1.00 52.30  ? 189 GLN A N   1 
ATOM   790  C CA  . GLN A 1 124 ? 5.076   10.176  -3.663  1.00 47.59  ? 189 GLN A CA  1 
ATOM   791  C C   . GLN A 1 124 ? 6.431   10.711  -4.118  1.00 53.88  ? 189 GLN A C   1 
ATOM   792  O O   . GLN A 1 124 ? 6.997   11.594  -3.476  1.00 54.52  ? 189 GLN A O   1 
ATOM   793  C CB  . GLN A 1 124 ? 5.305   8.965   -2.777  1.00 45.10  ? 189 GLN A CB  1 
ATOM   794  C CG  . GLN A 1 124 ? 6.049   9.325   -1.499  1.00 45.76  ? 189 GLN A CG  1 
ATOM   795  C CD  . GLN A 1 124 ? 5.500   10.524  -0.757  1.00 48.82  ? 189 GLN A CD  1 
ATOM   796  O OE1 . GLN A 1 124 ? 4.290   10.662  -0.556  1.00 47.25  ? 189 GLN A OE1 1 
ATOM   797  N NE2 . GLN A 1 124 ? 6.401   11.398  -0.331  1.00 42.25  ? 189 GLN A NE2 1 
ATOM   798  N N   . GLN A 1 125 ? 6.935   10.176  -5.237  1.00 52.32  ? 190 GLN A N   1 
ATOM   799  C CA  . GLN A 1 125 ? 8.216   10.595  -5.769  1.00 50.52  ? 190 GLN A CA  1 
ATOM   800  C C   . GLN A 1 125 ? 8.157   12.057  -6.227  1.00 55.83  ? 190 GLN A C   1 
ATOM   801  O O   . GLN A 1 125 ? 9.104   12.810  -6.004  1.00 56.81  ? 190 GLN A O   1 
ATOM   802  C CB  . GLN A 1 125 ? 8.640   9.607   -6.845  1.00 50.78  ? 190 GLN A CB  1 
ATOM   803  C CG  . GLN A 1 125 ? 9.916   10.009  -7.554  1.00 57.10  ? 190 GLN A CG  1 
ATOM   804  C CD  . GLN A 1 125 ? 9.607   10.731  -8.837  1.00 62.79  ? 190 GLN A CD  1 
ATOM   805  O OE1 . GLN A 1 125 ? 8.665   10.394  -9.574  1.00 63.85  ? 190 GLN A OE1 1 
ATOM   806  N NE2 . GLN A 1 125 ? 10.420  11.738  -9.100  1.00 59.59  ? 190 GLN A NE2 1 
ATOM   807  N N   . LYS A 1 126 ? 7.027   12.474  -6.815  1.00 49.83  ? 191 LYS A N   1 
ATOM   808  C CA  . LYS A 1 126 ? 6.869   13.845  -7.273  1.00 43.45  ? 191 LYS A CA  1 
ATOM   809  C C   . LYS A 1 126 ? 6.693   14.811  -6.105  1.00 43.66  ? 191 LYS A C   1 
ATOM   810  O O   . LYS A 1 126 ? 7.236   15.903  -6.147  1.00 53.69  ? 191 LYS A O   1 
ATOM   811  C CB  . LYS A 1 126 ? 5.674   13.971  -8.204  1.00 41.03  ? 191 LYS A CB  1 
ATOM   812  C CG  . LYS A 1 126 ? 5.790   13.180  -9.494  1.00 42.09  ? 191 LYS A CG  1 
ATOM   813  C CD  . LYS A 1 126 ? 6.921   13.612  -10.355 1.00 40.03  ? 191 LYS A CD  1 
ATOM   814  C CE  . LYS A 1 126 ? 6.626   13.253  -11.792 1.00 42.71  ? 191 LYS A CE  1 
ATOM   815  N NZ  . LYS A 1 126 ? 7.621   13.858  -12.712 1.00 54.86  ? 191 LYS A NZ  1 
ATOM   816  N N   . PHE A 1 127 ? 5.943   14.418  -5.076  1.00 43.31  ? 192 PHE A N   1 
ATOM   817  C CA  . PHE A 1 127 ? 5.691   15.279  -3.925  1.00 44.79  ? 192 PHE A CA  1 
ATOM   818  C C   . PHE A 1 127 ? 6.956   15.547  -3.105  1.00 42.75  ? 192 PHE A C   1 
ATOM   819  O O   . PHE A 1 127 ? 7.124   16.642  -2.571  1.00 41.66  ? 192 PHE A O   1 
ATOM   820  C CB  . PHE A 1 127 ? 4.680   14.641  -2.965  1.00 43.51  ? 192 PHE A CB  1 
ATOM   821  C CG  . PHE A 1 127 ? 3.231   14.929  -3.244  1.00 44.76  ? 192 PHE A CG  1 
ATOM   822  C CD1 . PHE A 1 127 ? 2.733   14.939  -4.545  1.00 46.51  ? 192 PHE A CD1 1 
ATOM   823  C CD2 . PHE A 1 127 ? 2.349   15.158  -2.194  1.00 46.20  ? 192 PHE A CD2 1 
ATOM   824  C CE1 . PHE A 1 127 ? 1.385   15.191  -4.787  1.00 47.93  ? 192 PHE A CE1 1 
ATOM   825  C CE2 . PHE A 1 127 ? 1.001   15.405  -2.435  1.00 47.34  ? 192 PHE A CE2 1 
ATOM   826  C CZ  . PHE A 1 127 ? 0.519   15.413  -3.731  1.00 45.27  ? 192 PHE A CZ  1 
ATOM   827  N N   . SER A 1 128 ? 7.796   14.519  -2.926  1.00 43.48  ? 193 SER A N   1 
ATOM   828  C CA  . SER A 1 128 ? 8.813   14.574  -1.883  1.00 48.92  ? 193 SER A CA  1 
ATOM   829  C C   . SER A 1 128 ? 10.086  13.818  -2.262  1.00 45.47  ? 193 SER A C   1 
ATOM   830  O O   . SER A 1 128 ? 10.929  13.613  -1.396  1.00 46.62  ? 193 SER A O   1 
ATOM   831  C CB  . SER A 1 128 ? 8.283   14.085  -0.542  1.00 53.10  ? 193 SER A CB  1 
ATOM   832  O OG  . SER A 1 128 ? 7.636   15.128  0.173   1.00 61.70  ? 193 SER A OG  1 
ATOM   833  N N   . GLY A 1 129 ? 10.216  13.409  -3.530  1.00 40.39  ? 194 GLY A N   1 
ATOM   834  C CA  . GLY A 1 129 ? 11.401  12.696  -3.971  1.00 45.99  ? 194 GLY A CA  1 
ATOM   835  C C   . GLY A 1 129 ? 11.305  11.188  -3.725  1.00 55.56  ? 194 GLY A C   1 
ATOM   836  O O   . GLY A 1 129 ? 10.274  10.676  -3.274  1.00 57.48  ? 194 GLY A O   1 
ATOM   837  N N   . PRO A 1 130 ? 12.378  10.415  -4.021  1.00 56.14  ? 195 PRO A N   1 
ATOM   838  C CA  . PRO A 1 130 ? 12.292  8.950   -4.004  1.00 56.04  ? 195 PRO A CA  1 
ATOM   839  C C   . PRO A 1 130 ? 12.605  8.167   -2.723  1.00 55.52  ? 195 PRO A C   1 
ATOM   840  O O   . PRO A 1 130 ? 12.519  6.939   -2.739  1.00 58.11  ? 195 PRO A O   1 
ATOM   841  C CB  . PRO A 1 130 ? 13.245  8.565   -5.141  1.00 52.48  ? 195 PRO A CB  1 
ATOM   842  C CG  . PRO A 1 130 ? 14.313  9.654   -5.099  1.00 54.15  ? 195 PRO A CG  1 
ATOM   843  C CD  . PRO A 1 130 ? 13.686  10.899  -4.495  1.00 54.28  ? 195 PRO A CD  1 
ATOM   844  N N   . TRP A 1 131 ? 12.914  8.859   -1.614  1.00 51.81  ? 196 TRP A N   1 
ATOM   845  C CA  . TRP A 1 131 ? 13.245  8.186   -0.363  1.00 49.62  ? 196 TRP A CA  1 
ATOM   846  C C   . TRP A 1 131 ? 12.017  8.019   0.531   1.00 48.56  ? 196 TRP A C   1 
ATOM   847  O O   . TRP A 1 131 ? 11.850  8.738   1.515   1.00 46.95  ? 196 TRP A O   1 
ATOM   848  C CB  . TRP A 1 131 ? 14.424  8.854   0.363   1.00 53.32  ? 196 TRP A CB  1 
ATOM   849  C CG  . TRP A 1 131 ? 15.645  8.998   -0.498  1.00 60.20  ? 196 TRP A CG  1 
ATOM   850  C CD1 . TRP A 1 131 ? 16.274  10.166  -0.808  1.00 58.20  ? 196 TRP A CD1 1 
ATOM   851  C CD2 . TRP A 1 131 ? 16.369  7.962   -1.197  1.00 64.60  ? 196 TRP A CD2 1 
ATOM   852  N NE1 . TRP A 1 131 ? 17.333  9.935   -1.640  1.00 57.92  ? 196 TRP A NE1 1 
ATOM   853  C CE2 . TRP A 1 131 ? 17.420  8.596   -1.900  1.00 62.51  ? 196 TRP A CE2 1 
ATOM   854  C CE3 . TRP A 1 131 ? 16.259  6.564   -1.289  1.00 64.47  ? 196 TRP A CE3 1 
ATOM   855  C CZ2 . TRP A 1 131 ? 18.335  7.888   -2.681  1.00 64.45  ? 196 TRP A CZ2 1 
ATOM   856  C CZ3 . TRP A 1 131 ? 17.162  5.867   -2.064  1.00 60.10  ? 196 TRP A CZ3 1 
ATOM   857  C CH2 . TRP A 1 131 ? 18.187  6.519   -2.747  1.00 65.76  ? 196 TRP A CH2 1 
ATOM   858  N N   . PHE A 1 132 ? 11.188  7.027   0.177   1.00 49.03  ? 197 PHE A N   1 
ATOM   859  C CA  . PHE A 1 132 ? 10.021  6.586   0.933   1.00 50.70  ? 197 PHE A CA  1 
ATOM   860  C C   . PHE A 1 132 ? 9.912   5.062   0.832   1.00 52.99  ? 197 PHE A C   1 
ATOM   861  O O   . PHE A 1 132 ? 10.502  4.469   -0.080  1.00 46.45  ? 197 PHE A O   1 
ATOM   862  C CB  . PHE A 1 132 ? 8.757   7.208   0.343   1.00 44.27  ? 197 PHE A CB  1 
ATOM   863  C CG  . PHE A 1 132 ? 8.534   6.854   -1.107  1.00 42.89  ? 197 PHE A CG  1 
ATOM   864  C CD1 . PHE A 1 132 ? 7.713   5.787   -1.446  1.00 41.61  ? 197 PHE A CD1 1 
ATOM   865  C CD2 . PHE A 1 132 ? 9.143   7.583   -2.130  1.00 40.91  ? 197 PHE A CD2 1 
ATOM   866  C CE1 . PHE A 1 132 ? 7.512   5.457   -2.778  1.00 42.71  ? 197 PHE A CE1 1 
ATOM   867  C CE2 . PHE A 1 132 ? 8.934   7.254   -3.461  1.00 38.74  ? 197 PHE A CE2 1 
ATOM   868  C CZ  . PHE A 1 132 ? 8.119   6.192   -3.780  1.00 40.58  ? 197 PHE A CZ  1 
ATOM   869  N N   . GLY A 1 133 ? 9.150   4.447   1.758   1.00 55.06  ? 198 GLY A N   1 
ATOM   870  C CA  . GLY A 1 133 ? 8.901   3.011   1.740   1.00 54.93  ? 198 GLY A CA  1 
ATOM   871  C C   . GLY A 1 133 ? 7.711   2.616   2.611   1.00 56.28  ? 198 GLY A C   1 
ATOM   872  O O   . GLY A 1 133 ? 7.250   3.411   3.427   1.00 60.59  ? 198 GLY A O   1 
ATOM   873  N N   . GLY A 1 134 ? 7.226   1.380   2.439   1.00 53.86  ? 199 GLY A N   1 
ATOM   874  C CA  . GLY A 1 134 ? 6.099   0.919   3.233   1.00 54.01  ? 199 GLY A CA  1 
ATOM   875  C C   . GLY A 1 134 ? 4.903   0.501   2.386   1.00 52.42  ? 199 GLY A C   1 
ATOM   876  O O   . GLY A 1 134 ? 4.825   0.790   1.195   1.00 48.92  ? 199 GLY A O   1 
ATOM   877  N N   . LEU A 1 135 ? 3.953   -0.165  3.040   1.00 54.87  ? 200 LEU A N   1 
ATOM   878  C CA  . LEU A 1 135 ? 2.870   -0.804  2.312   1.00 58.08  ? 200 LEU A CA  1 
ATOM   879  C C   . LEU A 1 135 ? 1.570   0.001   2.406   1.00 59.77  ? 200 LEU A C   1 
ATOM   880  O O   . LEU A 1 135 ? 0.555   -0.464  1.889   1.00 59.00  ? 200 LEU A O   1 
ATOM   881  C CB  . LEU A 1 135 ? 2.698   -2.244  2.822   1.00 56.05  ? 200 LEU A CB  1 
ATOM   882  C CG  . LEU A 1 135 ? 1.706   -3.144  2.072   1.00 52.55  ? 200 LEU A CG  1 
ATOM   883  C CD1 . LEU A 1 135 ? 2.127   -3.410  0.627   1.00 44.20  ? 200 LEU A CD1 1 
ATOM   884  C CD2 . LEU A 1 135 ? 1.472   -4.449  2.825   1.00 46.67  ? 200 LEU A CD2 1 
ATOM   885  N N   . SER A 1 136 ? 1.597   1.214   2.986   1.00 59.96  ? 201 SER A N   1 
ATOM   886  C CA  . SER A 1 136 ? 0.343   1.885   3.315   1.00 60.48  ? 201 SER A CA  1 
ATOM   887  C C   . SER A 1 136 ? -0.251  2.637   2.124   1.00 57.35  ? 201 SER A C   1 
ATOM   888  O O   . SER A 1 136 ? -1.375  3.153   2.208   1.00 60.52  ? 201 SER A O   1 
ATOM   889  C CB  . SER A 1 136 ? 0.439   2.747   4.542   1.00 61.13  ? 201 SER A CB  1 
ATOM   890  O OG  . SER A 1 136 ? 1.545   3.614   4.447   1.00 61.63  ? 201 SER A OG  1 
ATOM   891  N N   . GLY A 1 137 ? 0.521   2.678   1.032   1.00 52.15  ? 202 GLY A N   1 
ATOM   892  C CA  . GLY A 1 137 ? 0.022   3.095   -0.266  1.00 52.48  ? 202 GLY A CA  1 
ATOM   893  C C   . GLY A 1 137 ? -0.909  2.050   -0.873  1.00 48.75  ? 202 GLY A C   1 
ATOM   894  O O   . GLY A 1 137 ? -1.992  2.361   -1.360  1.00 49.74  ? 202 GLY A O   1 
ATOM   895  N N   . VAL A 1 138 ? -0.477  0.793   -0.827  1.00 50.28  ? 203 VAL A N   1 
ATOM   896  C CA  . VAL A 1 138 ? -1.354  -0.312  -1.170  1.00 44.63  ? 203 VAL A CA  1 
ATOM   897  C C   . VAL A 1 138 ? -2.524  -0.360  -0.184  1.00 43.05  ? 203 VAL A C   1 
ATOM   898  O O   . VAL A 1 138 ? -3.644  -0.614  -0.607  1.00 45.46  ? 203 VAL A O   1 
ATOM   899  C CB  . VAL A 1 138 ? -0.563  -1.634  -1.240  1.00 44.64  ? 203 VAL A CB  1 
ATOM   900  C CG1 . VAL A 1 138 ? -1.466  -2.836  -1.411  1.00 47.64  ? 203 VAL A CG1 1 
ATOM   901  C CG2 . VAL A 1 138 ? 0.460   -1.608  -2.363  1.00 43.67  ? 203 VAL A CG2 1 
ATOM   902  N N   . VAL A 1 139 ? -2.271  -0.071  1.107   1.00 42.89  ? 204 VAL A N   1 
ATOM   903  C CA  . VAL A 1 139 ? -3.254  -0.174  2.184   1.00 41.19  ? 204 VAL A CA  1 
ATOM   904  C C   . VAL A 1 139 ? -4.358  0.867   2.006   1.00 47.54  ? 204 VAL A C   1 
ATOM   905  O O   . VAL A 1 139 ? -5.537  0.541   2.156   1.00 50.78  ? 204 VAL A O   1 
ATOM   906  C CB  . VAL A 1 139 ? -2.592  -0.081  3.575   1.00 39.88  ? 204 VAL A CB  1 
ATOM   907  C CG1 . VAL A 1 139 ? -3.507  0.503   4.647   1.00 36.76  ? 204 VAL A CG1 1 
ATOM   908  C CG2 . VAL A 1 139 ? -2.014  -1.413  4.019   1.00 38.04  ? 204 VAL A CG2 1 
ATOM   909  N N   . PHE A 1 140 ? -3.965  2.108   1.678   1.00 52.08  ? 205 PHE A N   1 
ATOM   910  C CA  . PHE A 1 140 ? -4.909  3.177   1.383   1.00 47.60  ? 205 PHE A CA  1 
ATOM   911  C C   . PHE A 1 140 ? -5.778  2.865   0.159   1.00 47.42  ? 205 PHE A C   1 
ATOM   912  O O   . PHE A 1 140 ? -6.951  3.222   0.139   1.00 51.55  ? 205 PHE A O   1 
ATOM   913  C CB  . PHE A 1 140 ? -4.219  4.545   1.355   1.00 48.05  ? 205 PHE A CB  1 
ATOM   914  C CG  . PHE A 1 140 ? -4.265  5.248   2.690   1.00 46.73  ? 205 PHE A CG  1 
ATOM   915  C CD1 . PHE A 1 140 ? -5.374  5.998   3.062   1.00 46.85  ? 205 PHE A CD1 1 
ATOM   916  C CD2 . PHE A 1 140 ? -3.224  5.127   3.599   1.00 46.58  ? 205 PHE A CD2 1 
ATOM   917  C CE1 . PHE A 1 140 ? -5.435  6.627   4.298   1.00 42.85  ? 205 PHE A CE1 1 
ATOM   918  C CE2 . PHE A 1 140 ? -3.288  5.748   4.839   1.00 47.08  ? 205 PHE A CE2 1 
ATOM   919  C CZ  . PHE A 1 140 ? -4.391  6.503   5.186   1.00 46.11  ? 205 PHE A CZ  1 
ATOM   920  N N   . ALA A 1 141 ? -5.224  2.202   -0.863  1.00 44.92  ? 206 ALA A N   1 
ATOM   921  C CA  . ALA A 1 141 ? -6.050  1.781   -1.987  1.00 47.36  ? 206 ALA A CA  1 
ATOM   922  C C   . ALA A 1 141 ? -7.024  0.671   -1.574  1.00 53.48  ? 206 ALA A C   1 
ATOM   923  O O   . ALA A 1 141 ? -8.150  0.628   -2.078  1.00 58.56  ? 206 ALA A O   1 
ATOM   924  C CB  . ALA A 1 141 ? -5.202  1.374   -3.164  1.00 46.16  ? 206 ALA A CB  1 
ATOM   925  N N   . LEU A 1 142 ? -6.598  -0.220  -0.663  1.00 49.31  ? 207 LEU A N   1 
ATOM   926  C CA  . LEU A 1 142 ? -7.474  -1.272  -0.169  1.00 50.40  ? 207 LEU A CA  1 
ATOM   927  C C   . LEU A 1 142 ? -8.617  -0.690  0.666   1.00 51.86  ? 207 LEU A C   1 
ATOM   928  O O   . LEU A 1 142 ? -9.755  -1.143  0.530   1.00 51.36  ? 207 LEU A O   1 
ATOM   929  C CB  . LEU A 1 142 ? -6.684  -2.326  0.617   1.00 49.52  ? 207 LEU A CB  1 
ATOM   930  C CG  . LEU A 1 142 ? -5.802  -3.276  -0.202  1.00 48.60  ? 207 LEU A CG  1 
ATOM   931  C CD1 . LEU A 1 142 ? -4.897  -4.094  0.717   1.00 43.80  ? 207 LEU A CD1 1 
ATOM   932  C CD2 . LEU A 1 142 ? -6.628  -4.188  -1.113  1.00 45.02  ? 207 LEU A CD2 1 
ATOM   933  N N   . MET A 1 143 ? -8.319  0.311   1.514   1.00 52.90  ? 208 MET A N   1 
ATOM   934  C CA  . MET A 1 143 ? -9.338  0.972   2.322   1.00 53.05  ? 208 MET A CA  1 
ATOM   935  C C   . MET A 1 143 ? -10.401 1.617   1.429   1.00 56.67  ? 208 MET A C   1 
ATOM   936  O O   . MET A 1 143 ? -11.598 1.507   1.711   1.00 58.30  ? 208 MET A O   1 
ATOM   937  C CB  . MET A 1 143 ? -8.733  2.032   3.242   1.00 57.09  ? 208 MET A CB  1 
ATOM   938  C CG  . MET A 1 143 ? -8.116  1.425   4.473   1.00 69.65  ? 208 MET A CG  1 
ATOM   939  S SD  . MET A 1 143 ? -7.691  2.605   5.763   1.00 83.26  ? 208 MET A SD  1 
ATOM   940  C CE  . MET A 1 143 ? -6.210  3.305   5.068   1.00 76.17  ? 208 MET A CE  1 
ATOM   941  N N   . GLY A 1 144 ? -9.933  2.267   0.348   1.00 53.85  ? 209 GLY A N   1 
ATOM   942  C CA  . GLY A 1 144 ? -10.750 2.914   -0.665  1.00 50.37  ? 209 GLY A CA  1 
ATOM   943  C C   . GLY A 1 144 ? -11.620 1.933   -1.447  1.00 49.29  ? 209 GLY A C   1 
ATOM   944  O O   . GLY A 1 144 ? -12.813 2.161   -1.596  1.00 55.49  ? 209 GLY A O   1 
ATOM   945  N N   . TYR A 1 145 ? -11.019 0.842   -1.932  1.00 48.78  ? 210 TYR A N   1 
ATOM   946  C CA  . TYR A 1 145 ? -11.731 -0.211  -2.650  1.00 52.92  ? 210 TYR A CA  1 
ATOM   947  C C   . TYR A 1 145 ? -12.789 -0.924  -1.789  1.00 59.82  ? 210 TYR A C   1 
ATOM   948  O O   . TYR A 1 145 ? -13.939 -1.096  -2.214  1.00 50.63  ? 210 TYR A O   1 
ATOM   949  C CB  . TYR A 1 145 ? -10.735 -1.230  -3.210  1.00 43.44  ? 210 TYR A CB  1 
ATOM   950  C CG  . TYR A 1 145 ? -11.321 -2.189  -4.210  1.00 39.43  ? 210 TYR A CG  1 
ATOM   951  C CD1 . TYR A 1 145 ? -11.145 -1.978  -5.574  1.00 39.95  ? 210 TYR A CD1 1 
ATOM   952  C CD2 . TYR A 1 145 ? -12.051 -3.298  -3.798  1.00 35.60  ? 210 TYR A CD2 1 
ATOM   953  C CE1 . TYR A 1 145 ? -11.678 -2.853  -6.511  1.00 40.64  ? 210 TYR A CE1 1 
ATOM   954  C CE2 . TYR A 1 145 ? -12.605 -4.172  -4.720  1.00 35.49  ? 210 TYR A CE2 1 
ATOM   955  C CZ  . TYR A 1 145 ? -12.408 -3.955  -6.082  1.00 40.11  ? 210 TYR A CZ  1 
ATOM   956  O OH  . TYR A 1 145 ? -12.919 -4.810  -7.018  1.00 36.23  ? 210 TYR A OH  1 
ATOM   957  N N   . VAL A 1 146 ? -12.395 -1.365  -0.587  1.00 59.89  ? 211 VAL A N   1 
ATOM   958  C CA  . VAL A 1 146 ? -13.294 -2.126  0.263   1.00 61.76  ? 211 VAL A CA  1 
ATOM   959  C C   . VAL A 1 146 ? -14.487 -1.263  0.689   1.00 62.94  ? 211 VAL A C   1 
ATOM   960  O O   . VAL A 1 146 ? -15.620 -1.744  0.675   1.00 62.52  ? 211 VAL A O   1 
ATOM   961  C CB  . VAL A 1 146 ? -12.542 -2.776  1.444   1.00 62.83  ? 211 VAL A CB  1 
ATOM   962  C CG1 . VAL A 1 146 ? -13.471 -3.540  2.375   1.00 58.04  ? 211 VAL A CG1 1 
ATOM   963  C CG2 . VAL A 1 146 ? -11.429 -3.694  0.958   1.00 60.13  ? 211 VAL A CG2 1 
ATOM   964  N N   . TRP A 1 147 ? -14.248 0.009   1.045   1.00 63.74  ? 212 TRP A N   1 
ATOM   965  C CA  . TRP A 1 147 ? -15.342 0.905   1.407   1.00 60.49  ? 212 TRP A CA  1 
ATOM   966  C C   . TRP A 1 147 ? -16.324 1.137   0.248   1.00 56.54  ? 212 TRP A C   1 
ATOM   967  O O   . TRP A 1 147 ? -17.518 0.908   0.422   1.00 52.78  ? 212 TRP A O   1 
ATOM   968  C CB  . TRP A 1 147 ? -14.843 2.228   2.004   1.00 61.56  ? 212 TRP A CB  1 
ATOM   969  C CG  . TRP A 1 147 ? -15.964 3.200   2.191   1.00 61.91  ? 212 TRP A CG  1 
ATOM   970  C CD1 . TRP A 1 147 ? -16.910 3.150   3.169   1.00 65.95  ? 212 TRP A CD1 1 
ATOM   971  C CD2 . TRP A 1 147 ? -16.300 4.338   1.370   1.00 67.10  ? 212 TRP A CD2 1 
ATOM   972  N NE1 . TRP A 1 147 ? -17.807 4.174   3.022   1.00 68.61  ? 212 TRP A NE1 1 
ATOM   973  C CE2 . TRP A 1 147 ? -17.459 4.925   1.930   1.00 68.78  ? 212 TRP A CE2 1 
ATOM   974  C CE3 . TRP A 1 147 ? -15.739 4.936   0.234   1.00 66.44  ? 212 TRP A CE3 1 
ATOM   975  C CZ2 . TRP A 1 147 ? -18.061 6.066   1.393   1.00 63.78  ? 212 TRP A CZ2 1 
ATOM   976  C CZ3 . TRP A 1 147 ? -16.341 6.057   -0.301  1.00 64.19  ? 212 TRP A CZ3 1 
ATOM   977  C CH2 . TRP A 1 147 ? -17.484 6.615   0.273   1.00 61.93  ? 212 TRP A CH2 1 
ATOM   978  N N   . LEU A 1 148 ? -15.838 1.597   -0.922  1.00 51.75  ? 213 LEU A N   1 
ATOM   979  C CA  . LEU A 1 148 ? -16.709 1.981   -2.025  1.00 52.03  ? 213 LEU A CA  1 
ATOM   980  C C   . LEU A 1 148 ? -17.419 0.754   -2.584  1.00 55.03  ? 213 LEU A C   1 
ATOM   981  O O   . LEU A 1 148 ? -18.611 0.818   -2.877  1.00 59.47  ? 213 LEU A O   1 
ATOM   982  C CB  . LEU A 1 148 ? -15.928 2.723   -3.120  1.00 53.13  ? 213 LEU A CB  1 
ATOM   983  C CG  . LEU A 1 148 ? -16.751 3.409   -4.222  1.00 50.49  ? 213 LEU A CG  1 
ATOM   984  C CD1 . LEU A 1 148 ? -16.034 4.622   -4.778  1.00 48.86  ? 213 LEU A CD1 1 
ATOM   985  C CD2 . LEU A 1 148 ? -17.040 2.458   -5.370  1.00 54.03  ? 213 LEU A CD2 1 
ATOM   986  N N   . ARG A 1 149 ? -16.681 -0.352  -2.738  1.00 60.95  ? 214 ARG A N   1 
ATOM   987  C CA  . ARG A 1 149 ? -17.228 -1.586  -3.286  1.00 62.40  ? 214 ARG A CA  1 
ATOM   988  C C   . ARG A 1 149 ? -18.370 -2.103  -2.402  1.00 62.59  ? 214 ARG A C   1 
ATOM   989  O O   . ARG A 1 149 ? -19.350 -2.641  -2.911  1.00 54.07  ? 214 ARG A O   1 
ATOM   990  C CB  . ARG A 1 149 ? -16.112 -2.624  -3.437  1.00 61.93  ? 214 ARG A CB  1 
ATOM   991  C CG  . ARG A 1 149 ? -16.518 -3.897  -4.164  1.00 59.32  ? 214 ARG A CG  1 
ATOM   992  C CD  . ARG A 1 149 ? -16.494 -3.708  -5.671  1.00 60.64  ? 214 ARG A CD  1 
ATOM   993  N NE  . ARG A 1 149 ? -17.231 -4.804  -6.275  1.00 63.10  ? 214 ARG A NE  1 
ATOM   994  C CZ  . ARG A 1 149 ? -16.718 -5.883  -6.870  1.00 60.96  ? 214 ARG A CZ  1 
ATOM   995  N NH1 . ARG A 1 149 ? -15.414 -6.035  -7.026  1.00 60.70  ? 214 ARG A NH1 1 
ATOM   996  N NH2 . ARG A 1 149 ? -17.533 -6.818  -7.318  1.00 62.93  ? 214 ARG A NH2 1 
ATOM   997  N N   . GLY A 1 150 ? -18.234 -1.922  -1.078  1.00 63.11  ? 215 GLY A N   1 
ATOM   998  C CA  . GLY A 1 150 ? -19.222 -2.344  -0.099  1.00 60.37  ? 215 GLY A CA  1 
ATOM   999  C C   . GLY A 1 150 ? -20.472 -1.470  -0.103  1.00 66.84  ? 215 GLY A C   1 
ATOM   1000 O O   . GLY A 1 150 ? -21.505 -1.881  0.423   1.00 71.71  ? 215 GLY A O   1 
ATOM   1001 N N   . GLU A 1 151 ? -20.371 -0.262  -0.680  1.00 66.03  ? 216 GLU A N   1 
ATOM   1002 C CA  . GLU A 1 151 ? -21.497 0.662   -0.719  1.00 59.47  ? 216 GLU A CA  1 
ATOM   1003 C C   . GLU A 1 151 ? -22.258 0.528   -2.033  1.00 60.88  ? 216 GLU A C   1 
ATOM   1004 O O   . GLU A 1 151 ? -23.481 0.636   -2.051  1.00 73.52  ? 216 GLU A O   1 
ATOM   1005 C CB  . GLU A 1 151 ? -21.052 2.107   -0.534  1.00 55.99  ? 216 GLU A CB  1 
ATOM   1006 C CG  . GLU A 1 151 ? -20.367 2.366   0.793   1.00 56.78  ? 216 GLU A CG  1 
ATOM   1007 C CD  . GLU A 1 151 ? -21.311 2.627   1.944   1.00 58.84  ? 216 GLU A CD  1 
ATOM   1008 O OE1 . GLU A 1 151 ? -22.498 2.277   1.818   1.00 68.20  ? 216 GLU A OE1 1 
ATOM   1009 O OE2 . GLU A 1 151 ? -20.859 3.192   2.955   1.00 62.44  ? 216 GLU A OE2 1 
ATOM   1010 N N   . ARG A 1 152 ? -21.533 0.270   -3.121  1.00 58.46  ? 217 ARG A N   1 
ATOM   1011 C CA  . ARG A 1 152 ? -22.132 0.256   -4.442  1.00 63.22  ? 217 ARG A CA  1 
ATOM   1012 C C   . ARG A 1 152 ? -22.450 -1.164  -4.903  1.00 67.64  ? 217 ARG A C   1 
ATOM   1013 O O   . ARG A 1 152 ? -23.288 -1.354  -5.781  1.00 74.16  ? 217 ARG A O   1 
ATOM   1014 C CB  . ARG A 1 152 ? -21.221 0.982   -5.432  1.00 62.86  ? 217 ARG A CB  1 
ATOM   1015 C CG  . ARG A 1 152 ? -21.134 2.478   -5.181  1.00 67.01  ? 217 ARG A CG  1 
ATOM   1016 C CD  . ARG A 1 152 ? -20.335 3.168   -6.261  1.00 71.40  ? 217 ARG A CD  1 
ATOM   1017 N NE  . ARG A 1 152 ? -20.424 2.462   -7.531  1.00 76.20  ? 217 ARG A NE  1 
ATOM   1018 C CZ  . ARG A 1 152 ? -21.120 2.862   -8.590  1.00 84.97  ? 217 ARG A CZ  1 
ATOM   1019 N NH1 . ARG A 1 152 ? -21.819 3.987   -8.555  1.00 89.70  ? 217 ARG A NH1 1 
ATOM   1020 N NH2 . ARG A 1 152 ? -21.103 2.136   -9.693  1.00 86.65  ? 217 ARG A NH2 1 
ATOM   1021 N N   . ASP A 1 153 ? -21.761 -2.155  -4.338  1.00 73.17  ? 218 ASP A N   1 
ATOM   1022 C CA  . ASP A 1 153 ? -22.032 -3.541  -4.677  1.00 81.77  ? 218 ASP A CA  1 
ATOM   1023 C C   . ASP A 1 153 ? -21.985 -4.386  -3.401  1.00 88.86  ? 218 ASP A C   1 
ATOM   1024 O O   . ASP A 1 153 ? -21.090 -5.218  -3.237  1.00 83.04  ? 218 ASP A O   1 
ATOM   1025 C CB  . ASP A 1 153 ? -21.115 -4.026  -5.805  1.00 78.82  ? 218 ASP A CB  1 
ATOM   1026 C CG  . ASP A 1 153 ? -21.353 -5.466  -6.233  1.00 86.46  ? 218 ASP A CG  1 
ATOM   1027 O OD1 . ASP A 1 153 ? -20.459 -6.016  -6.893  1.00 87.76  ? 218 ASP A OD1 1 
ATOM   1028 O OD2 . ASP A 1 153 ? -22.439 -6.027  -5.928  1.00 96.94  ? 218 ASP A OD2 1 
ATOM   1029 N N   . PRO A 1 154 ? -22.978 -4.229  -2.486  1.00 87.21  ? 219 PRO A N   1 
ATOM   1030 C CA  . PRO A 1 154 ? -22.914 -4.833  -1.150  1.00 80.75  ? 219 PRO A CA  1 
ATOM   1031 C C   . PRO A 1 154 ? -22.735 -6.349  -1.212  1.00 74.98  ? 219 PRO A C   1 
ATOM   1032 O O   . PRO A 1 154 ? -22.136 -6.949  -0.318  1.00 70.50  ? 219 PRO A O   1 
ATOM   1033 C CB  . PRO A 1 154 ? -24.286 -4.513  -0.537  1.00 74.01  ? 219 PRO A CB  1 
ATOM   1034 C CG  . PRO A 1 154 ? -24.805 -3.336  -1.326  1.00 73.21  ? 219 PRO A CG  1 
ATOM   1035 C CD  . PRO A 1 154 ? -24.245 -3.514  -2.719  1.00 81.15  ? 219 PRO A CD  1 
ATOM   1036 N N   . GLN A 1 155 ? -23.244 -6.913  -2.318  1.00 72.35  ? 220 GLN A N   1 
ATOM   1037 C CA  . GLN A 1 155 ? -23.321 -8.330  -2.632  1.00 76.71  ? 220 GLN A CA  1 
ATOM   1038 C C   . GLN A 1 155 ? -21.943 -8.969  -2.831  1.00 87.46  ? 220 GLN A C   1 
ATOM   1039 O O   . GLN A 1 155 ? -21.833 -10.196 -2.824  1.00 98.35  ? 220 GLN A O   1 
ATOM   1040 C CB  . GLN A 1 155 ? -24.126 -8.498  -3.919  1.00 71.81  ? 220 GLN A CB  1 
ATOM   1041 C CG  . GLN A 1 155 ? -25.538 -8.994  -3.687  1.00 75.03  ? 220 GLN A CG  1 
ATOM   1042 C CD  . GLN A 1 155 ? -26.333 -8.912  -4.968  1.00 81.55  ? 220 GLN A CD  1 
ATOM   1043 O OE1 . GLN A 1 155 ? -26.274 -7.931  -5.708  1.00 77.38  ? 220 GLN A OE1 1 
ATOM   1044 N NE2 . GLN A 1 155 ? -27.077 -9.962  -5.254  1.00 82.39  ? 220 GLN A NE2 1 
ATOM   1045 N N   . SER A 1 156 ? -20.907 -8.145  -3.045  1.00 83.66  ? 221 SER A N   1 
ATOM   1046 C CA  . SER A 1 156 ? -19.548 -8.625  -3.234  1.00 72.54  ? 221 SER A CA  1 
ATOM   1047 C C   . SER A 1 156 ? -19.081 -9.334  -1.966  1.00 73.86  ? 221 SER A C   1 
ATOM   1048 O O   . SER A 1 156 ? -18.289 -10.272 -2.034  1.00 84.07  ? 221 SER A O   1 
ATOM   1049 C CB  . SER A 1 156 ? -18.629 -7.490  -3.593  1.00 73.23  ? 221 SER A CB  1 
ATOM   1050 O OG  . SER A 1 156 ? -18.554 -6.542  -2.530  1.00 73.63  ? 221 SER A OG  1 
ATOM   1051 N N   . GLY A 1 157 ? -19.584 -8.870  -0.816  1.00 70.05  ? 222 GLY A N   1 
ATOM   1052 C CA  . GLY A 1 157 ? -19.363 -9.532  0.456   1.00 63.59  ? 222 GLY A CA  1 
ATOM   1053 C C   . GLY A 1 157 ? -18.178 -8.948  1.217   1.00 63.86  ? 222 GLY A C   1 
ATOM   1054 O O   . GLY A 1 157 ? -17.712 -9.567  2.164   1.00 62.49  ? 222 GLY A O   1 
ATOM   1055 N N   . ILE A 1 158 ? -17.702 -7.768  0.789   1.00 69.53  ? 223 ILE A N   1 
ATOM   1056 C CA  . ILE A 1 158 ? -16.701 -7.007  1.528   1.00 68.80  ? 223 ILE A CA  1 
ATOM   1057 C C   . ILE A 1 158 ? -17.325 -5.676  1.937   1.00 70.23  ? 223 ILE A C   1 
ATOM   1058 O O   . ILE A 1 158 ? -18.276 -5.224  1.304   1.00 70.82  ? 223 ILE A O   1 
ATOM   1059 C CB  . ILE A 1 158 ? -15.404 -6.806  0.708   1.00 60.27  ? 223 ILE A CB  1 
ATOM   1060 C CG1 . ILE A 1 158 ? -15.690 -6.180  -0.659  1.00 57.81  ? 223 ILE A CG1 1 
ATOM   1061 C CG2 . ILE A 1 158 ? -14.628 -8.110  0.576   1.00 57.84  ? 223 ILE A CG2 1 
ATOM   1062 C CD1 . ILE A 1 158 ? -14.512 -5.459  -1.257  1.00 56.45  ? 223 ILE A CD1 1 
ATOM   1063 N N   . TYR A 1 159 ? -16.778 -5.057  2.994   1.00 77.56  ? 224 TYR A N   1 
ATOM   1064 C CA  . TYR A 1 159 ? -17.194 -3.726  3.427   1.00 82.73  ? 224 TYR A CA  1 
ATOM   1065 C C   . TYR A 1 159 ? -16.218 -3.143  4.461   1.00 84.86  ? 224 TYR A C   1 
ATOM   1066 O O   . TYR A 1 159 ? -15.519 -3.880  5.155   1.00 91.69  ? 224 TYR A O   1 
ATOM   1067 C CB  . TYR A 1 159 ? -18.621 -3.786  3.981   1.00 82.88  ? 224 TYR A CB  1 
ATOM   1068 C CG  . TYR A 1 159 ? -18.710 -4.154  5.441   1.00 82.00  ? 224 TYR A CG  1 
ATOM   1069 C CD1 . TYR A 1 159 ? -19.180 -3.238  6.373   1.00 79.57  ? 224 TYR A CD1 1 
ATOM   1070 C CD2 . TYR A 1 159 ? -18.311 -5.408  5.890   1.00 77.83  ? 224 TYR A CD2 1 
ATOM   1071 C CE1 . TYR A 1 159 ? -19.253 -3.562  7.716   1.00 88.59  ? 224 TYR A CE1 1 
ATOM   1072 C CE2 . TYR A 1 159 ? -18.386 -5.749  7.228   1.00 86.55  ? 224 TYR A CE2 1 
ATOM   1073 C CZ  . TYR A 1 159 ? -18.857 -4.819  8.142   1.00 96.61  ? 224 TYR A CZ  1 
ATOM   1074 O OH  . TYR A 1 159 ? -18.933 -5.130  9.466   1.00 104.91 ? 224 TYR A OH  1 
ATOM   1075 N N   . LEU A 1 160 ? -16.185 -1.809  4.582   1.00 70.82  ? 225 LEU A N   1 
ATOM   1076 C CA  . LEU A 1 160 ? -15.417 -1.162  5.635   1.00 66.66  ? 225 LEU A CA  1 
ATOM   1077 C C   . LEU A 1 160 ? -16.381 -0.515  6.626   1.00 61.19  ? 225 LEU A C   1 
ATOM   1078 O O   . LEU A 1 160 ? -17.253 0.247   6.236   1.00 60.50  ? 225 LEU A O   1 
ATOM   1079 C CB  . LEU A 1 160 ? -14.471 -0.132  4.996   1.00 66.39  ? 225 LEU A CB  1 
ATOM   1080 C CG  . LEU A 1 160 ? -13.378 0.458   5.897   1.00 61.91  ? 225 LEU A CG  1 
ATOM   1081 C CD1 . LEU A 1 160 ? -12.326 -0.579  6.292   1.00 49.89  ? 225 LEU A CD1 1 
ATOM   1082 C CD2 . LEU A 1 160 ? -12.723 1.659   5.224   1.00 58.24  ? 225 LEU A CD2 1 
ATOM   1083 N N   . GLN A 1 161 ? -16.218 -0.828  7.912   1.00 64.44  ? 226 GLN A N   1 
ATOM   1084 C CA  . GLN A 1 161 ? -17.071 -0.281  8.960   1.00 71.31  ? 226 GLN A CA  1 
ATOM   1085 C C   . GLN A 1 161 ? -16.868 1.225   9.067   1.00 78.30  ? 226 GLN A C   1 
ATOM   1086 O O   . GLN A 1 161 ? -15.821 1.727   8.687   1.00 93.83  ? 226 GLN A O   1 
ATOM   1087 C CB  . GLN A 1 161 ? -16.689 -0.891  10.302  1.00 73.45  ? 226 GLN A CB  1 
ATOM   1088 C CG  . GLN A 1 161 ? -16.099 -2.284  10.172  1.00 81.29  ? 226 GLN A CG  1 
ATOM   1089 C CD  . GLN A 1 161 ? -16.159 -2.997  11.494  1.00 90.35  ? 226 GLN A CD  1 
ATOM   1090 O OE1 . GLN A 1 161 ? -16.090 -4.222  11.555  1.00 102.89 ? 226 GLN A OE1 1 
ATOM   1091 N NE2 . GLN A 1 161 ? -16.303 -2.225  12.560  1.00 95.01  ? 226 GLN A NE2 1 
ATOM   1092 N N   . ARG A 1 162 ? -17.868 1.933   9.609   1.00 91.87  ? 227 ARG A N   1 
ATOM   1093 C CA  . ARG A 1 162 ? -17.815 3.383   9.746   1.00 89.27  ? 227 ARG A CA  1 
ATOM   1094 C C   . ARG A 1 162 ? -16.708 3.777   10.721  1.00 90.06  ? 227 ARG A C   1 
ATOM   1095 O O   . ARG A 1 162 ? -16.036 4.781   10.506  1.00 94.50  ? 227 ARG A O   1 
ATOM   1096 C CB  . ARG A 1 162 ? -19.169 3.987   10.135  1.00 87.66  ? 227 ARG A CB  1 
ATOM   1097 C CG  . ARG A 1 162 ? -19.991 4.464   8.945   1.00 90.82  ? 227 ARG A CG  1 
ATOM   1098 C CD  . ARG A 1 162 ? -21.157 5.389   9.255   1.00 97.08  ? 227 ARG A CD  1 
ATOM   1099 N NE  . ARG A 1 162 ? -20.827 6.783   9.571   1.00 103.26 ? 227 ARG A NE  1 
ATOM   1100 C CZ  . ARG A 1 162 ? -21.622 7.844   9.379   1.00 99.67  ? 227 ARG A CZ  1 
ATOM   1101 N NH1 . ARG A 1 162 ? -22.745 7.733   8.686   1.00 99.62  ? 227 ARG A NH1 1 
ATOM   1102 N NH2 . ARG A 1 162 ? -21.286 9.022   9.878   1.00 88.62  ? 227 ARG A NH2 1 
ATOM   1103 N N   . GLY A 1 163 ? -16.520 2.968   11.770  1.00 85.51  ? 228 GLY A N   1 
ATOM   1104 C CA  . GLY A 1 163 ? -15.488 3.216   12.763  1.00 91.12  ? 228 GLY A CA  1 
ATOM   1105 C C   . GLY A 1 163 ? -14.079 3.204   12.168  1.00 99.02  ? 228 GLY A C   1 
ATOM   1106 O O   . GLY A 1 163 ? -13.148 3.737   12.770  1.00 103.41 ? 228 GLY A O   1 
ATOM   1107 N N   . LEU A 1 164 ? -13.928 2.601   10.982  1.00 96.04  ? 229 LEU A N   1 
ATOM   1108 C CA  . LEU A 1 164 ? -12.628 2.446   10.352  1.00 86.85  ? 229 LEU A CA  1 
ATOM   1109 C C   . LEU A 1 164 ? -12.430 3.501   9.268   1.00 88.94  ? 229 LEU A C   1 
ATOM   1110 O O   . LEU A 1 164 ? -11.300 3.934   9.043   1.00 97.02  ? 229 LEU A O   1 
ATOM   1111 C CB  . LEU A 1 164 ? -12.507 1.041   9.759   1.00 79.24  ? 229 LEU A CB  1 
ATOM   1112 C CG  . LEU A 1 164 ? -12.607 -0.117  10.748  1.00 72.58  ? 229 LEU A CG  1 
ATOM   1113 C CD1 . LEU A 1 164 ? -12.445 -1.433  10.004  1.00 72.65  ? 229 LEU A CD1 1 
ATOM   1114 C CD2 . LEU A 1 164 ? -11.560 0.010   11.849  1.00 67.48  ? 229 LEU A CD2 1 
ATOM   1115 N N   . ILE A 1 165 ? -13.521 3.891   8.594   1.00 93.02  ? 230 ILE A N   1 
ATOM   1116 C CA  . ILE A 1 165 ? -13.460 4.978   7.626   1.00 107.40 ? 230 ILE A CA  1 
ATOM   1117 C C   . ILE A 1 165 ? -13.190 6.303   8.343   1.00 112.51 ? 230 ILE A C   1 
ATOM   1118 O O   . ILE A 1 165 ? -12.762 7.262   7.710   1.00 113.77 ? 230 ILE A O   1 
ATOM   1119 C CB  . ILE A 1 165 ? -14.689 5.066   6.689   1.00 107.17 ? 230 ILE A CB  1 
ATOM   1120 C CG1 . ILE A 1 165 ? -15.752 6.054   7.173   1.00 104.10 ? 230 ILE A CG1 1 
ATOM   1121 C CG2 . ILE A 1 165 ? -15.290 3.708   6.359   1.00 105.47 ? 230 ILE A CG2 1 
ATOM   1122 C CD1 . ILE A 1 165 ? -16.508 6.694   6.032   1.00 108.62 ? 230 ILE A CD1 1 
ATOM   1123 N N   . ILE A 1 166 ? -13.432 6.350   9.660   1.00 109.83 ? 231 ILE A N   1 
ATOM   1124 C CA  . ILE A 1 166 ? -13.065 7.520   10.446  1.00 109.44 ? 231 ILE A CA  1 
ATOM   1125 C C   . ILE A 1 166 ? -11.591 7.458   10.849  1.00 112.10 ? 231 ILE A C   1 
ATOM   1126 O O   . ILE A 1 166 ? -10.897 8.470   10.774  1.00 118.02 ? 231 ILE A O   1 
ATOM   1127 C CB  . ILE A 1 166 ? -14.019 7.795   11.630  1.00 106.06 ? 231 ILE A CB  1 
ATOM   1128 C CG1 . ILE A 1 166 ? -13.977 6.730   12.734  1.00 105.95 ? 231 ILE A CG1 1 
ATOM   1129 C CG2 . ILE A 1 166 ? -15.432 8.054   11.130  1.00 101.86 ? 231 ILE A CG2 1 
ATOM   1130 C CD1 . ILE A 1 166 ? -13.281 7.170   14.010  1.00 95.56  ? 231 ILE A CD1 1 
ATOM   1131 N N   . PHE A 1 167 ? -11.104 6.274   11.238  1.00 107.88 ? 232 PHE A N   1 
ATOM   1132 C CA  . PHE A 1 167 ? -9.698  6.145   11.592  1.00 108.40 ? 232 PHE A CA  1 
ATOM   1133 C C   . PHE A 1 167 ? -8.818  6.396   10.368  1.00 99.49  ? 232 PHE A C   1 
ATOM   1134 O O   . PHE A 1 167 ? -7.754  7.001   10.484  1.00 103.10 ? 232 PHE A O   1 
ATOM   1135 C CB  . PHE A 1 167 ? -9.389  4.794   12.242  1.00 123.69 ? 232 PHE A CB  1 
ATOM   1136 C CG  . PHE A 1 167 ? -7.992  4.701   12.807  1.00 138.13 ? 232 PHE A CG  1 
ATOM   1137 C CD1 . PHE A 1 167 ? -7.715  5.129   14.099  1.00 142.29 ? 232 PHE A CD1 1 
ATOM   1138 C CD2 . PHE A 1 167 ? -6.943  4.204   12.044  1.00 143.61 ? 232 PHE A CD2 1 
ATOM   1139 C CE1 . PHE A 1 167 ? -6.430  5.048   14.622  1.00 144.09 ? 232 PHE A CE1 1 
ATOM   1140 C CE2 . PHE A 1 167 ? -5.659  4.130   12.565  1.00 142.75 ? 232 PHE A CE2 1 
ATOM   1141 C CZ  . PHE A 1 167 ? -5.402  4.549   13.853  1.00 143.47 ? 232 PHE A CZ  1 
ATOM   1142 N N   . ALA A 1 168 ? -9.275  5.924   9.203   1.00 84.15  ? 233 ALA A N   1 
ATOM   1143 C CA  . ALA A 1 168 ? -8.583  6.121   7.939   1.00 76.53  ? 233 ALA A CA  1 
ATOM   1144 C C   . ALA A 1 168 ? -8.427  7.611   7.617   1.00 75.44  ? 233 ALA A C   1 
ATOM   1145 O O   . ALA A 1 168 ? -7.358  8.046   7.188   1.00 70.87  ? 233 ALA A O   1 
ATOM   1146 C CB  . ALA A 1 168 ? -9.335  5.400   6.850   1.00 71.92  ? 233 ALA A CB  1 
ATOM   1147 N N   . LEU A 1 169 ? -9.506  8.385   7.809   1.00 80.28  ? 234 LEU A N   1 
ATOM   1148 C CA  . LEU A 1 169 ? -9.553  9.798   7.460   1.00 83.00  ? 234 LEU A CA  1 
ATOM   1149 C C   . LEU A 1 169 ? -8.744  10.666  8.431   1.00 87.59  ? 234 LEU A C   1 
ATOM   1150 O O   . LEU A 1 169 ? -8.146  11.662  8.016   1.00 83.55  ? 234 LEU A O   1 
ATOM   1151 C CB  . LEU A 1 169 ? -11.014 10.248  7.388   1.00 75.89  ? 234 LEU A CB  1 
ATOM   1152 C CG  . LEU A 1 169 ? -11.714 9.946   6.062   1.00 78.50  ? 234 LEU A CG  1 
ATOM   1153 C CD1 . LEU A 1 169 ? -13.170 10.378  6.110   1.00 75.28  ? 234 LEU A CD1 1 
ATOM   1154 C CD2 . LEU A 1 169 ? -11.001 10.613  4.889   1.00 70.73  ? 234 LEU A CD2 1 
ATOM   1155 N N   . ILE A 1 170 ? -8.751  10.292  9.718   1.00 85.35  ? 235 ILE A N   1 
ATOM   1156 C CA  . ILE A 1 170 ? -7.925  10.915  10.741  1.00 82.99  ? 235 ILE A CA  1 
ATOM   1157 C C   . ILE A 1 170 ? -6.451  10.641  10.423  1.00 84.97  ? 235 ILE A C   1 
ATOM   1158 O O   . ILE A 1 170 ? -5.598  11.502  10.618  1.00 79.72  ? 235 ILE A O   1 
ATOM   1159 C CB  . ILE A 1 170 ? -8.345  10.397  12.140  1.00 88.06  ? 235 ILE A CB  1 
ATOM   1160 C CG1 . ILE A 1 170 ? -9.700  10.954  12.598  1.00 81.53  ? 235 ILE A CG1 1 
ATOM   1161 C CG2 . ILE A 1 170 ? -7.256  10.580  13.196  1.00 89.16  ? 235 ILE A CG2 1 
ATOM   1162 C CD1 . ILE A 1 170 ? -9.776  12.471  12.698  1.00 75.12  ? 235 ILE A CD1 1 
ATOM   1163 N N   . TRP A 1 171 ? -6.168  9.438   9.908   1.00 84.23  ? 236 TRP A N   1 
ATOM   1164 C CA  . TRP A 1 171 ? -4.821  9.008   9.563   1.00 78.78  ? 236 TRP A CA  1 
ATOM   1165 C C   . TRP A 1 171 ? -4.248  9.853   8.422   1.00 73.51  ? 236 TRP A C   1 
ATOM   1166 O O   . TRP A 1 171 ? -3.120  10.311  8.539   1.00 74.75  ? 236 TRP A O   1 
ATOM   1167 C CB  . TRP A 1 171 ? -4.829  7.492   9.298   1.00 80.70  ? 236 TRP A CB  1 
ATOM   1168 C CG  . TRP A 1 171 ? -3.523  6.833   8.990   1.00 73.28  ? 236 TRP A CG  1 
ATOM   1169 C CD1 . TRP A 1 171 ? -2.272  7.357   9.125   1.00 76.40  ? 236 TRP A CD1 1 
ATOM   1170 C CD2 . TRP A 1 171 ? -3.349  5.484   8.526   1.00 72.88  ? 236 TRP A CD2 1 
ATOM   1171 N NE1 . TRP A 1 171 ? -1.335  6.433   8.754   1.00 79.45  ? 236 TRP A NE1 1 
ATOM   1172 C CE2 . TRP A 1 171 ? -1.964  5.278   8.372   1.00 74.07  ? 236 TRP A CE2 1 
ATOM   1173 C CE3 . TRP A 1 171 ? -4.220  4.432   8.227   1.00 73.83  ? 236 TRP A CE3 1 
ATOM   1174 C CZ2 . TRP A 1 171 ? -1.434  4.067   7.928   1.00 75.91  ? 236 TRP A CZ2 1 
ATOM   1175 C CZ3 . TRP A 1 171 ? -3.692  3.232   7.797   1.00 81.04  ? 236 TRP A CZ3 1 
ATOM   1176 C CH2 . TRP A 1 171 ? -2.317  3.050   7.647   1.00 76.84  ? 236 TRP A CH2 1 
ATOM   1177 N N   . ILE A 1 172 ? -5.029  10.112  7.357   1.00 71.94  ? 237 ILE A N   1 
ATOM   1178 C CA  . ILE A 1 172 ? -4.571  10.966  6.265   1.00 72.22  ? 237 ILE A CA  1 
ATOM   1179 C C   . ILE A 1 172 ? -4.225  12.362  6.782   1.00 75.65  ? 237 ILE A C   1 
ATOM   1180 O O   . ILE A 1 172 ? -3.144  12.870  6.482   1.00 78.72  ? 237 ILE A O   1 
ATOM   1181 C CB  . ILE A 1 172 ? -5.550  11.027  5.067   1.00 71.76  ? 237 ILE A CB  1 
ATOM   1182 C CG1 . ILE A 1 172 ? -5.284  9.904   4.063   1.00 79.87  ? 237 ILE A CG1 1 
ATOM   1183 C CG2 . ILE A 1 172 ? -5.492  12.383  4.371   1.00 72.38  ? 237 ILE A CG2 1 
ATOM   1184 C CD1 . ILE A 1 172 ? -5.421  10.301  2.596   1.00 74.15  ? 237 ILE A CD1 1 
ATOM   1185 N N   . VAL A 1 173 ? -5.144  12.977  7.545   1.00 80.60  ? 238 VAL A N   1 
ATOM   1186 C CA  . VAL A 1 173 ? -5.032  14.389  7.906   1.00 83.21  ? 238 VAL A CA  1 
ATOM   1187 C C   . VAL A 1 173 ? -3.964  14.600  8.979   1.00 87.30  ? 238 VAL A C   1 
ATOM   1188 O O   . VAL A 1 173 ? -3.374  15.670  9.046   1.00 87.13  ? 238 VAL A O   1 
ATOM   1189 C CB  . VAL A 1 173 ? -6.377  15.040  8.280   1.00 77.56  ? 238 VAL A CB  1 
ATOM   1190 C CG1 . VAL A 1 173 ? -7.402  14.898  7.161   1.00 70.97  ? 238 VAL A CG1 1 
ATOM   1191 C CG2 . VAL A 1 173 ? -6.927  14.518  9.602   1.00 83.62  ? 238 VAL A CG2 1 
ATOM   1192 N N   . ALA A 1 174 ? -3.718  13.574  9.803   1.00 89.98  ? 239 ALA A N   1 
ATOM   1193 C CA  . ALA A 1 174 ? -2.658  13.583  10.800  1.00 87.13  ? 239 ALA A CA  1 
ATOM   1194 C C   . ALA A 1 174 ? -1.295  13.467  10.122  1.00 92.60  ? 239 ALA A C   1 
ATOM   1195 O O   . ALA A 1 174 ? -0.268  13.582  10.772  1.00 98.36  ? 239 ALA A O   1 
ATOM   1196 C CB  . ALA A 1 174 ? -2.861  12.452  11.776  1.00 79.98  ? 239 ALA A CB  1 
ATOM   1197 N N   . GLY A 1 175 ? -1.284  13.203  8.817   1.00 95.28  ? 240 GLY A N   1 
ATOM   1198 C CA  . GLY A 1 175 ? -0.049  13.154  8.062   1.00 89.27  ? 240 GLY A CA  1 
ATOM   1199 C C   . GLY A 1 175 ? 0.237   14.509  7.435   1.00 85.59  ? 240 GLY A C   1 
ATOM   1200 O O   . GLY A 1 175 ? 1.393   14.832  7.183   1.00 86.86  ? 240 GLY A O   1 
ATOM   1201 N N   . TRP A 1 176 ? -0.837  15.277  7.204   1.00 89.07  ? 241 TRP A N   1 
ATOM   1202 C CA  . TRP A 1 176 ? -0.758  16.632  6.678   1.00 95.23  ? 241 TRP A CA  1 
ATOM   1203 C C   . TRP A 1 176 ? -0.144  17.562  7.719   1.00 92.45  ? 241 TRP A C   1 
ATOM   1204 O O   . TRP A 1 176 ? 0.475   18.562  7.362   1.00 98.16  ? 241 TRP A O   1 
ATOM   1205 C CB  . TRP A 1 176 ? -2.143  17.157  6.277   1.00 105.65 ? 241 TRP A CB  1 
ATOM   1206 C CG  . TRP A 1 176 ? -2.771  16.507  5.083   1.00 117.47 ? 241 TRP A CG  1 
ATOM   1207 C CD1 . TRP A 1 176 ? -2.165  15.720  4.149   1.00 120.27 ? 241 TRP A CD1 1 
ATOM   1208 C CD2 . TRP A 1 176 ? -4.142  16.639  4.666   1.00 127.29 ? 241 TRP A CD2 1 
ATOM   1209 N NE1 . TRP A 1 176 ? -3.066  15.323  3.200   1.00 122.17 ? 241 TRP A NE1 1 
ATOM   1210 C CE2 . TRP A 1 176 ? -4.286  15.874  3.486   1.00 126.04 ? 241 TRP A CE2 1 
ATOM   1211 C CE3 . TRP A 1 176 ? -5.261  17.310  5.182   1.00 124.99 ? 241 TRP A CE3 1 
ATOM   1212 C CZ2 . TRP A 1 176 ? -5.503  15.770  2.812   1.00 123.95 ? 241 TRP A CZ2 1 
ATOM   1213 C CZ3 . TRP A 1 176 ? -6.463  17.209  4.514   1.00 115.38 ? 241 TRP A CZ3 1 
ATOM   1214 C CH2 . TRP A 1 176 ? -6.579  16.449  3.347   1.00 116.65 ? 241 TRP A CH2 1 
ATOM   1215 N N   . PHE A 1 177 ? -0.363  17.238  9.003   1.00 93.76  ? 242 PHE A N   1 
ATOM   1216 C CA  . PHE A 1 177 ? 0.022   18.104  10.112  1.00 88.27  ? 242 PHE A CA  1 
ATOM   1217 C C   . PHE A 1 177 ? 1.100   17.441  10.966  1.00 93.68  ? 242 PHE A C   1 
ATOM   1218 O O   . PHE A 1 177 ? 1.457   17.947  12.027  1.00 97.14  ? 242 PHE A O   1 
ATOM   1219 C CB  . PHE A 1 177 ? -1.176  18.469  10.990  1.00 81.69  ? 242 PHE A CB  1 
ATOM   1220 C CG  . PHE A 1 177 ? -2.317  19.165  10.286  1.00 87.33  ? 242 PHE A CG  1 
ATOM   1221 C CD1 . PHE A 1 177 ? -3.553  18.544  10.159  1.00 94.27  ? 242 PHE A CD1 1 
ATOM   1222 C CD2 . PHE A 1 177 ? -2.172  20.440  9.756   1.00 83.11  ? 242 PHE A CD2 1 
ATOM   1223 C CE1 . PHE A 1 177 ? -4.610  19.165  9.509   1.00 89.60  ? 242 PHE A CE1 1 
ATOM   1224 C CE2 . PHE A 1 177 ? -3.229  21.062  9.105   1.00 81.77  ? 242 PHE A CE2 1 
ATOM   1225 C CZ  . PHE A 1 177 ? -4.446  20.429  8.987   1.00 83.56  ? 242 PHE A CZ  1 
ATOM   1226 N N   . ASP A 1 178 ? 1.560   16.269  10.527  1.00 98.11  ? 243 ASP A N   1 
ATOM   1227 C CA  . ASP A 1 178 ? 2.828   15.705  10.948  1.00 104.02 ? 243 ASP A CA  1 
ATOM   1228 C C   . ASP A 1 178 ? 2.706   15.150  12.377  1.00 108.65 ? 243 ASP A C   1 
ATOM   1229 O O   . ASP A 1 178 ? 3.228   15.692  13.340  1.00 124.73 ? 243 ASP A O   1 
ATOM   1230 C CB  . ASP A 1 178 ? 3.947   16.690  10.613  1.00 103.49 ? 243 ASP A CB  1 
ATOM   1231 C CG  . ASP A 1 178 ? 5.283   15.990  10.519  1.00 122.53 ? 243 ASP A CG  1 
ATOM   1232 O OD1 . ASP A 1 178 ? 5.922   15.867  11.571  1.00 137.08 ? 243 ASP A OD1 1 
ATOM   1233 O OD2 . ASP A 1 178 ? 5.644   15.545  9.403   1.00 123.57 ? 243 ASP A OD2 1 
ATOM   1234 N N   . MET A 1 182 ? 5.223   12.989  13.168  1.00 112.56 ? 247 MET A N   1 
ATOM   1235 C CA  . MET A 1 182 ? 5.809   11.878  12.428  1.00 99.91  ? 247 MET A CA  1 
ATOM   1236 C C   . MET A 1 182 ? 6.460   12.371  11.137  1.00 96.08  ? 247 MET A C   1 
ATOM   1237 O O   . MET A 1 182 ? 7.247   13.317  11.166  1.00 97.87  ? 247 MET A O   1 
ATOM   1238 C CB  . MET A 1 182 ? 4.751   10.811  12.131  1.00 99.83  ? 247 MET A CB  1 
ATOM   1239 C CG  . MET A 1 182 ? 4.063   10.304  13.383  1.00 102.37 ? 247 MET A CG  1 
ATOM   1240 S SD  . MET A 1 182 ? 3.872   8.507   13.412  1.00 103.35 ? 247 MET A SD  1 
ATOM   1241 C CE  . MET A 1 182 ? 5.581   7.954   13.484  1.00 80.39  ? 247 MET A CE  1 
ATOM   1242 N N   . SER A 1 183 ? 6.154   11.707  10.011  1.00 84.41  ? 248 SER A N   1 
ATOM   1243 C CA  . SER A 1 183 ? 6.766   12.045  8.733   1.00 74.95  ? 248 SER A CA  1 
ATOM   1244 C C   . SER A 1 183 ? 6.269   11.128  7.623   1.00 69.88  ? 248 SER A C   1 
ATOM   1245 O O   . SER A 1 183 ? 7.055   10.395  7.030   1.00 71.64  ? 248 SER A O   1 
ATOM   1246 C CB  . SER A 1 183 ? 8.256   11.960  8.811   1.00 74.49  ? 248 SER A CB  1 
ATOM   1247 O OG  . SER A 1 183 ? 8.809   12.316  7.556   1.00 76.70  ? 248 SER A OG  1 
ATOM   1248 N N   . MET A 1 184 ? 4.968   11.200  7.325   1.00 67.19  ? 249 MET A N   1 
ATOM   1249 C CA  . MET A 1 184 ? 4.338   10.211  6.466   1.00 67.01  ? 249 MET A CA  1 
ATOM   1250 C C   . MET A 1 184 ? 4.532   10.561  4.994   1.00 60.51  ? 249 MET A C   1 
ATOM   1251 O O   . MET A 1 184 ? 4.847   11.700  4.663   1.00 70.40  ? 249 MET A O   1 
ATOM   1252 C CB  . MET A 1 184 ? 2.849   10.087  6.809   1.00 70.65  ? 249 MET A CB  1 
ATOM   1253 C CG  . MET A 1 184 ? 2.634   9.476   8.178   1.00 70.37  ? 249 MET A CG  1 
ATOM   1254 S SD  . MET A 1 184 ? 0.906   9.510   8.638   1.00 88.31  ? 249 MET A SD  1 
ATOM   1255 C CE  . MET A 1 184 ? 1.038   9.197   10.399  1.00 89.80  ? 249 MET A CE  1 
ATOM   1256 N N   . ALA A 1 185 ? 4.365   9.562   4.119   1.00 52.98  ? 250 ALA A N   1 
ATOM   1257 C CA  . ALA A 1 185 ? 4.356   9.777   2.680   1.00 55.02  ? 250 ALA A CA  1 
ATOM   1258 C C   . ALA A 1 185 ? 2.938   10.152  2.252   1.00 59.93  ? 250 ALA A C   1 
ATOM   1259 O O   . ALA A 1 185 ? 2.105   9.278   1.976   1.00 57.06  ? 250 ALA A O   1 
ATOM   1260 C CB  . ALA A 1 185 ? 4.861   8.547   1.963   1.00 50.23  ? 250 ALA A CB  1 
ATOM   1261 N N   . ASN A 1 186 ? 2.678   11.468  2.194   1.00 59.32  ? 251 ASN A N   1 
ATOM   1262 C CA  . ASN A 1 186 ? 1.326   11.978  2.029   1.00 57.24  ? 251 ASN A CA  1 
ATOM   1263 C C   . ASN A 1 186 ? 0.817   11.760  0.608   1.00 59.52  ? 251 ASN A C   1 
ATOM   1264 O O   . ASN A 1 186 ? -0.378  11.562  0.430   1.00 69.94  ? 251 ASN A O   1 
ATOM   1265 C CB  . ASN A 1 186 ? 1.164   13.424  2.494   1.00 56.86  ? 251 ASN A CB  1 
ATOM   1266 C CG  . ASN A 1 186 ? 1.260   13.549  3.998   1.00 57.16  ? 251 ASN A CG  1 
ATOM   1267 O OD1 . ASN A 1 186 ? 0.545   12.873  4.733   1.00 58.47  ? 251 ASN A OD1 1 
ATOM   1268 N ND2 . ASN A 1 186 ? 2.153   14.403  4.463   1.00 56.70  ? 251 ASN A ND2 1 
ATOM   1269 N N   . GLY A 1 187 ? 1.711   11.783  -0.385  1.00 53.93  ? 252 GLY A N   1 
ATOM   1270 C CA  . GLY A 1 187 ? 1.299   11.599  -1.770  1.00 51.13  ? 252 GLY A CA  1 
ATOM   1271 C C   . GLY A 1 187 ? 0.925   10.148  -2.071  1.00 53.86  ? 252 GLY A C   1 
ATOM   1272 O O   . GLY A 1 187 ? 0.033   9.886   -2.883  1.00 52.44  ? 252 GLY A O   1 
ATOM   1273 N N   . ALA A 1 188 ? 1.620   9.220   -1.397  1.00 48.72  ? 253 ALA A N   1 
ATOM   1274 C CA  . ALA A 1 188 ? 1.314   7.798   -1.417  1.00 48.13  ? 253 ALA A CA  1 
ATOM   1275 C C   . ALA A 1 188 ? -0.101  7.539   -0.896  1.00 47.41  ? 253 ALA A C   1 
ATOM   1276 O O   . ALA A 1 188 ? -0.878  6.872   -1.566  1.00 48.43  ? 253 ALA A O   1 
ATOM   1277 C CB  . ALA A 1 188 ? 2.358   7.049   -0.628  1.00 45.93  ? 253 ALA A CB  1 
ATOM   1278 N N   . HIS A 1 189 ? -0.414  8.078   0.292   1.00 47.79  ? 254 HIS A N   1 
ATOM   1279 C CA  . HIS A 1 189 ? -1.714  7.990   0.947   1.00 50.13  ? 254 HIS A CA  1 
ATOM   1280 C C   . HIS A 1 189 ? -2.858  8.484   0.058   1.00 51.33  ? 254 HIS A C   1 
ATOM   1281 O O   . HIS A 1 189 ? -3.846  7.781   -0.107  1.00 56.38  ? 254 HIS A O   1 
ATOM   1282 C CB  . HIS A 1 189 ? -1.684  8.690   2.319   1.00 52.16  ? 254 HIS A CB  1 
ATOM   1283 C CG  . HIS A 1 189 ? -0.822  8.022   3.340   1.00 55.90  ? 254 HIS A CG  1 
ATOM   1284 N ND1 . HIS A 1 189 ? -0.700  8.516   4.631   1.00 51.11  ? 254 HIS A ND1 1 
ATOM   1285 C CD2 . HIS A 1 189 ? -0.048  6.904   3.265   1.00 56.58  ? 254 HIS A CD2 1 
ATOM   1286 C CE1 . HIS A 1 189 ? 0.121   7.727   5.307   1.00 58.16  ? 254 HIS A CE1 1 
ATOM   1287 N NE2 . HIS A 1 189 ? 0.532   6.716   4.495   1.00 57.37  ? 254 HIS A NE2 1 
ATOM   1288 N N   . ILE A 1 190 ? -2.736  9.690   -0.505  1.00 54.50  ? 255 ILE A N   1 
ATOM   1289 C CA  . ILE A 1 190 ? -3.804  10.280  -1.303  1.00 54.47  ? 255 ILE A CA  1 
ATOM   1290 C C   . ILE A 1 190 ? -3.893  9.609   -2.675  1.00 54.27  ? 255 ILE A C   1 
ATOM   1291 O O   . ILE A 1 190 ? -4.982  9.458   -3.223  1.00 57.70  ? 255 ILE A O   1 
ATOM   1292 C CB  . ILE A 1 190 ? -3.642  11.810  -1.405  1.00 55.47  ? 255 ILE A CB  1 
ATOM   1293 C CG1 . ILE A 1 190 ? -3.688  12.441  -0.009  1.00 63.44  ? 255 ILE A CG1 1 
ATOM   1294 C CG2 . ILE A 1 190 ? -4.672  12.405  -2.354  1.00 53.48  ? 255 ILE A CG2 1 
ATOM   1295 C CD1 . ILE A 1 190 ? -3.555  13.957  0.030   1.00 70.82  ? 255 ILE A CD1 1 
ATOM   1296 N N   . ALA A 1 191 ? -2.754  9.197   -3.238  1.00 50.29  ? 256 ALA A N   1 
ATOM   1297 C CA  . ALA A 1 191 ? -2.798  8.599   -4.558  1.00 50.94  ? 256 ALA A CA  1 
ATOM   1298 C C   . ALA A 1 191 ? -3.376  7.184   -4.465  1.00 56.18  ? 256 ALA A C   1 
ATOM   1299 O O   . ALA A 1 191 ? -4.115  6.739   -5.347  1.00 50.06  ? 256 ALA A O   1 
ATOM   1300 C CB  . ALA A 1 191 ? -1.419  8.630   -5.163  1.00 44.29  ? 256 ALA A CB  1 
ATOM   1301 N N   . GLY A 1 192 ? -3.036  6.481   -3.376  1.00 57.56  ? 257 GLY A N   1 
ATOM   1302 C CA  . GLY A 1 192 ? -3.525  5.132   -3.147  1.00 55.69  ? 257 GLY A CA  1 
ATOM   1303 C C   . GLY A 1 192 ? -5.045  5.128   -3.014  1.00 58.72  ? 257 GLY A C   1 
ATOM   1304 O O   . GLY A 1 192 ? -5.736  4.442   -3.772  1.00 60.89  ? 257 GLY A O   1 
ATOM   1305 N N   . LEU A 1 193 ? -5.536  5.925   -2.054  1.00 48.89  ? 258 LEU A N   1 
ATOM   1306 C CA  . LEU A 1 193 ? -6.953  6.142   -1.832  1.00 40.66  ? 258 LEU A CA  1 
ATOM   1307 C C   . LEU A 1 193 ? -7.685  6.362   -3.150  1.00 38.74  ? 258 LEU A C   1 
ATOM   1308 O O   . LEU A 1 193 ? -8.739  5.767   -3.369  1.00 43.50  ? 258 LEU A O   1 
ATOM   1309 C CB  . LEU A 1 193 ? -7.154  7.334   -0.897  1.00 36.62  ? 258 LEU A CB  1 
ATOM   1310 C CG  . LEU A 1 193 ? -8.555  7.440   -0.296  1.00 36.09  ? 258 LEU A CG  1 
ATOM   1311 C CD1 . LEU A 1 193 ? -8.977  6.123   0.333   1.00 32.80  ? 258 LEU A CD1 1 
ATOM   1312 C CD2 . LEU A 1 193 ? -8.609  8.538   0.752   1.00 35.81  ? 258 LEU A CD2 1 
ATOM   1313 N N   . ALA A 1 194 ? -7.113  7.192   -4.023  1.00 39.18  ? 259 ALA A N   1 
ATOM   1314 C CA  . ALA A 1 194 ? -7.789  7.602   -5.252  1.00 42.00  ? 259 ALA A CA  1 
ATOM   1315 C C   . ALA A 1 194 ? -7.931  6.416   -6.203  1.00 42.83  ? 259 ALA A C   1 
ATOM   1316 O O   . ALA A 1 194 ? -8.996  6.175   -6.760  1.00 40.88  ? 259 ALA A O   1 
ATOM   1317 C CB  . ALA A 1 194 ? -7.041  8.741   -5.909  1.00 37.33  ? 259 ALA A CB  1 
ATOM   1318 N N   . VAL A 1 195 ? -6.829  5.675   -6.343  1.00 52.20  ? 260 VAL A N   1 
ATOM   1319 C CA  . VAL A 1 195 ? -6.707  4.495   -7.182  1.00 55.84  ? 260 VAL A CA  1 
ATOM   1320 C C   . VAL A 1 195 ? -7.772  3.461   -6.800  1.00 60.67  ? 260 VAL A C   1 
ATOM   1321 O O   . VAL A 1 195 ? -8.394  2.851   -7.676  1.00 60.07  ? 260 VAL A O   1 
ATOM   1322 C CB  . VAL A 1 195 ? -5.270  3.943   -7.075  1.00 53.44  ? 260 VAL A CB  1 
ATOM   1323 C CG1 . VAL A 1 195 ? -5.137  2.533   -7.610  1.00 52.01  ? 260 VAL A CG1 1 
ATOM   1324 C CG2 . VAL A 1 195 ? -4.287  4.858   -7.784  1.00 59.33  ? 260 VAL A CG2 1 
ATOM   1325 N N   . GLY A 1 196 ? -7.984  3.291   -5.485  1.00 59.14  ? 261 GLY A N   1 
ATOM   1326 C CA  . GLY A 1 196 ? -8.836  2.237   -4.963  1.00 59.17  ? 261 GLY A CA  1 
ATOM   1327 C C   . GLY A 1 196 ? -10.320 2.583   -5.078  1.00 58.96  ? 261 GLY A C   1 
ATOM   1328 O O   . GLY A 1 196 ? -11.172 1.698   -5.205  1.00 57.74  ? 261 GLY A O   1 
ATOM   1329 N N   . LEU A 1 197 ? -10.614 3.883   -4.985  1.00 52.90  ? 262 LEU A N   1 
ATOM   1330 C CA  . LEU A 1 197 ? -11.961 4.372   -5.215  1.00 46.12  ? 262 LEU A CA  1 
ATOM   1331 C C   . LEU A 1 197 ? -12.312 4.130   -6.685  1.00 45.35  ? 262 LEU A C   1 
ATOM   1332 O O   . LEU A 1 197 ? -13.356 3.550   -6.972  1.00 43.62  ? 262 LEU A O   1 
ATOM   1333 C CB  . LEU A 1 197 ? -12.041 5.855   -4.823  1.00 40.77  ? 262 LEU A CB  1 
ATOM   1334 C CG  . LEU A 1 197 ? -11.996 6.164   -3.324  1.00 37.97  ? 262 LEU A CG  1 
ATOM   1335 C CD1 . LEU A 1 197 ? -12.071 7.655   -3.049  1.00 35.86  ? 262 LEU A CD1 1 
ATOM   1336 C CD2 . LEU A 1 197 ? -13.113 5.476   -2.581  1.00 34.00  ? 262 LEU A CD2 1 
ATOM   1337 N N   . ALA A 1 198 ? -11.424 4.572   -7.595  1.00 48.08  ? 263 ALA A N   1 
ATOM   1338 C CA  . ALA A 1 198 ? -11.591 4.479   -9.043  1.00 46.08  ? 263 ALA A CA  1 
ATOM   1339 C C   . ALA A 1 198 ? -11.876 3.038   -9.453  1.00 44.02  ? 263 ALA A C   1 
ATOM   1340 O O   . ALA A 1 198 ? -12.862 2.788   -10.136 1.00 39.85  ? 263 ALA A O   1 
ATOM   1341 C CB  . ALA A 1 198 ? -10.391 5.043   -9.774  1.00 37.16  ? 263 ALA A CB  1 
ATOM   1342 N N   . MET A 1 199 ? -11.036 2.103   -8.988  1.00 50.41  ? 264 MET A N   1 
ATOM   1343 C CA  . MET A 1 199 ? -11.157 0.701   -9.364  1.00 55.70  ? 264 MET A CA  1 
ATOM   1344 C C   . MET A 1 199 ? -12.447 0.084   -8.822  1.00 52.87  ? 264 MET A C   1 
ATOM   1345 O O   . MET A 1 199 ? -13.121 -0.635  -9.550  1.00 52.29  ? 264 MET A O   1 
ATOM   1346 C CB  . MET A 1 199 ? -9.951  -0.110  -8.885  1.00 58.92  ? 264 MET A CB  1 
ATOM   1347 C CG  . MET A 1 199 ? -8.738  0.042   -9.783  1.00 65.55  ? 264 MET A CG  1 
ATOM   1348 S SD  . MET A 1 199 ? -7.298  -0.859  -9.142  1.00 68.17  ? 264 MET A SD  1 
ATOM   1349 C CE  . MET A 1 199 ? -7.650  -2.512  -9.743  1.00 70.25  ? 264 MET A CE  1 
ATOM   1350 N N   . ALA A 1 200 ? -12.787 0.384   -7.562  1.00 47.03  ? 265 ALA A N   1 
ATOM   1351 C CA  . ALA A 1 200 ? -14.031 -0.054  -6.952  1.00 48.03  ? 265 ALA A CA  1 
ATOM   1352 C C   . ALA A 1 200 ? -15.245 0.492   -7.701  1.00 49.68  ? 265 ALA A C   1 
ATOM   1353 O O   . ALA A 1 200 ? -16.261 -0.181  -7.790  1.00 50.67  ? 265 ALA A O   1 
ATOM   1354 C CB  . ALA A 1 200 ? -14.058 0.367   -5.506  1.00 52.90  ? 265 ALA A CB  1 
ATOM   1355 N N   . PHE A 1 201 ? -15.157 1.724   -8.200  1.00 52.59  ? 266 PHE A N   1 
ATOM   1356 C CA  . PHE A 1 201 ? -16.208 2.314   -9.016  1.00 55.53  ? 266 PHE A CA  1 
ATOM   1357 C C   . PHE A 1 201 ? -16.382 1.560   -10.339 1.00 54.08  ? 266 PHE A C   1 
ATOM   1358 O O   . PHE A 1 201 ? -17.487 1.130   -10.656 1.00 57.15  ? 266 PHE A O   1 
ATOM   1359 C CB  . PHE A 1 201 ? -15.966 3.821   -9.168  1.00 57.47  ? 266 PHE A CB  1 
ATOM   1360 C CG  . PHE A 1 201 ? -16.982 4.539   -10.015 1.00 51.87  ? 266 PHE A CG  1 
ATOM   1361 C CD1 . PHE A 1 201 ? -18.154 5.026   -9.453  1.00 50.43  ? 266 PHE A CD1 1 
ATOM   1362 C CD2 . PHE A 1 201 ? -16.768 4.714   -11.373 1.00 51.55  ? 266 PHE A CD2 1 
ATOM   1363 C CE1 . PHE A 1 201 ? -19.088 5.683   -10.236 1.00 52.60  ? 266 PHE A CE1 1 
ATOM   1364 C CE2 . PHE A 1 201 ? -17.714 5.351   -12.160 1.00 52.68  ? 266 PHE A CE2 1 
ATOM   1365 C CZ  . PHE A 1 201 ? -18.870 5.837   -11.590 1.00 54.18  ? 266 PHE A CZ  1 
ATOM   1366 N N   . VAL A 1 202 ? -15.291 1.392   -11.098 1.00 52.03  ? 267 VAL A N   1 
ATOM   1367 C CA  . VAL A 1 202 ? -15.278 0.638   -12.349 1.00 57.74  ? 267 VAL A CA  1 
ATOM   1368 C C   . VAL A 1 202 ? -15.851 -0.777  -12.164 1.00 60.85  ? 267 VAL A C   1 
ATOM   1369 O O   . VAL A 1 202 ? -16.577 -1.268  -13.026 1.00 62.31  ? 267 VAL A O   1 
ATOM   1370 C CB  . VAL A 1 202 ? -13.851 0.577   -12.933 1.00 55.51  ? 267 VAL A CB  1 
ATOM   1371 C CG1 . VAL A 1 202 ? -13.771 -0.269  -14.198 1.00 53.73  ? 267 VAL A CG1 1 
ATOM   1372 C CG2 . VAL A 1 202 ? -13.266 1.957   -13.175 1.00 51.90  ? 267 VAL A CG2 1 
ATOM   1373 N N   . ASP A 1 203 ? -15.498 -1.436  -11.048 1.00 57.84  ? 268 ASP A N   1 
ATOM   1374 C CA  . ASP A 1 203 ? -15.853 -2.820  -10.761 1.00 54.53  ? 268 ASP A CA  1 
ATOM   1375 C C   . ASP A 1 203 ? -17.308 -2.913  -10.301 1.00 57.53  ? 268 ASP A C   1 
ATOM   1376 O O   . ASP A 1 203 ? -17.878 -3.998  -10.302 1.00 61.61  ? 268 ASP A O   1 
ATOM   1377 C CB  . ASP A 1 203 ? -14.953 -3.427  -9.675  1.00 51.03  ? 268 ASP A CB  1 
ATOM   1378 C CG  . ASP A 1 203 ? -13.552 -3.800  -10.151 1.00 57.86  ? 268 ASP A CG  1 
ATOM   1379 O OD1 . ASP A 1 203 ? -13.270 -3.622  -11.365 1.00 62.21  ? 268 ASP A OD1 1 
ATOM   1380 O OD2 . ASP A 1 203 ? -12.742 -4.263  -9.305  1.00 49.47  ? 268 ASP A OD2 1 
ATOM   1381 N N   . SER A 1 204 ? -17.881 -1.780  -9.873  1.00 55.84  ? 269 SER A N   1 
ATOM   1382 C CA  . SER A 1 204 ? -19.265 -1.668  -9.451  1.00 55.75  ? 269 SER A CA  1 
ATOM   1383 C C   . SER A 1 204 ? -20.100 -1.095  -10.592 1.00 63.84  ? 269 SER A C   1 
ATOM   1384 O O   . SER A 1 204 ? -21.120 -0.453  -10.368 1.00 74.05  ? 269 SER A O   1 
ATOM   1385 C CB  . SER A 1 204 ? -19.356 -0.791  -8.239  1.00 55.97  ? 269 SER A CB  1 
ATOM   1386 O OG  . SER A 1 204 ? -18.818 -1.433  -7.102  1.00 61.42  ? 269 SER A OG  1 
ATOM   1387 N N   . LEU A 1 205 ? -19.626 -1.290  -11.820 1.00 73.57  ? 270 LEU A N   1 
ATOM   1388 C CA  . LEU A 1 205 ? -20.451 -1.121  -13.004 1.00 83.32  ? 270 LEU A CA  1 
ATOM   1389 C C   . LEU A 1 205 ? -20.588 -2.493  -13.658 1.00 100.24 ? 270 LEU A C   1 
ATOM   1390 O O   . LEU A 1 205 ? -21.701 -2.933  -13.957 1.00 106.50 ? 270 LEU A O   1 
ATOM   1391 C CB  . LEU A 1 205 ? -19.768 -0.143  -13.966 1.00 73.95  ? 270 LEU A CB  1 
ATOM   1392 C CG  . LEU A 1 205 ? -19.675 1.302   -13.492 1.00 67.97  ? 270 LEU A CG  1 
ATOM   1393 C CD1 . LEU A 1 205 ? -18.572 2.023   -14.244 1.00 65.94  ? 270 LEU A CD1 1 
ATOM   1394 C CD2 . LEU A 1 205 ? -21.010 2.018   -13.646 1.00 59.47  ? 270 LEU A CD2 1 
ATOM   1395 N N   . ASN A 1 206 ? -19.426 -3.147  -13.830 1.00 104.90 ? 271 ASN A N   1 
ATOM   1396 C CA  . ASN A 1 206 ? -19.252 -4.461  -14.430 1.00 109.20 ? 271 ASN A CA  1 
ATOM   1397 C C   . ASN A 1 206 ? -19.958 -5.560  -13.626 1.00 118.00 ? 271 ASN A C   1 
ATOM   1398 O O   . ASN A 1 206 ? -20.077 -6.680  -14.123 1.00 124.57 ? 271 ASN A O   1 
ATOM   1399 C CB  . ASN A 1 206 ? -17.765 -4.776  -14.647 1.00 98.92  ? 271 ASN A CB  1 
ATOM   1400 C CG  . ASN A 1 206 ? -17.160 -4.035  -15.822 1.00 85.64  ? 271 ASN A CG  1 
ATOM   1401 O OD1 . ASN A 1 206 ? -17.868 -3.669  -16.751 1.00 83.45  ? 271 ASN A OD1 1 
ATOM   1402 N ND2 . ASN A 1 206 ? -15.860 -3.806  -15.796 1.00 78.46  ? 271 ASN A ND2 1 
ATOM   1403 N N   . ALA A 1 207 ? -20.428 -5.240  -12.405 1.00 112.49 ? 272 ALA A N   1 
ATOM   1404 C CA  . ALA A 1 207 ? -21.003 -6.205  -11.474 1.00 105.74 ? 272 ALA A CA  1 
ATOM   1405 C C   . ALA A 1 207 ? -22.471 -6.511  -11.818 1.00 100.60 ? 272 ALA A C   1 
ATOM   1406 O O   . ALA A 1 207 ? -23.229 -5.623  -12.217 1.00 116.22 ? 272 ALA A O   1 
ATOM   1407 C CB  . ALA A 1 207 ? -20.857 -5.703  -10.059 1.00 83.54  ? 272 ALA A CB  1 
ATOM   1408 N N   . VAL B 2 1   ? 13.478  10.454  5.332   1.00 68.43  ? 500 VAL B N   1 
ATOM   1409 C CA  . VAL B 2 1   ? 12.633  9.539   4.510   1.00 68.32  ? 500 VAL B CA  1 
ATOM   1410 C C   . VAL B 2 1   ? 11.223  9.496   5.094   1.00 72.08  ? 500 VAL B C   1 
ATOM   1411 O O   . VAL B 2 1   ? 11.050  9.695   6.299   1.00 73.05  ? 500 VAL B O   1 
ATOM   1412 C CB  . VAL B 2 1   ? 13.242  8.129   4.445   1.00 67.61  ? 500 VAL B CB  1 
ATOM   1413 C CG1 . VAL B 2 1   ? 14.723  8.177   4.090   1.00 69.30  ? 500 VAL B CG1 1 
ATOM   1414 C CG2 . VAL B 2 1   ? 13.014  7.361   5.736   1.00 66.65  ? 500 VAL B CG2 1 
ATOM   1415 N N   . ARG B 2 2   ? 10.260  9.247   4.272   1.00 74.50  ? 501 ARG B N   1 
ATOM   1416 C CA  . ARG B 2 2   ? 8.859   9.255   4.617   1.00 66.48  ? 501 ARG B CA  1 
ATOM   1417 C C   . ARG B 2 2   ? 8.291   7.827   4.491   1.00 56.45  ? 501 ARG B C   1 
ATOM   1418 O O   . ARG B 2 2   ? 8.577   7.185   3.501   1.00 46.53  ? 501 ARG B O   1 
ATOM   1419 C CB  . ARG B 2 2   ? 8.068   10.269  3.841   1.00 66.25  ? 501 ARG B CB  1 
ATOM   1420 C CG  . ARG B 2 2   ? 8.503   11.731  3.950   1.00 59.02  ? 501 ARG B CG  1 
ATOM   1421 C CD  . ARG B 2 2   ? 7.716   12.575  3.005   1.00 65.66  ? 501 ARG B CD  1 
ATOM   1422 N NE  . ARG B 2 2   ? 7.834   13.998  3.082   1.00 66.18  ? 501 ARG B NE  1 
ATOM   1423 C CZ  . ARG B 2 2   ? 7.228   14.840  3.888   1.00 67.04  ? 501 ARG B CZ  1 
ATOM   1424 N NH1 . ARG B 2 2   ? 6.387   14.410  4.787   1.00 66.21  ? 501 ARG B NH1 1 
ATOM   1425 N NH2 . ARG B 2 2   ? 7.431   16.151  3.812   1.00 68.99  ? 501 ARG B NH2 1 
ATOM   1426 N N   . MET B 2 3   ? 7.613   7.487   5.558   1.00 57.64  ? 502 MET B N   1 
ATOM   1427 C CA  . MET B 2 3   ? 6.905   6.281   5.822   1.00 64.18  ? 502 MET B CA  1 
ATOM   1428 C C   . MET B 2 3   ? 5.469   6.414   5.233   1.00 63.51  ? 502 MET B C   1 
ATOM   1429 O O   . MET B 2 3   ? 4.872   7.441   5.395   1.00 79.00  ? 502 MET B O   1 
ATOM   1430 C CB  . MET B 2 3   ? 6.737   5.851   7.236   1.00 62.27  ? 502 MET B CB  1 
ATOM   1431 C CG  . MET B 2 3   ? 7.740   6.231   8.279   1.00 68.24  ? 502 MET B CG  1 
ATOM   1432 S SD  . MET B 2 3   ? 6.931   6.279   9.892   1.00 81.68  ? 502 MET B SD  1 
ATOM   1433 C CE  . MET B 2 3   ? 6.445   4.589   10.055  1.00 73.97  ? 502 MET B CE  1 
ATOM   1434 N N   . ALA B 2 4   ? 4.986   5.208   4.555   1.00 59.32  ? 503 ALA B N   1 
ATOM   1435 C CA  . ALA B 2 4   ? 3.668   4.859   4.021   1.00 60.44  ? 503 ALA B CA  1 
ATOM   1436 C C   . ALA B 2 4   ? 3.060   3.888   4.977   1.00 59.49  ? 503 ALA B C   1 
ATOM   1437 O O   . ALA B 2 4   ? 3.703   2.593   5.169   1.00 54.50  ? 503 ALA B O   1 
ATOM   1438 C CB  . ALA B 2 4   ? 3.817   4.371   2.607   1.00 56.18  ? 503 ALA B CB  1 
ATOM   1439 N N   . ALA B 2 5   ? 3.077   4.051   6.373   1.00 116.36 ? 504 ALA B N   1 
ATOM   1440 C CA  . ALA B 2 5   ? 2.882   5.079   7.412   1.00 139.26 ? 504 ALA B CA  1 
ATOM   1441 C C   . ALA B 2 5   ? 2.461   4.369   8.728   1.00 127.74 ? 504 ALA B C   1 
ATOM   1442 O O   . ALA B 2 5   ? 1.986   3.260   8.607   1.00 138.08 ? 504 ALA B O   1 
ATOM   1443 C CB  . ALA B 2 5   ? 1.640   5.913   6.991   1.00 128.17 ? 504 ALA B CB  1 
HETATM 1444 O O   . HOH C 3 .   ? 13.808  -1.210  8.383   1.00 59.34  ? 301 HOH A O   1 
HETATM 1445 O O   . HOH C 3 .   ? -14.208 -4.319  -13.516 1.00 65.97  ? 302 HOH A O   1 
HETATM 1446 O O   . HOH C 3 .   ? 2.819   0.794   -0.427  1.00 81.81  ? 303 HOH A O   1 
HETATM 1447 O O   . HOH C 3 .   ? 8.943   10.999  -0.556  1.00 49.05  ? 304 HOH A O   1 
HETATM 1448 O O   . HOH C 3 .   ? 11.192  4.367   -3.082  1.00 25.64  ? 305 HOH A O   1 
HETATM 1449 O O   . HOH C 3 .   ? -17.858 -0.591  2.931   1.00 51.01  ? 306 HOH A O   1 
HETATM 1450 O O   . HOH C 3 .   ? 5.848   3.072   -0.818  1.00 32.59  ? 307 HOH A O   1 
HETATM 1451 O O   . HOH C 3 .   ? 3.350   2.936   -1.875  1.00 56.52  ? 308 HOH A O   1 
HETATM 1452 O O   . HOH C 3 .   ? -9.446  -12.553 -8.720  1.00 40.36  ? 309 HOH A O   1 
HETATM 1453 O O   . HOH C 3 .   ? 4.484   14.152  0.725   1.00 24.49  ? 310 HOH A O   1 
# 
